data_7BZE
# 
_entry.id   7BZE 
# 
_audit_conform.dict_name       mmcif_pdbx.dic 
_audit_conform.dict_version    5.380 
_audit_conform.dict_location   http://mmcif.pdb.org/dictionaries/ascii/mmcif_pdbx.dic 
# 
loop_
_database_2.database_id 
_database_2.database_code 
_database_2.pdbx_database_accession 
_database_2.pdbx_DOI 
PDB   7BZE         pdb_00007bze 10.2210/pdb7bze/pdb 
WWPDB D_1300016771 ?            ?                   
# 
_pdbx_database_related.db_name        PDB 
_pdbx_database_related.details        'wild type of the same protein' 
_pdbx_database_related.db_id          7BZD 
_pdbx_database_related.content_type   unspecified 
# 
_pdbx_database_status.status_code                     REL 
_pdbx_database_status.status_code_sf                  REL 
_pdbx_database_status.status_code_mr                  ? 
_pdbx_database_status.entry_id                        7BZE 
_pdbx_database_status.recvd_initial_deposition_date   2020-04-27 
_pdbx_database_status.SG_entry                        N 
_pdbx_database_status.deposit_site                    PDBJ 
_pdbx_database_status.process_site                    PDBJ 
_pdbx_database_status.status_code_cs                  ? 
_pdbx_database_status.status_code_nmr_data            ? 
_pdbx_database_status.methods_development_category    ? 
_pdbx_database_status.pdb_format_compatible           Y 
# 
loop_
_audit_author.name 
_audit_author.pdbx_ordinal 
_audit_author.identifier_ORCID 
'Zhu, R.'    1 ? 
'Chen, P.R.' 2 ? 
# 
_citation.abstract                  ? 
_citation.abstract_id_CAS           ? 
_citation.book_id_ISBN              ? 
_citation.book_publisher            ? 
_citation.book_publisher_city       ? 
_citation.book_title                ? 
_citation.coordinate_linkage        ? 
_citation.country                   UK 
_citation.database_id_Medline       ? 
_citation.details                   ? 
_citation.id                        primary 
_citation.journal_abbrev            'Nat Commun' 
_citation.journal_id_ASTM           ? 
_citation.journal_id_CSD            ? 
_citation.journal_id_ISSN           2041-1723 
_citation.journal_full              ? 
_citation.journal_issue             ? 
_citation.journal_volume            12 
_citation.language                  ? 
_citation.page_first                581 
_citation.page_last                 581 
_citation.title                     
'Genetically encoded formaldehyde sensors inspired by a protein intra-helical crosslinking reaction.' 
_citation.year                      2021 
_citation.database_id_CSD           ? 
_citation.pdbx_database_id_DOI      10.1038/s41467-020-20754-4 
_citation.pdbx_database_id_PubMed   33495458 
_citation.unpublished_flag          ? 
# 
loop_
_citation_author.citation_id 
_citation_author.name 
_citation_author.ordinal 
_citation_author.identifier_ORCID 
primary 'Zhu, R.'    1 ?                   
primary 'Zhang, G.'  2 ?                   
primary 'Jing, M.'   3 ?                   
primary 'Han, Y.'    4 ?                   
primary 'Li, J.'     5 ?                   
primary 'Zhao, J.'   6 0000-0002-3125-2716 
primary 'Li, Y.'     7 0000-0002-9166-9919 
primary 'Chen, P.R.' 8 0000-0002-0402-7417 
# 
_cell.angle_alpha                  90.00 
_cell.angle_alpha_esd              ? 
_cell.angle_beta                   90.00 
_cell.angle_beta_esd               ? 
_cell.angle_gamma                  90.00 
_cell.angle_gamma_esd              ? 
_cell.entry_id                     7BZE 
_cell.details                      ? 
_cell.formula_units_Z              ? 
_cell.length_a                     60.797 
_cell.length_a_esd                 ? 
_cell.length_b                     70.073 
_cell.length_b_esd                 ? 
_cell.length_c                     28.293 
_cell.length_c_esd                 ? 
_cell.volume                       ? 
_cell.volume_esd                   ? 
_cell.Z_PDB                        4 
_cell.reciprocal_angle_alpha       ? 
_cell.reciprocal_angle_beta        ? 
_cell.reciprocal_angle_gamma       ? 
_cell.reciprocal_angle_alpha_esd   ? 
_cell.reciprocal_angle_beta_esd    ? 
_cell.reciprocal_angle_gamma_esd   ? 
_cell.reciprocal_length_a          ? 
_cell.reciprocal_length_b          ? 
_cell.reciprocal_length_c          ? 
_cell.reciprocal_length_a_esd      ? 
_cell.reciprocal_length_b_esd      ? 
_cell.reciprocal_length_c_esd      ? 
_cell.pdbx_unique_axis             ? 
# 
_symmetry.entry_id                         7BZE 
_symmetry.cell_setting                     ? 
_symmetry.Int_Tables_number                18 
_symmetry.space_group_name_Hall            ? 
_symmetry.space_group_name_H-M             'P 21 21 2' 
_symmetry.pdbx_full_space_group_name_H-M   ? 
# 
loop_
_entity.id 
_entity.type 
_entity.src_method 
_entity.pdbx_description 
_entity.formula_weight 
_entity.pdbx_number_of_molecules 
_entity.pdbx_ec 
_entity.pdbx_mutation 
_entity.pdbx_fragment 
_entity.details 
1 polymer     man 'HTH-type transcriptional activator HxlR' 14347.813 1  ? K13A ? ? 
2 non-polymer nat 'DI(HYDROXYETHYL)ETHER'                   106.120   2  ? ?    ? ? 
3 water       nat water                                     18.015    64 ? ?    ? ? 
# 
_entity_poly.entity_id                      1 
_entity_poly.type                           'polypeptide(L)' 
_entity_poly.nstd_linkage                   no 
_entity_poly.nstd_monomer                   no 
_entity_poly.pdbx_seq_one_letter_code       
;GSHMSRMDDKRFNCEAELTLAVIGGKWKMLILWHLGKEGTKRFNELKTLIPDITQKILVNQLRELEQDMIVHREVYPVVP
PKVEYSLTPHGESLMPILEAMYEWGKGYMELIDIDKNVMKESL
;
_entity_poly.pdbx_seq_one_letter_code_can   
;GSHMSRMDDKRFNCEAELTLAVIGGKWKMLILWHLGKEGTKRFNELKTLIPDITQKILVNQLRELEQDMIVHREVYPVVP
PKVEYSLTPHGESLMPILEAMYEWGKGYMELIDIDKNVMKESL
;
_entity_poly.pdbx_strand_id                 A 
_entity_poly.pdbx_target_identifier         ? 
# 
loop_
_entity_poly_seq.entity_id 
_entity_poly_seq.num 
_entity_poly_seq.mon_id 
_entity_poly_seq.hetero 
1 1   GLY n 
1 2   SER n 
1 3   HIS n 
1 4   MET n 
1 5   SER n 
1 6   ARG n 
1 7   MET n 
1 8   ASP n 
1 9   ASP n 
1 10  LYS n 
1 11  ARG n 
1 12  PHE n 
1 13  ASN n 
1 14  CYS n 
1 15  GLU n 
1 16  ALA n 
1 17  GLU n 
1 18  LEU n 
1 19  THR n 
1 20  LEU n 
1 21  ALA n 
1 22  VAL n 
1 23  ILE n 
1 24  GLY n 
1 25  GLY n 
1 26  LYS n 
1 27  TRP n 
1 28  LYS n 
1 29  MET n 
1 30  LEU n 
1 31  ILE n 
1 32  LEU n 
1 33  TRP n 
1 34  HIS n 
1 35  LEU n 
1 36  GLY n 
1 37  LYS n 
1 38  GLU n 
1 39  GLY n 
1 40  THR n 
1 41  LYS n 
1 42  ARG n 
1 43  PHE n 
1 44  ASN n 
1 45  GLU n 
1 46  LEU n 
1 47  LYS n 
1 48  THR n 
1 49  LEU n 
1 50  ILE n 
1 51  PRO n 
1 52  ASP n 
1 53  ILE n 
1 54  THR n 
1 55  GLN n 
1 56  LYS n 
1 57  ILE n 
1 58  LEU n 
1 59  VAL n 
1 60  ASN n 
1 61  GLN n 
1 62  LEU n 
1 63  ARG n 
1 64  GLU n 
1 65  LEU n 
1 66  GLU n 
1 67  GLN n 
1 68  ASP n 
1 69  MET n 
1 70  ILE n 
1 71  VAL n 
1 72  HIS n 
1 73  ARG n 
1 74  GLU n 
1 75  VAL n 
1 76  TYR n 
1 77  PRO n 
1 78  VAL n 
1 79  VAL n 
1 80  PRO n 
1 81  PRO n 
1 82  LYS n 
1 83  VAL n 
1 84  GLU n 
1 85  TYR n 
1 86  SER n 
1 87  LEU n 
1 88  THR n 
1 89  PRO n 
1 90  HIS n 
1 91  GLY n 
1 92  GLU n 
1 93  SER n 
1 94  LEU n 
1 95  MET n 
1 96  PRO n 
1 97  ILE n 
1 98  LEU n 
1 99  GLU n 
1 100 ALA n 
1 101 MET n 
1 102 TYR n 
1 103 GLU n 
1 104 TRP n 
1 105 GLY n 
1 106 LYS n 
1 107 GLY n 
1 108 TYR n 
1 109 MET n 
1 110 GLU n 
1 111 LEU n 
1 112 ILE n 
1 113 ASP n 
1 114 ILE n 
1 115 ASP n 
1 116 LYS n 
1 117 ASN n 
1 118 VAL n 
1 119 MET n 
1 120 LYS n 
1 121 GLU n 
1 122 SER n 
1 123 LEU n 
# 
_entity_src_gen.entity_id                          1 
_entity_src_gen.pdbx_src_id                        1 
_entity_src_gen.pdbx_alt_source_flag               sample 
_entity_src_gen.pdbx_seq_type                      'Biological sequence' 
_entity_src_gen.pdbx_beg_seq_num                   1 
_entity_src_gen.pdbx_end_seq_num                   123 
_entity_src_gen.gene_src_common_name               ? 
_entity_src_gen.gene_src_genus                     ? 
_entity_src_gen.pdbx_gene_src_gene                 'hxlR, BSU03470' 
_entity_src_gen.gene_src_species                   ? 
_entity_src_gen.gene_src_strain                    168 
_entity_src_gen.gene_src_tissue                    ? 
_entity_src_gen.gene_src_tissue_fraction           ? 
_entity_src_gen.gene_src_details                   ? 
_entity_src_gen.pdbx_gene_src_fragment             ? 
_entity_src_gen.pdbx_gene_src_scientific_name      'Bacillus subtilis (strain 168)' 
_entity_src_gen.pdbx_gene_src_ncbi_taxonomy_id     224308 
_entity_src_gen.pdbx_gene_src_variant              ? 
_entity_src_gen.pdbx_gene_src_cell_line            ? 
_entity_src_gen.pdbx_gene_src_atcc                 ? 
_entity_src_gen.pdbx_gene_src_organ                ? 
_entity_src_gen.pdbx_gene_src_organelle            ? 
_entity_src_gen.pdbx_gene_src_cell                 ? 
_entity_src_gen.pdbx_gene_src_cellular_location    ? 
_entity_src_gen.host_org_common_name               ? 
_entity_src_gen.pdbx_host_org_scientific_name      'Escherichia coli BL21(DE3)' 
_entity_src_gen.pdbx_host_org_ncbi_taxonomy_id     469008 
_entity_src_gen.host_org_genus                     ? 
_entity_src_gen.pdbx_host_org_gene                 ? 
_entity_src_gen.pdbx_host_org_organ                ? 
_entity_src_gen.host_org_species                   ? 
_entity_src_gen.pdbx_host_org_tissue               ? 
_entity_src_gen.pdbx_host_org_tissue_fraction      ? 
_entity_src_gen.pdbx_host_org_strain               ? 
_entity_src_gen.pdbx_host_org_variant              ? 
_entity_src_gen.pdbx_host_org_cell_line            ? 
_entity_src_gen.pdbx_host_org_atcc                 ? 
_entity_src_gen.pdbx_host_org_culture_collection   ? 
_entity_src_gen.pdbx_host_org_cell                 ? 
_entity_src_gen.pdbx_host_org_organelle            ? 
_entity_src_gen.pdbx_host_org_cellular_location    ? 
_entity_src_gen.pdbx_host_org_vector_type          ? 
_entity_src_gen.pdbx_host_org_vector               ? 
_entity_src_gen.host_org_details                   ? 
_entity_src_gen.expression_system_id               ? 
_entity_src_gen.plasmid_name                       ? 
_entity_src_gen.plasmid_details                    ? 
_entity_src_gen.pdbx_description                   ? 
# 
_struct_ref.id                         1 
_struct_ref.db_name                    UNP 
_struct_ref.db_code                    HXLR_BACSU 
_struct_ref.pdbx_db_accession          P42406 
_struct_ref.pdbx_db_isoform            ? 
_struct_ref.entity_id                  1 
_struct_ref.pdbx_seq_one_letter_code   
;MSRMDDKRFNCEKELTLAVIGGKWKMLILWHLGKEGTKRFNELKTLIPDITQKILVNQLRELEQDMIVHREVYPVVPPKV
EYSLTPHGESLMPILEAMYEWGKGYMELIDIDKNVMKESL
;
_struct_ref.pdbx_align_begin           1 
# 
_struct_ref_seq.align_id                      1 
_struct_ref_seq.ref_id                        1 
_struct_ref_seq.pdbx_PDB_id_code              7BZE 
_struct_ref_seq.pdbx_strand_id                A 
_struct_ref_seq.seq_align_beg                 4 
_struct_ref_seq.pdbx_seq_align_beg_ins_code   ? 
_struct_ref_seq.seq_align_end                 123 
_struct_ref_seq.pdbx_seq_align_end_ins_code   ? 
_struct_ref_seq.pdbx_db_accession             P42406 
_struct_ref_seq.db_align_beg                  1 
_struct_ref_seq.pdbx_db_align_beg_ins_code    ? 
_struct_ref_seq.db_align_end                  120 
_struct_ref_seq.pdbx_db_align_end_ins_code    ? 
_struct_ref_seq.pdbx_auth_seq_align_beg       1 
_struct_ref_seq.pdbx_auth_seq_align_end       120 
# 
loop_
_struct_ref_seq_dif.align_id 
_struct_ref_seq_dif.pdbx_pdb_id_code 
_struct_ref_seq_dif.mon_id 
_struct_ref_seq_dif.pdbx_pdb_strand_id 
_struct_ref_seq_dif.seq_num 
_struct_ref_seq_dif.pdbx_pdb_ins_code 
_struct_ref_seq_dif.pdbx_seq_db_name 
_struct_ref_seq_dif.pdbx_seq_db_accession_code 
_struct_ref_seq_dif.db_mon_id 
_struct_ref_seq_dif.pdbx_seq_db_seq_num 
_struct_ref_seq_dif.details 
_struct_ref_seq_dif.pdbx_auth_seq_num 
_struct_ref_seq_dif.pdbx_ordinal 
1 7BZE GLY A 1  ? UNP P42406 ?   ?  'expression tag'      -2 1 
1 7BZE SER A 2  ? UNP P42406 ?   ?  'expression tag'      -1 2 
1 7BZE HIS A 3  ? UNP P42406 ?   ?  'expression tag'      0  3 
1 7BZE ALA A 16 ? UNP P42406 LYS 13 'engineered mutation' 13 4 
# 
loop_
_chem_comp.id 
_chem_comp.type 
_chem_comp.mon_nstd_flag 
_chem_comp.name 
_chem_comp.pdbx_synonyms 
_chem_comp.formula 
_chem_comp.formula_weight 
ALA 'L-peptide linking' y ALANINE                 ? 'C3 H7 N O2'     89.093  
ARG 'L-peptide linking' y ARGININE                ? 'C6 H15 N4 O2 1' 175.209 
ASN 'L-peptide linking' y ASPARAGINE              ? 'C4 H8 N2 O3'    132.118 
ASP 'L-peptide linking' y 'ASPARTIC ACID'         ? 'C4 H7 N O4'     133.103 
CYS 'L-peptide linking' y CYSTEINE                ? 'C3 H7 N O2 S'   121.158 
GLN 'L-peptide linking' y GLUTAMINE               ? 'C5 H10 N2 O3'   146.144 
GLU 'L-peptide linking' y 'GLUTAMIC ACID'         ? 'C5 H9 N O4'     147.129 
GLY 'peptide linking'   y GLYCINE                 ? 'C2 H5 N O2'     75.067  
HIS 'L-peptide linking' y HISTIDINE               ? 'C6 H10 N3 O2 1' 156.162 
HOH non-polymer         . WATER                   ? 'H2 O'           18.015  
ILE 'L-peptide linking' y ISOLEUCINE              ? 'C6 H13 N O2'    131.173 
LEU 'L-peptide linking' y LEUCINE                 ? 'C6 H13 N O2'    131.173 
LYS 'L-peptide linking' y LYSINE                  ? 'C6 H15 N2 O2 1' 147.195 
MET 'L-peptide linking' y METHIONINE              ? 'C5 H11 N O2 S'  149.211 
PEG non-polymer         . 'DI(HYDROXYETHYL)ETHER' ? 'C4 H10 O3'      106.120 
PHE 'L-peptide linking' y PHENYLALANINE           ? 'C9 H11 N O2'    165.189 
PRO 'L-peptide linking' y PROLINE                 ? 'C5 H9 N O2'     115.130 
SER 'L-peptide linking' y SERINE                  ? 'C3 H7 N O3'     105.093 
THR 'L-peptide linking' y THREONINE               ? 'C4 H9 N O3'     119.119 
TRP 'L-peptide linking' y TRYPTOPHAN              ? 'C11 H12 N2 O2'  204.225 
TYR 'L-peptide linking' y TYROSINE                ? 'C9 H11 N O3'    181.189 
VAL 'L-peptide linking' y VALINE                  ? 'C5 H11 N O2'    117.146 
# 
_exptl.absorpt_coefficient_mu     ? 
_exptl.absorpt_correction_T_max   ? 
_exptl.absorpt_correction_T_min   ? 
_exptl.absorpt_correction_type    ? 
_exptl.absorpt_process_details    ? 
_exptl.entry_id                   7BZE 
_exptl.crystals_number            1 
_exptl.details                    ? 
_exptl.method                     'X-RAY DIFFRACTION' 
_exptl.method_details             ? 
# 
_exptl_crystal.colour                      ? 
_exptl_crystal.density_diffrn              ? 
_exptl_crystal.density_Matthews            2.10 
_exptl_crystal.density_method              ? 
_exptl_crystal.density_percent_sol         41.43 
_exptl_crystal.description                 ? 
_exptl_crystal.F_000                       ? 
_exptl_crystal.id                          1 
_exptl_crystal.preparation                 ? 
_exptl_crystal.size_max                    ? 
_exptl_crystal.size_mid                    ? 
_exptl_crystal.size_min                    ? 
_exptl_crystal.size_rad                    ? 
_exptl_crystal.colour_lustre               ? 
_exptl_crystal.colour_modifier             ? 
_exptl_crystal.colour_primary              ? 
_exptl_crystal.density_meas                ? 
_exptl_crystal.density_meas_esd            ? 
_exptl_crystal.density_meas_gt             ? 
_exptl_crystal.density_meas_lt             ? 
_exptl_crystal.density_meas_temp           ? 
_exptl_crystal.density_meas_temp_esd       ? 
_exptl_crystal.density_meas_temp_gt        ? 
_exptl_crystal.density_meas_temp_lt        ? 
_exptl_crystal.pdbx_crystal_image_url      ? 
_exptl_crystal.pdbx_crystal_image_format   ? 
_exptl_crystal.pdbx_mosaicity              ? 
_exptl_crystal.pdbx_mosaicity_esd          ? 
# 
_exptl_crystal_grow.apparatus       ? 
_exptl_crystal_grow.atmosphere      ? 
_exptl_crystal_grow.crystal_id      1 
_exptl_crystal_grow.details         ? 
_exptl_crystal_grow.method          'VAPOR DIFFUSION, SITTING DROP' 
_exptl_crystal_grow.method_ref      ? 
_exptl_crystal_grow.pH              ? 
_exptl_crystal_grow.pressure        ? 
_exptl_crystal_grow.pressure_esd    ? 
_exptl_crystal_grow.seeding         ? 
_exptl_crystal_grow.seeding_ref     ? 
_exptl_crystal_grow.temp            293 
_exptl_crystal_grow.temp_details    ? 
_exptl_crystal_grow.temp_esd        ? 
_exptl_crystal_grow.time            ? 
_exptl_crystal_grow.pdbx_details    '0.2 M DL-Malic acid pH 7.0, 20% w/v PEG 3350' 
_exptl_crystal_grow.pdbx_pH_range   ? 
# 
_diffrn.ambient_environment              ? 
_diffrn.ambient_temp                     100 
_diffrn.ambient_temp_details             ? 
_diffrn.ambient_temp_esd                 ? 
_diffrn.crystal_id                       1 
_diffrn.crystal_support                  ? 
_diffrn.crystal_treatment                ? 
_diffrn.details                          ? 
_diffrn.id                               1 
_diffrn.ambient_pressure                 ? 
_diffrn.ambient_pressure_esd             ? 
_diffrn.ambient_pressure_gt              ? 
_diffrn.ambient_pressure_lt              ? 
_diffrn.ambient_temp_gt                  ? 
_diffrn.ambient_temp_lt                  ? 
_diffrn.pdbx_serial_crystal_experiment   N 
# 
_diffrn_detector.details                      ? 
_diffrn_detector.detector                     PIXEL 
_diffrn_detector.diffrn_id                    1 
_diffrn_detector.type                         'DECTRIS PILATUS3 6M' 
_diffrn_detector.area_resol_mean              ? 
_diffrn_detector.dtime                        ? 
_diffrn_detector.pdbx_frames_total            ? 
_diffrn_detector.pdbx_collection_time_total   ? 
_diffrn_detector.pdbx_collection_date         2015-04-19 
_diffrn_detector.pdbx_frequency               ? 
# 
_diffrn_radiation.collimation                      ? 
_diffrn_radiation.diffrn_id                        1 
_diffrn_radiation.filter_edge                      ? 
_diffrn_radiation.inhomogeneity                    ? 
_diffrn_radiation.monochromator                    ? 
_diffrn_radiation.polarisn_norm                    ? 
_diffrn_radiation.polarisn_ratio                   ? 
_diffrn_radiation.probe                            ? 
_diffrn_radiation.type                             ? 
_diffrn_radiation.xray_symbol                      ? 
_diffrn_radiation.wavelength_id                    1 
_diffrn_radiation.pdbx_monochromatic_or_laue_m_l   M 
_diffrn_radiation.pdbx_wavelength_list             ? 
_diffrn_radiation.pdbx_wavelength                  ? 
_diffrn_radiation.pdbx_diffrn_protocol             'SINGLE WAVELENGTH' 
_diffrn_radiation.pdbx_analyzer                    ? 
_diffrn_radiation.pdbx_scattering_type             x-ray 
# 
_diffrn_radiation_wavelength.id           1 
_diffrn_radiation_wavelength.wavelength   0.97853 
_diffrn_radiation_wavelength.wt           1.0 
# 
_diffrn_source.current                     ? 
_diffrn_source.details                     ? 
_diffrn_source.diffrn_id                   1 
_diffrn_source.power                       ? 
_diffrn_source.size                        ? 
_diffrn_source.source                      SYNCHROTRON 
_diffrn_source.target                      ? 
_diffrn_source.type                        'SSRF BEAMLINE BL19U1' 
_diffrn_source.voltage                     ? 
_diffrn_source.take-off_angle              ? 
_diffrn_source.pdbx_wavelength_list        0.97853 
_diffrn_source.pdbx_wavelength             ? 
_diffrn_source.pdbx_synchrotron_beamline   BL19U1 
_diffrn_source.pdbx_synchrotron_site       SSRF 
# 
_reflns.B_iso_Wilson_estimate            ? 
_reflns.entry_id                         7BZE 
_reflns.data_reduction_details           ? 
_reflns.data_reduction_method            ? 
_reflns.d_resolution_high                1.658 
_reflns.d_resolution_low                 50 
_reflns.details                          ? 
_reflns.limit_h_max                      ? 
_reflns.limit_h_min                      ? 
_reflns.limit_k_max                      ? 
_reflns.limit_k_min                      ? 
_reflns.limit_l_max                      ? 
_reflns.limit_l_min                      ? 
_reflns.number_all                       ? 
_reflns.number_obs                       14784 
_reflns.observed_criterion               ? 
_reflns.observed_criterion_F_max         ? 
_reflns.observed_criterion_F_min         ? 
_reflns.observed_criterion_I_max         ? 
_reflns.observed_criterion_I_min         ? 
_reflns.observed_criterion_sigma_F       ? 
_reflns.observed_criterion_sigma_I       ? 
_reflns.percent_possible_obs             98.8 
_reflns.R_free_details                   ? 
_reflns.Rmerge_F_all                     ? 
_reflns.Rmerge_F_obs                     ? 
_reflns.Friedel_coverage                 ? 
_reflns.number_gt                        ? 
_reflns.threshold_expression             ? 
_reflns.pdbx_redundancy                  6.2 
_reflns.pdbx_Rmerge_I_obs                0.063 
_reflns.pdbx_Rmerge_I_all                ? 
_reflns.pdbx_Rsym_value                  ? 
_reflns.pdbx_netI_over_av_sigmaI         ? 
_reflns.pdbx_netI_over_sigmaI            30.4 
_reflns.pdbx_res_netI_over_av_sigmaI_2   ? 
_reflns.pdbx_res_netI_over_sigmaI_2      ? 
_reflns.pdbx_chi_squared                 ? 
_reflns.pdbx_scaling_rejects             ? 
_reflns.pdbx_d_res_high_opt              ? 
_reflns.pdbx_d_res_low_opt               ? 
_reflns.pdbx_d_res_opt_method            ? 
_reflns.phase_calculation_details        ? 
_reflns.pdbx_Rrim_I_all                  ? 
_reflns.pdbx_Rpim_I_all                  ? 
_reflns.pdbx_d_opt                       ? 
_reflns.pdbx_number_measured_all         ? 
_reflns.pdbx_diffrn_id                   1 
_reflns.pdbx_ordinal                     1 
_reflns.pdbx_CC_half                     ? 
_reflns.pdbx_CC_star                     ? 
_reflns.pdbx_R_split                     ? 
# 
_reflns_shell.d_res_high                  1.66 
_reflns_shell.d_res_low                   1.69 
_reflns_shell.meanI_over_sigI_all         ? 
_reflns_shell.meanI_over_sigI_obs         2.1 
_reflns_shell.number_measured_all         ? 
_reflns_shell.number_measured_obs         ? 
_reflns_shell.number_possible             ? 
_reflns_shell.number_unique_all           ? 
_reflns_shell.number_unique_obs           715 
_reflns_shell.percent_possible_all        98.9 
_reflns_shell.percent_possible_obs        ? 
_reflns_shell.Rmerge_F_all                ? 
_reflns_shell.Rmerge_F_obs                ? 
_reflns_shell.Rmerge_I_all                ? 
_reflns_shell.Rmerge_I_obs                0.882 
_reflns_shell.meanI_over_sigI_gt          ? 
_reflns_shell.meanI_over_uI_all           ? 
_reflns_shell.meanI_over_uI_gt            ? 
_reflns_shell.number_measured_gt          ? 
_reflns_shell.number_unique_gt            ? 
_reflns_shell.percent_possible_gt         ? 
_reflns_shell.Rmerge_F_gt                 ? 
_reflns_shell.Rmerge_I_gt                 ? 
_reflns_shell.pdbx_redundancy             5.7 
_reflns_shell.pdbx_Rsym_value             ? 
_reflns_shell.pdbx_chi_squared            ? 
_reflns_shell.pdbx_netI_over_sigmaI_all   ? 
_reflns_shell.pdbx_netI_over_sigmaI_obs   ? 
_reflns_shell.pdbx_Rrim_I_all             ? 
_reflns_shell.pdbx_Rpim_I_all             ? 
_reflns_shell.pdbx_rejects                ? 
_reflns_shell.pdbx_ordinal                1 
_reflns_shell.pdbx_diffrn_id              1 
_reflns_shell.pdbx_CC_half                ? 
_reflns_shell.pdbx_CC_star                ? 
_reflns_shell.pdbx_R_split                ? 
# 
_refine.aniso_B[1][1]                            ? 
_refine.aniso_B[1][2]                            ? 
_refine.aniso_B[1][3]                            ? 
_refine.aniso_B[2][2]                            ? 
_refine.aniso_B[2][3]                            ? 
_refine.aniso_B[3][3]                            ? 
_refine.B_iso_max                                ? 
_refine.B_iso_mean                               ? 
_refine.B_iso_min                                ? 
_refine.correlation_coeff_Fo_to_Fc               ? 
_refine.correlation_coeff_Fo_to_Fc_free          ? 
_refine.details                                  ? 
_refine.diff_density_max                         ? 
_refine.diff_density_max_esd                     ? 
_refine.diff_density_min                         ? 
_refine.diff_density_min_esd                     ? 
_refine.diff_density_rms                         ? 
_refine.diff_density_rms_esd                     ? 
_refine.entry_id                                 7BZE 
_refine.pdbx_refine_id                           'X-RAY DIFFRACTION' 
_refine.ls_abs_structure_details                 ? 
_refine.ls_abs_structure_Flack                   ? 
_refine.ls_abs_structure_Flack_esd               ? 
_refine.ls_abs_structure_Rogers                  ? 
_refine.ls_abs_structure_Rogers_esd              ? 
_refine.ls_d_res_high                            1.658 
_refine.ls_d_res_low                             30.356 
_refine.ls_extinction_coef                       ? 
_refine.ls_extinction_coef_esd                   ? 
_refine.ls_extinction_expression                 ? 
_refine.ls_extinction_method                     ? 
_refine.ls_goodness_of_fit_all                   ? 
_refine.ls_goodness_of_fit_all_esd               ? 
_refine.ls_goodness_of_fit_obs                   ? 
_refine.ls_goodness_of_fit_obs_esd               ? 
_refine.ls_hydrogen_treatment                    ? 
_refine.ls_matrix_type                           ? 
_refine.ls_number_constraints                    ? 
_refine.ls_number_parameters                     ? 
_refine.ls_number_reflns_all                     ? 
_refine.ls_number_reflns_obs                     14728 
_refine.ls_number_reflns_R_free                  1474 
_refine.ls_number_reflns_R_work                  ? 
_refine.ls_number_restraints                     ? 
_refine.ls_percent_reflns_obs                    98.48 
_refine.ls_percent_reflns_R_free                 10.01 
_refine.ls_R_factor_all                          ? 
_refine.ls_R_factor_obs                          0.2057 
_refine.ls_R_factor_R_free                       0.2196 
_refine.ls_R_factor_R_free_error                 ? 
_refine.ls_R_factor_R_free_error_details         ? 
_refine.ls_R_factor_R_work                       0.2041 
_refine.ls_R_Fsqd_factor_obs                     ? 
_refine.ls_R_I_factor_obs                        ? 
_refine.ls_redundancy_reflns_all                 ? 
_refine.ls_redundancy_reflns_obs                 ? 
_refine.ls_restrained_S_all                      ? 
_refine.ls_restrained_S_obs                      ? 
_refine.ls_shift_over_esd_max                    ? 
_refine.ls_shift_over_esd_mean                   ? 
_refine.ls_structure_factor_coef                 ? 
_refine.ls_weighting_details                     ? 
_refine.ls_weighting_scheme                      ? 
_refine.ls_wR_factor_all                         ? 
_refine.ls_wR_factor_obs                         ? 
_refine.ls_wR_factor_R_free                      ? 
_refine.ls_wR_factor_R_work                      ? 
_refine.occupancy_max                            ? 
_refine.occupancy_min                            ? 
_refine.solvent_model_details                    ? 
_refine.solvent_model_param_bsol                 ? 
_refine.solvent_model_param_ksol                 ? 
_refine.pdbx_R_complete                          ? 
_refine.ls_R_factor_gt                           ? 
_refine.ls_goodness_of_fit_gt                    ? 
_refine.ls_goodness_of_fit_ref                   ? 
_refine.ls_shift_over_su_max                     ? 
_refine.ls_shift_over_su_max_lt                  ? 
_refine.ls_shift_over_su_mean                    ? 
_refine.ls_shift_over_su_mean_lt                 ? 
_refine.pdbx_ls_sigma_I                          ? 
_refine.pdbx_ls_sigma_F                          1.37 
_refine.pdbx_ls_sigma_Fsqd                       ? 
_refine.pdbx_data_cutoff_high_absF               ? 
_refine.pdbx_data_cutoff_high_rms_absF           ? 
_refine.pdbx_data_cutoff_low_absF                ? 
_refine.pdbx_isotropic_thermal_model             ? 
_refine.pdbx_ls_cross_valid_method               'FREE R-VALUE' 
_refine.pdbx_method_to_determine_struct          'MOLECULAR REPLACEMENT' 
_refine.pdbx_starting_model                      4A5N 
_refine.pdbx_stereochemistry_target_values       ? 
_refine.pdbx_R_Free_selection_details            ? 
_refine.pdbx_stereochem_target_val_spec_case     ? 
_refine.pdbx_overall_ESU_R                       ? 
_refine.pdbx_overall_ESU_R_Free                  ? 
_refine.pdbx_solvent_vdw_probe_radii             1.11 
_refine.pdbx_solvent_ion_probe_radii             ? 
_refine.pdbx_solvent_shrinkage_radii             0.90 
_refine.pdbx_real_space_R                        ? 
_refine.pdbx_density_correlation                 ? 
_refine.pdbx_pd_number_of_powder_patterns        ? 
_refine.pdbx_pd_number_of_points                 ? 
_refine.pdbx_pd_meas_number_of_points            ? 
_refine.pdbx_pd_proc_ls_prof_R_factor            ? 
_refine.pdbx_pd_proc_ls_prof_wR_factor           ? 
_refine.pdbx_pd_Marquardt_correlation_coeff      ? 
_refine.pdbx_pd_Fsqrd_R_factor                   ? 
_refine.pdbx_pd_ls_matrix_band_width             ? 
_refine.pdbx_overall_phase_error                 27.25 
_refine.pdbx_overall_SU_R_free_Cruickshank_DPI   ? 
_refine.pdbx_overall_SU_R_free_Blow_DPI          ? 
_refine.pdbx_overall_SU_R_Blow_DPI               ? 
_refine.pdbx_TLS_residual_ADP_flag               ? 
_refine.pdbx_diffrn_id                           1 
_refine.overall_SU_B                             ? 
_refine.overall_SU_ML                            0.23 
_refine.overall_SU_R_Cruickshank_DPI             ? 
_refine.overall_SU_R_free                        ? 
_refine.overall_FOM_free_R_set                   ? 
_refine.overall_FOM_work_R_set                   ? 
_refine.pdbx_average_fsc_overall                 ? 
_refine.pdbx_average_fsc_work                    ? 
_refine.pdbx_average_fsc_free                    ? 
# 
_refine_hist.pdbx_refine_id                   'X-RAY DIFFRACTION' 
_refine_hist.cycle_id                         LAST 
_refine_hist.details                          ? 
_refine_hist.d_res_high                       1.658 
_refine_hist.d_res_low                        30.356 
_refine_hist.number_atoms_solvent             64 
_refine_hist.number_atoms_total               963 
_refine_hist.number_reflns_all                ? 
_refine_hist.number_reflns_obs                ? 
_refine_hist.number_reflns_R_free             ? 
_refine_hist.number_reflns_R_work             ? 
_refine_hist.R_factor_all                     ? 
_refine_hist.R_factor_obs                     ? 
_refine_hist.R_factor_R_free                  ? 
_refine_hist.R_factor_R_work                  ? 
_refine_hist.pdbx_number_residues_total       ? 
_refine_hist.pdbx_B_iso_mean_ligand           ? 
_refine_hist.pdbx_B_iso_mean_solvent          ? 
_refine_hist.pdbx_number_atoms_protein        885 
_refine_hist.pdbx_number_atoms_nucleic_acid   0 
_refine_hist.pdbx_number_atoms_ligand         14 
_refine_hist.pdbx_number_atoms_lipid          ? 
_refine_hist.pdbx_number_atoms_carb           ? 
_refine_hist.pdbx_pseudo_atom_details         ? 
# 
loop_
_refine_ls_restr.pdbx_refine_id 
_refine_ls_restr.criterion 
_refine_ls_restr.dev_ideal 
_refine_ls_restr.dev_ideal_target 
_refine_ls_restr.number 
_refine_ls_restr.rejects 
_refine_ls_restr.type 
_refine_ls_restr.weight 
_refine_ls_restr.pdbx_restraint_function 
'X-RAY DIFFRACTION' ? 0.014  ? 926  ? f_bond_d           ? ? 
'X-RAY DIFFRACTION' ? 1.332  ? 1248 ? f_angle_d          ? ? 
'X-RAY DIFFRACTION' ? 22.507 ? 358  ? f_dihedral_angle_d ? ? 
'X-RAY DIFFRACTION' ? 0.077  ? 137  ? f_chiral_restr     ? ? 
'X-RAY DIFFRACTION' ? 0.010  ? 156  ? f_plane_restr      ? ? 
# 
loop_
_refine_ls_shell.pdbx_refine_id 
_refine_ls_shell.d_res_high 
_refine_ls_shell.d_res_low 
_refine_ls_shell.number_reflns_all 
_refine_ls_shell.number_reflns_obs 
_refine_ls_shell.number_reflns_R_free 
_refine_ls_shell.number_reflns_R_work 
_refine_ls_shell.percent_reflns_obs 
_refine_ls_shell.percent_reflns_R_free 
_refine_ls_shell.R_factor_all 
_refine_ls_shell.R_factor_obs 
_refine_ls_shell.R_factor_R_free 
_refine_ls_shell.R_factor_R_free_error 
_refine_ls_shell.R_factor_R_work 
_refine_ls_shell.redundancy_reflns_all 
_refine_ls_shell.redundancy_reflns_obs 
_refine_ls_shell.wR_factor_all 
_refine_ls_shell.wR_factor_obs 
_refine_ls_shell.wR_factor_R_free 
_refine_ls_shell.wR_factor_R_work 
_refine_ls_shell.pdbx_R_complete 
_refine_ls_shell.pdbx_total_number_of_bins_used 
_refine_ls_shell.pdbx_phase_error 
_refine_ls_shell.pdbx_fsc_work 
_refine_ls_shell.pdbx_fsc_free 
'X-RAY DIFFRACTION' 1.6584 1.7120 . . 125 1138 96.00  . . . 0.3776 . 0.3212 . . . . . . . . . . . 
'X-RAY DIFFRACTION' 1.7120 1.7731 . . 135 1205 100.00 . . . 0.2925 . 0.2871 . . . . . . . . . . . 
'X-RAY DIFFRACTION' 1.7731 1.8441 . . 133 1191 100.00 . . . 0.3011 . 0.2604 . . . . . . . . . . . 
'X-RAY DIFFRACTION' 1.8441 1.9280 . . 133 1192 100.00 . . . 0.3161 . 0.2350 . . . . . . . . . . . 
'X-RAY DIFFRACTION' 1.9280 2.0297 . . 135 1211 99.00  . . . 0.2687 . 0.2163 . . . . . . . . . . . 
'X-RAY DIFFRACTION' 2.0297 2.1568 . . 133 1197 100.00 . . . 0.2473 . 0.2281 . . . . . . . . . . . 
'X-RAY DIFFRACTION' 2.1568 2.3233 . . 134 1208 99.00  . . . 0.2377 . 0.2081 . . . . . . . . . . . 
'X-RAY DIFFRACTION' 2.3233 2.5570 . . 135 1222 100.00 . . . 0.2229 . 0.2035 . . . . . . . . . . . 
'X-RAY DIFFRACTION' 2.5570 2.9267 . . 137 1220 99.00  . . . 0.2246 . 0.2214 . . . . . . . . . . . 
'X-RAY DIFFRACTION' 2.9267 3.6863 . . 134 1212 98.00  . . . 0.1893 . 0.1920 . . . . . . . . . . . 
'X-RAY DIFFRACTION' 3.6863 30.356 . . 140 1258 94.00  . . . 0.1960 . 0.1836 . . . . . . . . . . . 
# 
_struct.entry_id                     7BZE 
_struct.title                        'Structure of Bacillus subtilis HxlR, K13A mutant' 
_struct.pdbx_model_details           ? 
_struct.pdbx_formula_weight          ? 
_struct.pdbx_formula_weight_method   ? 
_struct.pdbx_model_type_details      ? 
_struct.pdbx_CASP_flag               N 
# 
_struct_keywords.entry_id        7BZE 
_struct_keywords.text            'Transcriptional regulator, formaldehyde sensing, DNA BINDING PROTEIN' 
_struct_keywords.pdbx_keywords   'DNA BINDING PROTEIN' 
# 
loop_
_struct_asym.id 
_struct_asym.pdbx_blank_PDB_chainid_flag 
_struct_asym.pdbx_modified 
_struct_asym.entity_id 
_struct_asym.details 
A N N 1 ? 
B N N 2 ? 
C N N 2 ? 
D N N 3 ? 
# 
loop_
_struct_conf.conf_type_id 
_struct_conf.id 
_struct_conf.pdbx_PDB_helix_id 
_struct_conf.beg_label_comp_id 
_struct_conf.beg_label_asym_id 
_struct_conf.beg_label_seq_id 
_struct_conf.pdbx_beg_PDB_ins_code 
_struct_conf.end_label_comp_id 
_struct_conf.end_label_asym_id 
_struct_conf.end_label_seq_id 
_struct_conf.pdbx_end_PDB_ins_code 
_struct_conf.beg_auth_comp_id 
_struct_conf.beg_auth_asym_id 
_struct_conf.beg_auth_seq_id 
_struct_conf.end_auth_comp_id 
_struct_conf.end_auth_asym_id 
_struct_conf.end_auth_seq_id 
_struct_conf.pdbx_PDB_helix_class 
_struct_conf.details 
_struct_conf.pdbx_PDB_helix_length 
HELX_P HELX_P1 AA1 ASP A 8  ? GLY A 24  ? ASP A 5  GLY A 21  1 ? 17 
HELX_P HELX_P2 AA2 TRP A 27 ? GLY A 39  ? TRP A 24 GLY A 36  1 ? 13 
HELX_P HELX_P3 AA3 PHE A 43 ? ILE A 50  ? PHE A 40 ILE A 47  1 ? 8  
HELX_P HELX_P4 AA4 THR A 54 ? ASP A 68  ? THR A 51 ASP A 65  1 ? 15 
HELX_P HELX_P5 AA5 THR A 88 ? SER A 93  ? THR A 85 SER A 90  1 ? 6  
HELX_P HELX_P6 AA6 LEU A 94 ? ASP A 115 ? LEU A 91 ASP A 112 1 ? 22 
# 
_struct_conf_type.id          HELX_P 
_struct_conf_type.criteria    ? 
_struct_conf_type.reference   ? 
# 
_struct_mon_prot_cis.pdbx_id                1 
_struct_mon_prot_cis.label_comp_id          VAL 
_struct_mon_prot_cis.label_seq_id           79 
_struct_mon_prot_cis.label_asym_id          A 
_struct_mon_prot_cis.label_alt_id           . 
_struct_mon_prot_cis.pdbx_PDB_ins_code      ? 
_struct_mon_prot_cis.auth_comp_id           VAL 
_struct_mon_prot_cis.auth_seq_id            76 
_struct_mon_prot_cis.auth_asym_id           A 
_struct_mon_prot_cis.pdbx_label_comp_id_2   PRO 
_struct_mon_prot_cis.pdbx_label_seq_id_2    80 
_struct_mon_prot_cis.pdbx_label_asym_id_2   A 
_struct_mon_prot_cis.pdbx_PDB_ins_code_2    ? 
_struct_mon_prot_cis.pdbx_auth_comp_id_2    PRO 
_struct_mon_prot_cis.pdbx_auth_seq_id_2     77 
_struct_mon_prot_cis.pdbx_auth_asym_id_2    A 
_struct_mon_prot_cis.pdbx_PDB_model_num     1 
_struct_mon_prot_cis.pdbx_omega_angle       -19.12 
# 
_struct_sheet.id               AA1 
_struct_sheet.type             ? 
_struct_sheet.number_strands   3 
_struct_sheet.details          ? 
# 
loop_
_struct_sheet_order.sheet_id 
_struct_sheet_order.range_id_1 
_struct_sheet_order.range_id_2 
_struct_sheet_order.offset 
_struct_sheet_order.sense 
AA1 1 2 ? anti-parallel 
AA1 2 3 ? anti-parallel 
# 
loop_
_struct_sheet_range.sheet_id 
_struct_sheet_range.id 
_struct_sheet_range.beg_label_comp_id 
_struct_sheet_range.beg_label_asym_id 
_struct_sheet_range.beg_label_seq_id 
_struct_sheet_range.pdbx_beg_PDB_ins_code 
_struct_sheet_range.end_label_comp_id 
_struct_sheet_range.end_label_asym_id 
_struct_sheet_range.end_label_seq_id 
_struct_sheet_range.pdbx_end_PDB_ins_code 
_struct_sheet_range.beg_auth_comp_id 
_struct_sheet_range.beg_auth_asym_id 
_struct_sheet_range.beg_auth_seq_id 
_struct_sheet_range.end_auth_comp_id 
_struct_sheet_range.end_auth_asym_id 
_struct_sheet_range.end_auth_seq_id 
AA1 1 LYS A 41 ? ARG A 42 ? LYS A 38 ARG A 39 
AA1 2 LYS A 82 ? LEU A 87 ? LYS A 79 LEU A 84 
AA1 3 VAL A 71 ? TYR A 76 ? VAL A 68 TYR A 73 
# 
loop_
_pdbx_struct_sheet_hbond.sheet_id 
_pdbx_struct_sheet_hbond.range_id_1 
_pdbx_struct_sheet_hbond.range_id_2 
_pdbx_struct_sheet_hbond.range_1_label_atom_id 
_pdbx_struct_sheet_hbond.range_1_label_comp_id 
_pdbx_struct_sheet_hbond.range_1_label_asym_id 
_pdbx_struct_sheet_hbond.range_1_label_seq_id 
_pdbx_struct_sheet_hbond.range_1_PDB_ins_code 
_pdbx_struct_sheet_hbond.range_1_auth_atom_id 
_pdbx_struct_sheet_hbond.range_1_auth_comp_id 
_pdbx_struct_sheet_hbond.range_1_auth_asym_id 
_pdbx_struct_sheet_hbond.range_1_auth_seq_id 
_pdbx_struct_sheet_hbond.range_2_label_atom_id 
_pdbx_struct_sheet_hbond.range_2_label_comp_id 
_pdbx_struct_sheet_hbond.range_2_label_asym_id 
_pdbx_struct_sheet_hbond.range_2_label_seq_id 
_pdbx_struct_sheet_hbond.range_2_PDB_ins_code 
_pdbx_struct_sheet_hbond.range_2_auth_atom_id 
_pdbx_struct_sheet_hbond.range_2_auth_comp_id 
_pdbx_struct_sheet_hbond.range_2_auth_asym_id 
_pdbx_struct_sheet_hbond.range_2_auth_seq_id 
AA1 1 2 N LYS A 41 ? N LYS A 38 O TYR A 85 ? O TYR A 82 
AA1 2 3 O SER A 86 ? O SER A 83 N HIS A 72 ? N HIS A 69 
# 
loop_
_struct_site.id 
_struct_site.pdbx_evidence_code 
_struct_site.pdbx_auth_asym_id 
_struct_site.pdbx_auth_comp_id 
_struct_site.pdbx_auth_seq_id 
_struct_site.pdbx_auth_ins_code 
_struct_site.pdbx_num_residues 
_struct_site.details 
AC1 Software A PEG 201 ? 5 'binding site for residue PEG A 201' 
AC2 Software A PEG 202 ? 4 'binding site for residue PEG A 202' 
# 
loop_
_struct_site_gen.id 
_struct_site_gen.site_id 
_struct_site_gen.pdbx_num_res 
_struct_site_gen.label_comp_id 
_struct_site_gen.label_asym_id 
_struct_site_gen.label_seq_id 
_struct_site_gen.pdbx_auth_ins_code 
_struct_site_gen.auth_comp_id 
_struct_site_gen.auth_asym_id 
_struct_site_gen.auth_seq_id 
_struct_site_gen.label_atom_id 
_struct_site_gen.label_alt_id 
_struct_site_gen.symmetry 
_struct_site_gen.details 
1 AC1 5 HIS A 90  ? HIS A 87  . ? 1_555 ? 
2 AC1 5 SER A 93  ? SER A 90  . ? 1_555 ? 
3 AC1 5 TRP A 104 ? TRP A 101 . ? 2_555 ? 
4 AC1 5 GLY A 107 ? GLY A 104 . ? 2_555 ? 
5 AC1 5 TYR A 108 ? TYR A 105 . ? 2_555 ? 
6 AC2 4 PRO A 96  ? PRO A 93  . ? 2_555 ? 
7 AC2 4 PRO A 96  ? PRO A 93  . ? 1_555 ? 
8 AC2 4 ALA A 100 ? ALA A 97  . ? 2_555 ? 
9 AC2 4 ALA A 100 ? ALA A 97  . ? 1_555 ? 
# 
_atom_sites.entry_id                    7BZE 
_atom_sites.Cartn_transf_matrix[1][1]   ? 
_atom_sites.Cartn_transf_matrix[1][2]   ? 
_atom_sites.Cartn_transf_matrix[1][3]   ? 
_atom_sites.Cartn_transf_matrix[2][1]   ? 
_atom_sites.Cartn_transf_matrix[2][2]   ? 
_atom_sites.Cartn_transf_matrix[2][3]   ? 
_atom_sites.Cartn_transf_matrix[3][1]   ? 
_atom_sites.Cartn_transf_matrix[3][2]   ? 
_atom_sites.Cartn_transf_matrix[3][3]   ? 
_atom_sites.Cartn_transf_vector[1]      ? 
_atom_sites.Cartn_transf_vector[2]      ? 
_atom_sites.Cartn_transf_vector[3]      ? 
_atom_sites.fract_transf_matrix[1][1]   0.01210208 
_atom_sites.fract_transf_matrix[1][2]   0.01098430 
_atom_sites.fract_transf_matrix[1][3]   -0.00184973 
_atom_sites.fract_transf_matrix[2][1]   0.00838712 
_atom_sites.fract_transf_matrix[2][2]   -0.00780825 
_atom_sites.fract_transf_matrix[2][3]   0.00850582 
_atom_sites.fract_transf_matrix[3][1]   0.01189339 
_atom_sites.fract_transf_matrix[3][2]   -0.01783573 
_atom_sites.fract_transf_matrix[3][3]   -0.02810040 
_atom_sites.fract_transf_vector[1]      -0.175182 
_atom_sites.fract_transf_vector[2]      0.072678 
_atom_sites.fract_transf_vector[3]      -0.128496 
_atom_sites.solution_primary            ? 
_atom_sites.solution_secondary          ? 
_atom_sites.solution_hydrogens          ? 
_atom_sites.special_details             ? 
# 
loop_
_atom_type.symbol 
C 
N 
O 
S 
# 
loop_
_atom_site.group_PDB 
_atom_site.id 
_atom_site.type_symbol 
_atom_site.label_atom_id 
_atom_site.label_alt_id 
_atom_site.label_comp_id 
_atom_site.label_asym_id 
_atom_site.label_entity_id 
_atom_site.label_seq_id 
_atom_site.pdbx_PDB_ins_code 
_atom_site.Cartn_x 
_atom_site.Cartn_y 
_atom_site.Cartn_z 
_atom_site.occupancy 
_atom_site.B_iso_or_equiv 
_atom_site.pdbx_formal_charge 
_atom_site.auth_seq_id 
_atom_site.auth_comp_id 
_atom_site.auth_asym_id 
_atom_site.auth_atom_id 
_atom_site.pdbx_PDB_model_num 
ATOM   1   N N   . ASP A 1 8   ? 22.911  17.500  1.947   1.00 90.25  ? 5   ASP A N   1 
ATOM   2   C CA  . ASP A 1 8   ? 21.670  18.292  2.167   1.00 93.11  ? 5   ASP A CA  1 
ATOM   3   C C   . ASP A 1 8   ? 20.755  18.098  0.956   1.00 98.53  ? 5   ASP A C   1 
ATOM   4   O O   . ASP A 1 8   ? 19.690  17.470  1.127   1.00 100.97 ? 5   ASP A O   1 
ATOM   5   C CB  . ASP A 1 8   ? 21.983  19.766  2.435   1.00 108.07 ? 5   ASP A CB  1 
ATOM   6   C CG  . ASP A 1 8   ? 20.749  20.614  2.681   1.00 109.42 ? 5   ASP A CG  1 
ATOM   7   O OD1 . ASP A 1 8   ? 20.886  21.676  3.323   1.00 107.56 ? 5   ASP A OD1 1 
ATOM   8   O OD2 . ASP A 1 8   ? 19.667  20.214  2.225   1.00 104.22 ? 5   ASP A OD2 1 
ATOM   9   N N   . ASP A 1 9   ? 21.150  18.645  -0.199  1.00 109.43 ? 6   ASP A N   1 
ATOM   10  C CA  . ASP A 1 9   ? 20.370  18.491  -1.457  1.00 101.10 ? 6   ASP A CA  1 
ATOM   11  C C   . ASP A 1 9   ? 20.343  17.000  -1.807  1.00 100.02 ? 6   ASP A C   1 
ATOM   12  O O   . ASP A 1 9   ? 19.270  16.503  -2.201  1.00 82.45  ? 6   ASP A O   1 
ATOM   13  C CB  . ASP A 1 9   ? 20.970  19.330  -2.590  1.00 90.81  ? 6   ASP A CB  1 
ATOM   14  C CG  . ASP A 1 9   ? 20.778  20.827  -2.406  1.00 89.29  ? 6   ASP A CG  1 
ATOM   15  O OD1 . ASP A 1 9   ? 19.963  21.206  -1.551  1.00 91.20  ? 6   ASP A OD1 1 
ATOM   16  O OD2 . ASP A 1 9   ? 21.453  21.603  -3.114  1.00 88.50  ? 6   ASP A OD2 1 
ATOM   17  N N   . LYS A 1 10  ? 21.494  16.327  -1.705  1.00 101.32 ? 7   LYS A N   1 
ATOM   18  C CA  . LYS A 1 10  ? 21.534  14.866  -1.977  1.00 97.93  ? 7   LYS A CA  1 
ATOM   19  C C   . LYS A 1 10  ? 20.702  14.139  -0.913  1.00 89.21  ? 7   LYS A C   1 
ATOM   20  O O   . LYS A 1 10  ? 20.091  13.115  -1.243  1.00 86.34  ? 7   LYS A O   1 
ATOM   21  C CB  . LYS A 1 10  ? 22.960  14.329  -2.118  1.00 83.94  ? 7   LYS A CB  1 
ATOM   22  C CG  . LYS A 1 10  ? 23.090  13.158  -3.083  1.00 84.05  ? 7   LYS A CG  1 
ATOM   23  C CD  . LYS A 1 10  ? 22.497  13.451  -4.446  1.00 86.13  ? 7   LYS A CD  1 
ATOM   24  C CE  . LYS A 1 10  ? 22.214  12.208  -5.267  1.00 93.80  ? 7   LYS A CE  1 
ATOM   25  N NZ  . LYS A 1 10  ? 20.964  11.528  -4.847  1.00 68.99  ? 7   LYS A NZ  1 
ATOM   26  N N   . ARG A 1 11  ? 20.769  14.608  0.335   1.00 95.46  ? 8   ARG A N   1 
ATOM   27  C CA  . ARG A 1 11  ? 19.982  14.006  1.443   1.00 90.58  ? 8   ARG A CA  1 
ATOM   28  C C   . ARG A 1 11  ? 18.479  14.203  1.189   1.00 81.29  ? 8   ARG A C   1 
ATOM   29  O O   . ARG A 1 11  ? 17.720  13.255  1.469   1.00 64.31  ? 8   ARG A O   1 
ATOM   30  C CB  . ARG A 1 11  ? 20.456  14.542  2.799   1.00 95.40  ? 8   ARG A CB  1 
ATOM   31  C CG  . ARG A 1 11  ? 21.864  14.103  3.182   1.00 95.92  ? 8   ARG A CG  1 
ATOM   32  C CD  . ARG A 1 11  ? 22.032  12.623  3.494   1.00 74.19  ? 8   ARG A CD  1 
ATOM   33  N NE  . ARG A 1 11  ? 23.414  12.169  3.382   1.00 79.23  ? 8   ARG A NE  1 
ATOM   34  C CZ  . ARG A 1 11  ? 23.884  11.033  3.890   1.00 79.50  ? 8   ARG A CZ  1 
ATOM   35  N NH1 . ARG A 1 11  ? 25.155  10.703  3.727   1.00 64.65  ? 8   ARG A NH1 1 
ATOM   36  N NH2 . ARG A 1 11  ? 23.083  10.236  4.570   1.00 69.42  ? 8   ARG A NH2 1 
ATOM   37  N N   . PHE A 1 12  ? 18.047  15.381  0.714   1.00 72.60  ? 9   PHE A N   1 
ATOM   38  C CA  . PHE A 1 12  ? 16.593  15.518  0.433   1.00 70.58  ? 9   PHE A CA  1 
ATOM   39  C C   . PHE A 1 12  ? 16.223  14.547  -0.689  1.00 66.40  ? 9   PHE A C   1 
ATOM   40  O O   . PHE A 1 12  ? 15.238  13.811  -0.541  1.00 55.94  ? 9   PHE A O   1 
ATOM   41  C CB  . PHE A 1 12  ? 16.172  16.908  -0.069  1.00 53.79  ? 9   PHE A CB  1 
ATOM   42  C CG  . PHE A 1 12  ? 14.775  16.865  -0.717  1.00 57.64  ? 9   PHE A CG  1 
ATOM   43  C CD1 . PHE A 1 12  ? 13.624  16.918  0.069   1.00 46.90  ? 9   PHE A CD1 1 
ATOM   44  C CD2 . PHE A 1 12  ? 14.620  16.655  -2.086  1.00 41.03  ? 9   PHE A CD2 1 
ATOM   45  C CE1 . PHE A 1 12  ? 12.332  16.795  -0.493  1.00 44.89  ? 9   PHE A CE1 1 
ATOM   46  C CE2 . PHE A 1 12  ? 13.355  16.534  -2.653  1.00 34.52  ? 9   PHE A CE2 1 
ATOM   47  C CZ  . PHE A 1 12  ? 12.209  16.599  -1.812  1.00 31.34  ? 9   PHE A CZ  1 
ATOM   48  N N   . ASN A 1 13  ? 17.043  14.529  -1.744  1.00 59.88  ? 10  ASN A N   1 
ATOM   49  C CA  . ASN A 1 13  ? 16.759  13.730  -2.964  1.00 62.31  ? 10  ASN A CA  1 
ATOM   50  C C   . ASN A 1 13  ? 16.833  12.219  -2.725  1.00 57.63  ? 10  ASN A C   1 
ATOM   51  O O   . ASN A 1 13  ? 15.868  11.537  -3.079  1.00 48.24  ? 10  ASN A O   1 
ATOM   52  C CB  . ASN A 1 13  ? 17.640  14.195  -4.124  1.00 70.27  ? 10  ASN A CB  1 
ATOM   53  C CG  . ASN A 1 13  ? 17.548  13.286  -5.324  1.00 82.35  ? 10  ASN A CG  1 
ATOM   54  O OD1 . ASN A 1 13  ? 17.988  12.153  -5.262  1.00 90.39  ? 10  ASN A OD1 1 
ATOM   55  N ND2 . ASN A 1 13  ? 16.972  13.768  -6.408  1.00 63.45  ? 10  ASN A ND2 1 
ATOM   56  N N   . CYS A 1 14  ? 17.899  11.722  -2.096  1.00 55.20  ? 11  CYS A N   1 
ATOM   57  C CA  . CYS A 1 14  ? 17.972  10.290  -1.822  1.00 58.29  ? 11  CYS A CA  1 
ATOM   58  C C   . CYS A 1 14  ? 16.749  9.836   -1.045  1.00 46.26  ? 11  CYS A C   1 
ATOM   59  O O   . CYS A 1 14  ? 16.184  8.769   -1.319  1.00 45.11  ? 11  CYS A O   1 
ATOM   60  C CB  . CYS A 1 14  ? 19.234  9.955   -1.018  1.00 55.03  ? 11  CYS A CB  1 
ATOM   61  S SG  . CYS A 1 14  ? 20.816  10.447  -1.810  1.00 102.11 ? 11  CYS A SG  1 
ATOM   62  N N   . GLU A 1 15  ? 16.323  10.654  -0.076  1.00 43.17  ? 12  GLU A N   1 
ATOM   63  C CA  . GLU A 1 15  ? 15.300  10.244  0.879   1.00 39.32  ? 12  GLU A CA  1 
ATOM   64  C C   . GLU A 1 15  ? 13.890  10.352  0.304   1.00 38.95  ? 12  GLU A C   1 
ATOM   65  O O   . GLU A 1 15  ? 13.076  9.422   0.473   1.00 35.12  ? 12  GLU A O   1 
ATOM   66  C CB  . GLU A 1 15  ? 15.466  11.078  2.144   1.00 41.16  ? 12  GLU A CB  1 
ATOM   67  C CG  . GLU A 1 15  ? 16.731  10.630  2.904   1.00 46.55  ? 12  GLU A CG  1 
ATOM   68  C CD  . GLU A 1 15  ? 17.322  11.653  3.823   1.00 64.32  ? 12  GLU A CD  1 
ATOM   69  O OE1 . GLU A 1 15  ? 16.855  12.805  3.778   1.00 66.59  ? 12  GLU A OE1 1 
ATOM   70  O OE2 . GLU A 1 15  ? 18.273  11.294  4.575   1.00 73.68  ? 12  GLU A OE2 1 
ATOM   71  N N   . ALA A 1 16  ? 13.566  11.465  -0.375  1.00 38.77  ? 13  ALA A N   1 
ATOM   72  C CA  . ALA A 1 16  ? 12.263  11.563  -1.038  1.00 32.05  ? 13  ALA A CA  1 
ATOM   73  C C   . ALA A 1 16  ? 12.121  10.500  -2.118  1.00 34.80  ? 13  ALA A C   1 
ATOM   74  O O   . ALA A 1 16  ? 11.042  9.918   -2.292  1.00 34.67  ? 13  ALA A O   1 
ATOM   75  C CB  . ALA A 1 16  ? 12.069  12.958  -1.629  1.00 39.82  ? 13  ALA A CB  1 
ATOM   76  N N   . GLU A 1 17  ? 13.212  10.201  -2.830  1.00 36.36  ? 14  GLU A N   1 
ATOM   77  C CA  . GLU A 1 17  ? 13.154  9.176   -3.861  1.00 33.70  ? 14  GLU A CA  1 
ATOM   78  C C   . GLU A 1 17  ? 12.991  7.773   -3.292  1.00 34.41  ? 14  GLU A C   1 
ATOM   79  O O   . GLU A 1 17  ? 12.407  6.906   -3.953  1.00 38.42  ? 14  GLU A O   1 
ATOM   80  C CB  . GLU A 1 17  ? 14.392  9.194   -4.733  1.00 43.04  ? 14  GLU A CB  1 
ATOM   81  C CG  . GLU A 1 17  ? 14.427  10.388  -5.701  1.00 60.60  ? 14  GLU A CG  1 
ATOM   82  C CD  . GLU A 1 17  ? 15.620  10.349  -6.670  1.00 78.35  ? 14  GLU A CD  1 
ATOM   83  O OE1 . GLU A 1 17  ? 16.457  9.421   -6.552  1.00 74.76  ? 14  GLU A OE1 1 
ATOM   84  O OE2 . GLU A 1 17  ? 15.709  11.243  -7.551  1.00 82.27  ? 14  GLU A OE2 1 
ATOM   85  N N   . LEU A 1 18  ? 13.585  7.491   -2.139  1.00 32.21  ? 15  LEU A N   1 
ATOM   86  C CA  . LEU A 1 18  ? 13.343  6.210   -1.479  1.00 38.34  ? 15  LEU A CA  1 
ATOM   87  C C   . LEU A 1 18  ? 11.844  5.994   -1.225  1.00 29.51  ? 15  LEU A C   1 
ATOM   88  O O   . LEU A 1 18  ? 11.292  4.899   -1.430  1.00 31.07  ? 15  LEU A O   1 
ATOM   89  C CB  . LEU A 1 18  ? 14.127  6.209   -0.174  1.00 38.24  ? 15  LEU A CB  1 
ATOM   90  C CG  . LEU A 1 18  ? 14.212  4.909   0.556   1.00 36.49  ? 15  LEU A CG  1 
ATOM   91  C CD1 . LEU A 1 18  ? 14.748  3.775   -0.299  1.00 39.67  ? 15  LEU A CD1 1 
ATOM   92  C CD2 . LEU A 1 18  ? 15.132  5.108   1.780   1.00 37.04  ? 15  LEU A CD2 1 
ATOM   93  N N   . THR A 1 19  ? 11.193  7.032   -0.703  1.00 29.37  ? 16  THR A N   1 
ATOM   94  C CA  . THR A 1 19  ? 9.765   6.961   -0.447  1.00 26.07  ? 16  THR A CA  1 
ATOM   95  C C   . THR A 1 19  ? 9.025   6.612   -1.726  1.00 28.83  ? 16  THR A C   1 
ATOM   96  O O   . THR A 1 19  ? 8.128   5.764   -1.716  1.00 29.83  ? 16  THR A O   1 
ATOM   97  C CB  . THR A 1 19  ? 9.264   8.282   0.165   1.00 34.62  ? 16  THR A CB  1 
ATOM   98  O OG1 . THR A 1 19  ? 10.065  8.587   1.319   1.00 30.32  ? 16  THR A OG1 1 
ATOM   99  C CG2 . THR A 1 19  ? 7.827   8.164   0.603   1.00 32.62  ? 16  THR A CG2 1 
ATOM   100 N N   . LEU A 1 20  ? 9.314   7.321   -2.812  1.00 31.36  ? 17  LEU A N   1 
ATOM   101 C CA  . LEU A 1 20  ? 8.638   7.060   -4.084  1.00 35.28  ? 17  LEU A CA  1 
ATOM   102 C C   . LEU A 1 20  ? 8.823   5.617   -4.529  1.00 35.19  ? 17  LEU A C   1 
ATOM   103 O O   . LEU A 1 20  ? 7.886   4.970   -5.008  1.00 36.60  ? 17  LEU A O   1 
ATOM   104 C CB  . LEU A 1 20  ? 9.166   7.987   -5.170  1.00 38.11  ? 17  LEU A CB  1 
ATOM   105 C CG  . LEU A 1 20  ? 8.565   9.329   -5.563  1.00 55.60  ? 17  LEU A CG  1 
ATOM   106 C CD1 . LEU A 1 20  ? 9.292   9.738   -6.845  1.00 50.07  ? 17  LEU A CD1 1 
ATOM   107 C CD2 . LEU A 1 20  ? 7.116   9.203   -5.745  1.00 44.58  ? 17  LEU A CD2 1 
ATOM   108 N N   . ALA A 1 21  ? 10.012  5.086   -4.318  1.00 31.39  ? 18  ALA A N   1 
ATOM   109 C CA  . ALA A 1 21  ? 10.295  3.698   -4.726  1.00 34.36  ? 18  ALA A CA  1 
ATOM   110 C C   . ALA A 1 21  ? 9.432   2.718   -3.931  1.00 31.44  ? 18  ALA A C   1 
ATOM   111 O O   . ALA A 1 21  ? 8.961   1.781   -4.503  1.00 36.73  ? 18  ALA A O   1 
ATOM   112 C CB  . ALA A 1 21  ? 11.752  3.414   -4.519  1.00 40.11  ? 18  ALA A CB  1 
ATOM   113 N N   . VAL A 1 22  ? 9.273   2.949   -2.639  1.00 29.12  ? 19  VAL A N   1 
ATOM   114 C CA  . VAL A 1 22  ? 8.482   2.044   -1.768  1.00 26.57  ? 19  VAL A CA  1 
ATOM   115 C C   . VAL A 1 22  ? 6.996   2.034   -2.130  1.00 31.07  ? 19  VAL A C   1 
ATOM   116 O O   . VAL A 1 22  ? 6.420   0.983   -2.101  1.00 33.25  ? 19  VAL A O   1 
ATOM   117 C CB  . VAL A 1 22  ? 8.692   2.446   -0.303  1.00 33.74  ? 19  VAL A CB  1 
ATOM   118 C CG1 . VAL A 1 22  ? 7.664   1.837   0.616   1.00 34.67  ? 19  VAL A CG1 1 
ATOM   119 C CG2 . VAL A 1 22  ? 10.089  2.114   0.148   1.00 35.04  ? 19  VAL A CG2 1 
ATOM   120 N N   . ILE A 1 23  ? 6.402   3.186   -2.413  1.00 30.71  ? 20  ILE A N   1 
ATOM   121 C CA  . ILE A 1 23  ? 4.936   3.221   -2.670  1.00 30.49  ? 20  ILE A CA  1 
ATOM   122 C C   . ILE A 1 23  ? 4.623   3.246   -4.160  1.00 42.82  ? 20  ILE A C   1 
ATOM   123 O O   . ILE A 1 23  ? 3.472   3.211   -4.499  1.00 39.69  ? 20  ILE A O   1 
ATOM   124 C CB  . ILE A 1 23  ? 4.307   4.467   -2.027  1.00 36.29  ? 20  ILE A CB  1 
ATOM   125 C CG1 . ILE A 1 23  ? 4.638   5.726   -2.820  1.00 39.38  ? 20  ILE A CG1 1 
ATOM   126 C CG2 . ILE A 1 23  ? 4.667   4.584   -0.568  1.00 38.67  ? 20  ILE A CG2 1 
ATOM   127 C CD1 . ILE A 1 23  ? 4.191   7.000   -2.171  1.00 38.62  ? 20  ILE A CD1 1 
ATOM   128 N N   . GLY A 1 24  ? 5.625   3.302   -5.012  1.00 35.52  ? 21  GLY A N   1 
ATOM   129 C CA  . GLY A 1 24  ? 5.336   3.487   -6.438  1.00 44.94  ? 21  GLY A CA  1 
ATOM   130 C C   . GLY A 1 24  ? 4.740   2.290   -7.130  1.00 44.17  ? 21  GLY A C   1 
ATOM   131 O O   . GLY A 1 24  ? 4.841   1.192   -6.628  1.00 44.41  ? 21  GLY A O   1 
ATOM   132 N N   . GLY A 1 25  ? 4.095   2.548   -8.255  1.00 44.96  ? 22  GLY A N   1 
ATOM   133 C CA  . GLY A 1 25  ? 3.530   1.497   -9.067  1.00 61.15  ? 22  GLY A CA  1 
ATOM   134 C C   . GLY A 1 25  ? 2.031   1.620   -9.169  1.00 67.64  ? 22  GLY A C   1 
ATOM   135 O O   . GLY A 1 25  ? 1.435   2.651   -8.838  1.00 63.91  ? 22  GLY A O   1 
ATOM   136 N N   . LYS A 1 26  ? 1.435   0.557   -9.705  1.00 58.55  ? 23  LYS A N   1 
ATOM   137 C CA  . LYS A 1 26  ? -0.016  0.537   -9.985  1.00 71.41  ? 23  LYS A CA  1 
ATOM   138 C C   . LYS A 1 26  ? -0.875  0.095   -8.799  1.00 68.31  ? 23  LYS A C   1 
ATOM   139 O O   . LYS A 1 26  ? -2.049  0.442   -8.832  1.00 64.06  ? 23  LYS A O   1 
ATOM   140 C CB  . LYS A 1 26  ? -0.263  -0.349  -11.208 1.00 73.18  ? 23  LYS A CB  1 
ATOM   141 C CG  . LYS A 1 26  ? 0.785   -0.195  -12.329 1.00 80.22  ? 23  LYS A CG  1 
ATOM   142 C CD  . LYS A 1 26  ? 0.209   -0.560  -13.702 1.00 85.79  ? 23  LYS A CD  1 
ATOM   143 C CE  . LYS A 1 26  ? 1.275   -0.419  -14.795 1.00 87.19  ? 23  LYS A CE  1 
ATOM   144 N NZ  . LYS A 1 26  ? 0.704   -0.651  -16.158 1.00 82.01  ? 23  LYS A NZ  1 
ATOM   145 N N   . TRP A 1 27  ? -0.352  -0.666  -7.834  1.00 39.25  ? 24  TRP A N   1 
ATOM   146 C CA  . TRP A 1 27  ? -1.286  -1.153  -6.791  1.00 34.50  ? 24  TRP A CA  1 
ATOM   147 C C   . TRP A 1 27  ? -0.839  -0.986  -5.341  1.00 29.42  ? 24  TRP A C   1 
ATOM   148 O O   . TRP A 1 27  ? -1.654  -1.200  -4.491  1.00 29.81  ? 24  TRP A O   1 
ATOM   149 C CB  . TRP A 1 27  ? -1.621  -2.609  -7.078  1.00 44.50  ? 24  TRP A CB  1 
ATOM   150 C CG  . TRP A 1 27  ? -2.721  -2.763  -8.077  1.00 57.94  ? 24  TRP A CG  1 
ATOM   151 C CD1 . TRP A 1 27  ? -4.026  -2.406  -7.924  1.00 57.83  ? 24  TRP A CD1 1 
ATOM   152 C CD2 . TRP A 1 27  ? -2.618  -3.331  -9.380  1.00 45.21  ? 24  TRP A CD2 1 
ATOM   153 N NE1 . TRP A 1 27  ? -4.740  -2.713  -9.040  1.00 61.68  ? 24  TRP A NE1 1 
ATOM   154 C CE2 . TRP A 1 27  ? -3.902  -3.284  -9.948  1.00 54.52  ? 24  TRP A CE2 1 
ATOM   155 C CE3 . TRP A 1 27  ? -1.570  -3.865  -10.118 1.00 53.46  ? 24  TRP A CE3 1 
ATOM   156 C CZ2 . TRP A 1 27  ? -4.163  -3.748  -11.224 1.00 54.00  ? 24  TRP A CZ2 1 
ATOM   157 C CZ3 . TRP A 1 27  ? -1.830  -4.335  -11.376 1.00 57.99  ? 24  TRP A CZ3 1 
ATOM   158 C CH2 . TRP A 1 27  ? -3.105  -4.276  -11.918 1.00 56.45  ? 24  TRP A CH2 1 
ATOM   159 N N   . LYS A 1 28  ? 0.398   -0.626  -5.074  1.00 29.70  ? 25  LYS A N   1 
ATOM   160 C CA  . LYS A 1 28  ? 0.817   -0.574  -3.654  1.00 26.81  ? 25  LYS A CA  1 
ATOM   161 C C   . LYS A 1 28  ? 0.035   0.470   -2.862  1.00 28.47  ? 25  LYS A C   1 
ATOM   162 O O   . LYS A 1 28  ? -0.350  0.185   -1.766  1.00 27.77  ? 25  LYS A O   1 
ATOM   163 C CB  . LYS A 1 28  ? 2.313   -0.308  -3.554  1.00 28.60  ? 25  LYS A CB  1 
ATOM   164 C CG  . LYS A 1 28  ? 3.165   -1.517  -3.874  1.00 32.35  ? 25  LYS A CG  1 
ATOM   165 C CD  . LYS A 1 28  ? 4.622   -1.262  -3.841  1.00 31.58  ? 25  LYS A CD  1 
ATOM   166 C CE  . LYS A 1 28  ? 5.369   -2.501  -4.252  1.00 38.76  ? 25  LYS A CE  1 
ATOM   167 N NZ  . LYS A 1 28  ? 6.822   -2.267  -4.316  1.00 35.28  ? 25  LYS A NZ  1 
ATOM   168 N N   . MET A 1 29  ? -0.189  1.639   -3.434  1.00 27.93  ? 26  MET A N   1 
ATOM   169 C CA  . MET A 1 29  ? -0.876  2.668   -2.645  1.00 27.66  ? 26  MET A CA  1 
ATOM   170 C C   . MET A 1 29  ? -2.281  2.204   -2.262  1.00 27.59  ? 26  MET A C   1 
ATOM   171 O O   . MET A 1 29  ? -2.751  2.475   -1.159  1.00 29.87  ? 26  MET A O   1 
ATOM   172 C CB  . MET A 1 29  ? -0.903  3.998   -3.403  1.00 30.67  ? 26  MET A CB  1 
ATOM   173 C CG  . MET A 1 29  ? 0.439   4.649   -3.509  1.00 29.65  ? 26  MET A CG  1 
ATOM   174 S SD  . MET A 1 29  ? 0.339   6.265   -4.333  1.00 35.93  ? 26  MET A SD  1 
ATOM   175 C CE  . MET A 1 29  ? -0.415  5.810   -5.878  1.00 49.59  ? 26  MET A CE  1 
ATOM   176 N N   . LEU A 1 30  ? -2.965  1.522   -3.166  1.00 26.85  ? 27  LEU A N   1 
ATOM   177 C CA  . LEU A 1 30  ? -4.308  1.021   -2.900  1.00 28.14  ? 27  LEU A CA  1 
ATOM   178 C C   . LEU A 1 30  ? -4.293  -0.091  -1.860  1.00 28.99  ? 27  LEU A C   1 
ATOM   179 O O   . LEU A 1 30  ? -5.111  -0.072  -0.943  1.00 29.38  ? 27  LEU A O   1 
ATOM   180 C CB  . LEU A 1 30  ? -4.915  0.532   -4.197  1.00 34.68  ? 27  LEU A CB  1 
ATOM   181 C CG  . LEU A 1 30  ? -6.405  0.218   -4.223  1.00 39.33  ? 27  LEU A CG  1 
ATOM   182 C CD1 . LEU A 1 30  ? -7.239  1.358   -3.675  1.00 43.44  ? 27  LEU A CD1 1 
ATOM   183 C CD2 . LEU A 1 30  ? -6.729  -0.068  -5.663  1.00 39.17  ? 27  LEU A CD2 1 
ATOM   184 N N   . ILE A 1 31  ? -3.315  -1.012  -1.928  1.00 29.14  ? 28  ILE A N   1 
ATOM   185 C CA  . ILE A 1 31  ? -3.195  -2.037  -0.887  1.00 29.13  ? 28  ILE A CA  1 
ATOM   186 C C   . ILE A 1 31  ? -3.004  -1.375  0.469   1.00 28.57  ? 28  ILE A C   1 
ATOM   187 O O   . ILE A 1 31  ? -3.721  -1.638  1.433   1.00 28.00  ? 28  ILE A O   1 
ATOM   188 C CB  . ILE A 1 31  ? -2.038  -2.991  -1.217  1.00 26.92  ? 28  ILE A CB  1 
ATOM   189 C CG1 . ILE A 1 31  ? -2.373  -3.824  -2.458  1.00 30.41  ? 28  ILE A CG1 1 
ATOM   190 C CG2 . ILE A 1 31  ? -1.726  -3.851  -0.056  1.00 26.87  ? 28  ILE A CG2 1 
ATOM   191 C CD1 . ILE A 1 31  ? -1.198  -4.491  -3.089  1.00 34.36  ? 28  ILE A CD1 1 
ATOM   192 N N   . LEU A 1 32  ? -2.061  -0.429  0.539   1.00 26.07  ? 29  LEU A N   1 
ATOM   193 C CA  . LEU A 1 32  ? -1.762  0.222   1.798   1.00 23.15  ? 29  LEU A CA  1 
ATOM   194 C C   . LEU A 1 32  ? -2.954  1.015   2.287   1.00 26.69  ? 29  LEU A C   1 
ATOM   195 O O   . LEU A 1 32  ? -3.216  1.073   3.490   1.00 30.92  ? 29  LEU A O   1 
ATOM   196 C CB  . LEU A 1 32  ? -0.535  1.117   1.619   1.00 25.46  ? 29  LEU A CB  1 
ATOM   197 C CG  . LEU A 1 32  ? 0.816   0.460   1.245   1.00 28.54  ? 29  LEU A CG  1 
ATOM   198 C CD1 . LEU A 1 32  ? 1.871   1.570   0.990   1.00 26.76  ? 29  LEU A CD1 1 
ATOM   199 C CD2 . LEU A 1 32  ? 1.277   -0.536  2.288   1.00 34.97  ? 29  LEU A CD2 1 
ATOM   200 N N   . TRP A 1 33  ? -3.696  1.623   1.363   1.00 28.80  ? 30  TRP A N   1 
ATOM   201 C CA  . TRP A 1 33  ? -4.855  2.425   1.746   1.00 28.37  ? 30  TRP A CA  1 
ATOM   202 C C   . TRP A 1 33  ? -5.907  1.575   2.455   1.00 30.17  ? 30  TRP A C   1 
ATOM   203 O O   . TRP A 1 33  ? -6.378  1.936   3.542   1.00 33.34  ? 30  TRP A O   1 
ATOM   204 C CB  . TRP A 1 33  ? -5.423  3.088   0.503   1.00 32.49  ? 30  TRP A CB  1 
ATOM   205 C CG  . TRP A 1 33  ? -6.501  4.007   0.734   1.00 37.54  ? 30  TRP A CG  1 
ATOM   206 C CD1 . TRP A 1 33  ? -7.829  3.815   0.453   1.00 43.84  ? 30  TRP A CD1 1 
ATOM   207 C CD2 . TRP A 1 33  ? -6.391  5.298   1.299   1.00 36.07  ? 30  TRP A CD2 1 
ATOM   208 N NE1 . TRP A 1 33  ? -8.551  4.939   0.789   1.00 44.93  ? 30  TRP A NE1 1 
ATOM   209 C CE2 . TRP A 1 33  ? -7.690  5.863   1.318   1.00 41.50  ? 30  TRP A CE2 1 
ATOM   210 C CE3 . TRP A 1 33  ? -5.322  6.051   1.766   1.00 36.74  ? 30  TRP A CE3 1 
ATOM   211 C CZ2 . TRP A 1 33  ? -7.939  7.149   1.789   1.00 50.00  ? 30  TRP A CZ2 1 
ATOM   212 C CZ3 . TRP A 1 33  ? -5.575  7.332   2.252   1.00 51.05  ? 30  TRP A CZ3 1 
ATOM   213 C CH2 . TRP A 1 33  ? -6.875  7.864   2.256   1.00 48.19  ? 30  TRP A CH2 1 
ATOM   214 N N   . HIS A 1 34  ? -6.202  0.403   1.900   1.00 30.10  ? 31  HIS A N   1 
ATOM   215 C CA  . HIS A 1 34  ? -7.173  -0.501  2.518   1.00 31.04  ? 31  HIS A CA  1 
ATOM   216 C C   . HIS A 1 34  ? -6.660  -1.013  3.874   1.00 36.93  ? 31  HIS A C   1 
ATOM   217 O O   . HIS A 1 34  ? -7.376  -1.011  4.887   1.00 30.83  ? 31  HIS A O   1 
ATOM   218 C CB  . HIS A 1 34  ? -7.455  -1.675  1.559   1.00 34.52  ? 31  HIS A CB  1 
ATOM   219 C CG  . HIS A 1 34  ? -8.298  -1.334  0.363   1.00 36.67  ? 31  HIS A CG  1 
ATOM   220 N ND1 . HIS A 1 34  ? -9.596  -0.881  0.466   1.00 53.29  ? 31  HIS A ND1 1 
ATOM   221 C CD2 . HIS A 1 34  ? -8.026  -1.393  -0.962  1.00 42.78  ? 31  HIS A CD2 1 
ATOM   222 C CE1 . HIS A 1 34  ? -10.088 -0.689  -0.745  1.00 56.67  ? 31  HIS A CE1 1 
ATOM   223 N NE2 . HIS A 1 34  ? -9.157  -0.997  -1.630  1.00 48.88  ? 31  HIS A NE2 1 
ATOM   224 N N   . LEU A 1 35  ? -5.395  -1.402  3.944   1.00 29.44  ? 32  LEU A N   1 
ATOM   225 C CA  . LEU A 1 35  ? -4.884  -1.840  5.229   1.00 28.68  ? 32  LEU A CA  1 
ATOM   226 C C   . LEU A 1 35  ? -4.900  -0.716  6.264   1.00 34.84  ? 32  LEU A C   1 
ATOM   227 O O   . LEU A 1 35  ? -5.102  -0.969  7.448   1.00 34.26  ? 32  LEU A O   1 
ATOM   228 C CB  . LEU A 1 35  ? -3.474  -2.402  5.053   1.00 30.09  ? 32  LEU A CB  1 
ATOM   229 C CG  . LEU A 1 35  ? -3.407  -3.640  4.163   1.00 26.00  ? 32  LEU A CG  1 
ATOM   230 C CD1 . LEU A 1 35  ? -1.968  -4.167  3.926   1.00 29.52  ? 32  LEU A CD1 1 
ATOM   231 C CD2 . LEU A 1 35  ? -4.262  -4.797  4.730   1.00 26.91  ? 32  LEU A CD2 1 
ATOM   232 N N   . GLY A 1 36  ? -4.607  0.531   5.879   1.00 30.05  ? 33  GLY A N   1 
ATOM   233 C CA  . GLY A 1 36  ? -4.591  1.559   6.903   1.00 30.78  ? 33  GLY A CA  1 
ATOM   234 C C   . GLY A 1 36  ? -5.965  2.046   7.312   1.00 31.44  ? 33  GLY A C   1 
ATOM   235 O O   . GLY A 1 36  ? -6.137  2.529   8.429   1.00 45.09  ? 33  GLY A O   1 
ATOM   236 N N   . LYS A 1 37  ? -6.924  1.993   6.417   1.00 35.68  ? 34  LYS A N   1 
ATOM   237 C CA  . LYS A 1 37  ? -8.237  2.572   6.666   1.00 38.81  ? 34  LYS A CA  1 
ATOM   238 C C   . LYS A 1 37  ? -9.172  1.551   7.278   1.00 50.23  ? 34  LYS A C   1 
ATOM   239 O O   . LYS A 1 37  ? -9.994  1.887   8.141   1.00 48.17  ? 34  LYS A O   1 
ATOM   240 C CB  . LYS A 1 37  ? -8.830  3.108   5.363   1.00 44.14  ? 34  LYS A CB  1 
ATOM   241 C CG  . LYS A 1 37  ? -8.093  4.277   4.779   1.00 47.71  ? 34  LYS A CG  1 
ATOM   242 C CD  . LYS A 1 37  ? -8.278  5.539   5.597   1.00 61.71  ? 34  LYS A CD  1 
ATOM   243 C CE  . LYS A 1 37  ? -8.973  6.644   4.775   1.00 72.84  ? 34  LYS A CE  1 
ATOM   244 N NZ  . LYS A 1 37  ? -10.090 7.328   5.519   1.00 80.33  ? 34  LYS A NZ  1 
ATOM   245 N N   . GLU A 1 38  ? -9.006  0.293   6.893   1.00 40.46  ? 35  GLU A N   1 
ATOM   246 C CA  . GLU A 1 38  ? -9.944  -0.750  7.268   1.00 36.58  ? 35  GLU A CA  1 
ATOM   247 C C   . GLU A 1 38  ? -9.360  -1.776  8.210   1.00 45.28  ? 35  GLU A C   1 
ATOM   248 O O   . GLU A 1 38  ? -10.125 -2.481  8.871   1.00 49.88  ? 35  GLU A O   1 
ATOM   249 C CB  . GLU A 1 38  ? -10.458 -1.458  6.013   1.00 33.85  ? 35  GLU A CB  1 
ATOM   250 C CG  . GLU A 1 38  ? -11.242 -0.537  5.115   1.00 51.99  ? 35  GLU A CG  1 
ATOM   251 C CD  . GLU A 1 38  ? -11.190 -0.923  3.647   1.00 58.67  ? 35  GLU A CD  1 
ATOM   252 O OE1 . GLU A 1 38  ? -10.962 -0.041  2.793   1.00 71.35  ? 35  GLU A OE1 1 
ATOM   253 O OE2 . GLU A 1 38  ? -11.383 -2.102  3.338   1.00 66.63  ? 35  GLU A OE2 1 
ATOM   254 N N   . GLY A 1 39  ? -8.046  -1.893  8.255   1.00 41.59  ? 36  GLY A N   1 
ATOM   255 C CA  . GLY A 1 39  ? -7.340  -2.746  9.173   1.00 41.20  ? 36  GLY A CA  1 
ATOM   256 C C   . GLY A 1 39  ? -6.879  -4.031  8.520   1.00 41.35  ? 36  GLY A C   1 
ATOM   257 O O   . GLY A 1 39  ? -6.762  -4.155  7.296   1.00 38.68  ? 36  GLY A O   1 
ATOM   258 N N   . THR A 1 40  ? -6.658  -5.024  9.377   1.00 35.42  ? 37  THR A N   1 
ATOM   259 C CA  . THR A 1 40  ? -6.121  -6.304  8.962   1.00 38.17  ? 37  THR A CA  1 
ATOM   260 C C   . THR A 1 40  ? -7.021  -6.991  7.949   1.00 36.56  ? 37  THR A C   1 
ATOM   261 O O   . THR A 1 40  ? -8.254  -7.032  8.094   1.00 37.58  ? 37  THR A O   1 
ATOM   262 C CB  . THR A 1 40  ? -5.957  -7.179  10.205  1.00 46.03  ? 37  THR A CB  1 
ATOM   263 O OG1 . THR A 1 40  ? -5.316  -6.406  11.222  1.00 43.51  ? 37  THR A OG1 1 
ATOM   264 C CG2 . THR A 1 40  ? -5.141  -8.395  9.917   1.00 40.30  ? 37  THR A CG2 1 
ATOM   265 N N   . LYS A 1 41  ? -6.384  -7.561  6.923   1.00 33.49  ? 38  LYS A N   1 
ATOM   266 C CA  . LYS A 1 41  ? -7.077  -8.295  5.876   1.00 34.50  ? 38  LYS A CA  1 
ATOM   267 C C   . LYS A 1 41  ? -6.371  -9.604  5.510   1.00 30.20  ? 38  LYS A C   1 
ATOM   268 O O   . LYS A 1 41  ? -5.142  -9.726  5.589   1.00 31.94  ? 38  LYS A O   1 
ATOM   269 C CB  . LYS A 1 41  ? -7.237  -7.464  4.598   1.00 32.94  ? 38  LYS A CB  1 
ATOM   270 C CG  . LYS A 1 41  ? -7.983  -6.176  4.794   1.00 36.20  ? 38  LYS A CG  1 
ATOM   271 C CD  . LYS A 1 41  ? -9.467  -6.318  4.850   1.00 43.46  ? 38  LYS A CD  1 
ATOM   272 C CE  . LYS A 1 41  ? -10.096 -5.013  5.325   1.00 57.94  ? 38  LYS A CE  1 
ATOM   273 N NZ  . LYS A 1 41  ? -11.079 -4.496  4.346   1.00 53.83  ? 38  LYS A NZ  1 
ATOM   274 N N   . ARG A 1 42  ? -7.177  -10.602 5.140   1.00 32.71  ? 39  ARG A N   1 
ATOM   275 C CA  . ARG A 1 42  ? -6.640  -11.791 4.502   1.00 28.44  ? 39  ARG A CA  1 
ATOM   276 C C   . ARG A 1 42  ? -6.437  -11.531 3.010   1.00 27.98  ? 39  ARG A C   1 
ATOM   277 O O   . ARG A 1 42  ? -7.039  -10.634 2.428   1.00 31.58  ? 39  ARG A O   1 
ATOM   278 C CB  . ARG A 1 42  ? -7.586  -12.977 4.741   1.00 32.94  ? 39  ARG A CB  1 
ATOM   279 C CG  . ARG A 1 42  ? -7.703  -13.265 6.231   1.00 33.29  ? 39  ARG A CG  1 
ATOM   280 C CD  . ARG A 1 42  ? -8.577  -14.458 6.526   1.00 47.41  ? 39  ARG A CD  1 
ATOM   281 N NE  . ARG A 1 42  ? -9.062  -14.379 7.899   1.00 55.22  ? 39  ARG A NE  1 
ATOM   282 C CZ  . ARG A 1 42  ? -9.613  -15.396 8.542   1.00 62.11  ? 39  ARG A CZ  1 
ATOM   283 N NH1 . ARG A 1 42  ? -9.736  -16.561 7.919   1.00 66.78  ? 39  ARG A NH1 1 
ATOM   284 N NH2 . ARG A 1 42  ? -10.044 -15.239 9.790   1.00 64.91  ? 39  ARG A NH2 1 
ATOM   285 N N   . PHE A 1 43  ? -5.635  -12.379 2.371   1.00 30.98  ? 40  PHE A N   1 
ATOM   286 C CA  . PHE A 1 43  ? -5.363  -12.229 0.939   1.00 28.53  ? 40  PHE A CA  1 
ATOM   287 C C   . PHE A 1 43  ? -6.631  -12.141 0.102   1.00 27.80  ? 40  PHE A C   1 
ATOM   288 O O   . PHE A 1 43  ? -6.723  -11.303 -0.808  1.00 30.33  ? 40  PHE A O   1 
ATOM   289 C CB  . PHE A 1 43  ? -4.492  -13.388 0.478   1.00 30.77  ? 40  PHE A CB  1 
ATOM   290 C CG  . PHE A 1 43  ? -4.064  -13.313 -0.933  1.00 30.95  ? 40  PHE A CG  1 
ATOM   291 C CD1 . PHE A 1 43  ? -4.897  -13.770 -1.941  1.00 29.29  ? 40  PHE A CD1 1 
ATOM   292 C CD2 . PHE A 1 43  ? -2.821  -12.772 -1.285  1.00 30.75  ? 40  PHE A CD2 1 
ATOM   293 C CE1 . PHE A 1 43  ? -4.513  -13.747 -3.240  1.00 29.75  ? 40  PHE A CE1 1 
ATOM   294 C CE2 . PHE A 1 43  ? -2.426  -12.769 -2.600  1.00 31.76  ? 40  PHE A CE2 1 
ATOM   295 C CZ  . PHE A 1 43  ? -3.303  -13.231 -3.589  1.00 31.59  ? 40  PHE A CZ  1 
ATOM   296 N N   . ASN A 1 44  ? -7.574  -13.052 0.323   1.00 29.71  ? 41  ASN A N   1 
ATOM   297 C CA  . ASN A 1 44  ? -8.796  -13.078 -0.525  1.00 31.77  ? 41  ASN A CA  1 
ATOM   298 C C   . ASN A 1 44  ? -9.612  -11.805 -0.345  1.00 32.33  ? 41  ASN A C   1 
ATOM   299 O O   . ASN A 1 44  ? -10.322 -11.435 -1.252  1.00 35.79  ? 41  ASN A O   1 
ATOM   300 C CB  . ASN A 1 44  ? -9.634  -14.344 -0.410  1.00 39.93  ? 41  ASN A CB  1 
ATOM   301 C CG  . ASN A 1 44  ? -10.422 -14.571 -1.681  1.00 78.54  ? 41  ASN A CG  1 
ATOM   302 O OD1 . ASN A 1 44  ? -9.863  -14.520 -2.773  1.00 78.91  ? 41  ASN A OD1 1 
ATOM   303 N ND2 . ASN A 1 44  ? -11.718 -14.800 -1.563  1.00 76.85  ? 41  ASN A ND2 1 
ATOM   304 N N   . GLU A 1 45  ? -9.577  -11.249 0.849   1.00 35.19  ? 42  GLU A N   1 
ATOM   305 C CA  . GLU A 1 45  ? -10.288 -9.999  1.096   1.00 33.02  ? 42  GLU A CA  1 
ATOM   306 C C   . GLU A 1 45  ? -9.700  -8.871  0.268   1.00 37.89  ? 42  GLU A C   1 
ATOM   307 O O   . GLU A 1 45  ? -10.428 -8.079  -0.334  1.00 36.82  ? 42  GLU A O   1 
ATOM   308 C CB  . GLU A 1 45  ? -10.249 -9.639  2.579   1.00 35.39  ? 42  GLU A CB  1 
ATOM   309 C CG  . GLU A 1 45  ? -10.913 -10.607 3.498   1.00 51.78  ? 42  GLU A CG  1 
ATOM   310 C CD  . GLU A 1 45  ? -10.958 -10.087 4.930   1.00 51.92  ? 42  GLU A CD  1 
ATOM   311 O OE1 . GLU A 1 45  ? -9.961  -10.196 5.664   1.00 41.67  ? 42  GLU A OE1 1 
ATOM   312 O OE2 . GLU A 1 45  ? -12.024 -9.576  5.328   1.00 75.09  ? 42  GLU A OE2 1 
ATOM   313 N N   . LEU A 1 46  ? -8.366  -8.782  0.222   1.00 35.78  ? 43  LEU A N   1 
ATOM   314 C CA  . LEU A 1 46  ? -7.733  -7.766  -0.612  1.00 33.03  ? 43  LEU A CA  1 
ATOM   315 C C   . LEU A 1 46  ? -8.036  -8.026  -2.082  1.00 41.56  ? 43  LEU A C   1 
ATOM   316 O O   . LEU A 1 46  ? -8.257  -7.089  -2.862  1.00 37.69  ? 43  LEU A O   1 
ATOM   317 C CB  . LEU A 1 46  ? -6.201  -7.732  -0.342  1.00 30.71  ? 43  LEU A CB  1 
ATOM   318 C CG  . LEU A 1 46  ? -5.799  -7.024  0.942   1.00 37.26  ? 43  LEU A CG  1 
ATOM   319 C CD1 . LEU A 1 46  ? -4.309  -7.328  1.213   1.00 32.48  ? 43  LEU A CD1 1 
ATOM   320 C CD2 . LEU A 1 46  ? -6.071  -5.563  0.874   1.00 36.21  ? 43  LEU A CD2 1 
ATOM   321 N N   . LYS A 1 47  ? -8.073  -9.302  -2.471  1.00 33.50  ? 44  LYS A N   1 
ATOM   322 C CA  . LYS A 1 47  ? -8.268  -9.647  -3.875  1.00 36.58  ? 44  LYS A CA  1 
ATOM   323 C C   . LYS A 1 47  ? -9.645  -9.199  -4.344  1.00 44.30  ? 44  LYS A C   1 
ATOM   324 O O   . LYS A 1 47  ? -9.825  -8.767  -5.487  1.00 52.51  ? 44  LYS A O   1 
ATOM   325 C CB  . LYS A 1 47  ? -8.101  -11.151 -4.093  1.00 44.09  ? 44  LYS A CB  1 
ATOM   326 C CG  . LYS A 1 47  ? -8.231  -11.530 -5.550  1.00 49.22  ? 44  LYS A CG  1 
ATOM   327 C CD  . LYS A 1 47  ? -7.066  -12.370 -5.971  1.00 46.96  ? 44  LYS A CD  1 
ATOM   328 C CE  . LYS A 1 47  ? -6.810  -12.272 -7.458  1.00 52.94  ? 44  LYS A CE  1 
ATOM   329 N NZ  . LYS A 1 47  ? -7.856  -12.941 -8.250  1.00 59.67  ? 44  LYS A NZ  1 
ATOM   330 N N   . THR A 1 48  ? -10.619 -9.328  -3.459  1.00 39.08  ? 45  THR A N   1 
ATOM   331 C CA  . THR A 1 48  ? -12.003 -8.869  -3.715  1.00 50.99  ? 45  THR A CA  1 
ATOM   332 C C   . THR A 1 48  ? -12.052 -7.335  -3.763  1.00 55.53  ? 45  THR A C   1 
ATOM   333 O O   . THR A 1 48  ? -12.679 -6.800  -4.666  1.00 56.39  ? 45  THR A O   1 
ATOM   334 C CB  . THR A 1 48  ? -12.938 -9.413  -2.634  1.00 42.35  ? 45  THR A CB  1 
ATOM   335 O OG1 . THR A 1 48  ? -12.847 -10.829 -2.677  1.00 48.99  ? 45  THR A OG1 1 
ATOM   336 C CG2 . THR A 1 48  ? -14.377 -9.019  -2.847  1.00 52.30  ? 45  THR A CG2 1 
ATOM   337 N N   . LEU A 1 49  ? -11.360 -6.662  -2.847  1.00 42.65  ? 46  LEU A N   1 
ATOM   338 C CA  . LEU A 1 49  ? -11.380 -5.183  -2.777  1.00 47.23  ? 46  LEU A CA  1 
ATOM   339 C C   . LEU A 1 49  ? -10.718 -4.558  -4.004  1.00 53.17  ? 46  LEU A C   1 
ATOM   340 O O   . LEU A 1 49  ? -10.970 -3.383  -4.244  1.00 63.11  ? 46  LEU A O   1 
ATOM   341 C CB  . LEU A 1 49  ? -10.704 -4.705  -1.496  1.00 53.79  ? 46  LEU A CB  1 
ATOM   342 C CG  . LEU A 1 49  ? -11.476 -4.948  -0.209  1.00 48.91  ? 46  LEU A CG  1 
ATOM   343 C CD1 . LEU A 1 49  ? -10.627 -4.608  0.991   1.00 47.72  ? 46  LEU A CD1 1 
ATOM   344 C CD2 . LEU A 1 49  ? -12.753 -4.137  -0.194  1.00 50.34  ? 46  LEU A CD2 1 
ATOM   345 N N   . ILE A 1 50  ? -9.875  -5.295  -4.707  1.00 42.93  ? 47  ILE A N   1 
ATOM   346 C CA  . ILE A 1 50  ? -9.110  -4.758  -5.832  1.00 48.92  ? 47  ILE A CA  1 
ATOM   347 C C   . ILE A 1 50  ? -9.382  -5.659  -7.031  1.00 49.78  ? 47  ILE A C   1 
ATOM   348 O O   . ILE A 1 50  ? -8.504  -6.423  -7.465  1.00 53.19  ? 47  ILE A O   1 
ATOM   349 C CB  . ILE A 1 50  ? -7.612  -4.677  -5.493  1.00 42.41  ? 47  ILE A CB  1 
ATOM   350 C CG1 . ILE A 1 50  ? -7.441  -4.163  -4.064  1.00 37.45  ? 47  ILE A CG1 1 
ATOM   351 C CG2 . ILE A 1 50  ? -6.873  -3.757  -6.453  1.00 41.21  ? 47  ILE A CG2 1 
ATOM   352 C CD1 . ILE A 1 50  ? -5.957  -4.072  -3.601  1.00 40.80  ? 47  ILE A CD1 1 
ATOM   353 N N   . PRO A 1 51  ? -10.575 -5.589  -7.617  1.00 62.32  ? 48  PRO A N   1 
ATOM   354 C CA  . PRO A 1 51  ? -10.975 -6.642  -8.563  1.00 58.85  ? 48  PRO A CA  1 
ATOM   355 C C   . PRO A 1 51  ? -10.109 -6.721  -9.808  1.00 61.74  ? 48  PRO A C   1 
ATOM   356 O O   . PRO A 1 51  ? -10.063 -7.784  -10.437 1.00 73.38  ? 48  PRO A O   1 
ATOM   357 C CB  . PRO A 1 51  ? -12.423 -6.274  -8.919  1.00 61.13  ? 48  PRO A CB  1 
ATOM   358 C CG  . PRO A 1 51  ? -12.855 -5.191  -7.916  1.00 56.89  ? 48  PRO A CG  1 
ATOM   359 C CD  . PRO A 1 51  ? -11.573 -4.505  -7.522  1.00 59.99  ? 48  PRO A CD  1 
ATOM   360 N N   . ASP A 1 52  ? -9.422  -5.648  -10.193 1.00 50.88  ? 49  ASP A N   1 
ATOM   361 C CA  . ASP A 1 52  ? -8.612  -5.700  -11.398 1.00 54.15  ? 49  ASP A CA  1 
ATOM   362 C C   . ASP A 1 52  ? -7.281  -6.417  -11.205 1.00 57.71  ? 49  ASP A C   1 
ATOM   363 O O   . ASP A 1 52  ? -6.589  -6.680  -12.194 1.00 61.63  ? 49  ASP A O   1 
ATOM   364 C CB  . ASP A 1 52  ? -8.357  -4.272  -11.900 1.00 67.58  ? 49  ASP A CB  1 
ATOM   365 C CG  . ASP A 1 52  ? -9.647  -3.510  -12.180 1.00 89.24  ? 49  ASP A CG  1 
ATOM   366 O OD1 . ASP A 1 52  ? -9.872  -2.441  -11.561 1.00 83.95  ? 49  ASP A OD1 1 
ATOM   367 O OD2 . ASP A 1 52  ? -10.439 -3.999  -13.019 1.00 100.35 ? 49  ASP A OD2 1 
ATOM   368 N N   . ILE A 1 53  ? -6.894  -6.721  -9.972  1.00 50.61  ? 50  ILE A N   1 
ATOM   369 C CA  . ILE A 1 53  ? -5.583  -7.298  -9.695  1.00 51.08  ? 50  ILE A CA  1 
ATOM   370 C C   . ILE A 1 53  ? -5.643  -8.809  -9.867  1.00 45.19  ? 50  ILE A C   1 
ATOM   371 O O   . ILE A 1 53  ? -6.654  -9.448  -9.563  1.00 43.76  ? 50  ILE A O   1 
ATOM   372 C CB  . ILE A 1 53  ? -5.113  -6.901  -8.278  1.00 45.34  ? 50  ILE A CB  1 
ATOM   373 C CG1 . ILE A 1 53  ? -3.590  -6.935  -8.175  1.00 44.83  ? 50  ILE A CG1 1 
ATOM   374 C CG2 . ILE A 1 53  ? -5.738  -7.802  -7.239  1.00 40.20  ? 50  ILE A CG2 1 
ATOM   375 C CD1 . ILE A 1 53  ? -3.105  -6.277  -6.910  1.00 36.75  ? 50  ILE A CD1 1 
ATOM   376 N N   . THR A 1 54  ? -4.559  -9.387  -10.375 1.00 42.60  ? 51  THR A N   1 
ATOM   377 C CA  . THR A 1 54  ? -4.434  -10.839 -10.458 1.00 36.72  ? 51  THR A CA  1 
ATOM   378 C C   . THR A 1 54  ? -3.794  -11.443 -9.211  1.00 42.61  ? 51  THR A C   1 
ATOM   379 O O   . THR A 1 54  ? -3.145  -10.752 -8.422  1.00 34.26  ? 51  THR A O   1 
ATOM   380 C CB  . THR A 1 54  ? -3.630  -11.240 -11.684 1.00 40.94  ? 51  THR A CB  1 
ATOM   381 O OG1 . THR A 1 54  ? -2.241  -10.885 -11.523 1.00 42.90  ? 51  THR A OG1 1 
ATOM   382 C CG2 . THR A 1 54  ? -4.184  -10.538 -12.895 1.00 43.56  ? 51  THR A CG2 1 
ATOM   383 N N   . GLN A 1 55  ? -4.012  -12.751 -9.009  1.00 35.45  ? 52  GLN A N   1 
ATOM   384 C CA  . GLN A 1 55  ? -3.396  -13.396 -7.854  1.00 32.61  ? 52  GLN A CA  1 
ATOM   385 C C   . GLN A 1 55  ? -1.894  -13.168 -7.869  1.00 38.49  ? 52  GLN A C   1 
ATOM   386 O O   . GLN A 1 55  ? -1.303  -12.868 -6.829  1.00 33.50  ? 52  GLN A O   1 
ATOM   387 C CB  . GLN A 1 55  ? -3.692  -14.906 -7.814  1.00 31.68  ? 52  GLN A CB  1 
ATOM   388 C CG  . GLN A 1 55  ? -3.008  -15.650 -6.742  1.00 44.12  ? 52  GLN A CG  1 
ATOM   389 C CD  . GLN A 1 55  ? -3.481  -17.094 -6.618  1.00 47.52  ? 52  GLN A CD  1 
ATOM   390 O OE1 . GLN A 1 55  ? -4.676  -17.354 -6.561  1.00 43.04  ? 52  GLN A OE1 1 
ATOM   391 N NE2 . GLN A 1 55  ? -2.544  -18.025 -6.540  1.00 48.03  ? 52  GLN A NE2 1 
ATOM   392 N N   . LYS A 1 56  ? -1.255  -13.403 -9.031  1.00 34.83  ? 53  LYS A N   1 
ATOM   393 C CA  . LYS A 1 56  ? 0.192   -13.313 -9.144  1.00 36.79  ? 53  LYS A CA  1 
ATOM   394 C C   . LYS A 1 56  ? 0.669   -11.942 -8.751  1.00 33.09  ? 53  LYS A C   1 
ATOM   395 O O   . LYS A 1 56  ? 1.668   -11.821 -8.031  1.00 33.10  ? 53  LYS A O   1 
ATOM   396 C CB  . LYS A 1 56  ? 0.657   -13.616 -10.565 1.00 36.62  ? 53  LYS A CB  1 
ATOM   397 C CG  . LYS A 1 56  ? 2.115   -13.281 -10.793 1.00 52.22  ? 53  LYS A CG  1 
ATOM   398 C CD  . LYS A 1 56  ? 2.810   -14.239 -11.706 1.00 50.66  ? 53  LYS A CD  1 
ATOM   399 C CE  . LYS A 1 56  ? 4.316   -14.153 -11.531 1.00 47.01  ? 53  LYS A CE  1 
ATOM   400 N NZ  . LYS A 1 56  ? 4.806   -12.771 -11.842 1.00 54.29  ? 53  LYS A NZ  1 
ATOM   401 N N   . ILE A 1 57  ? 0.031   -10.916 -9.287  1.00 37.15  ? 54  ILE A N   1 
ATOM   402 C CA  . ILE A 1 57  ? 0.409   -9.503  -9.000  1.00 35.18  ? 54  ILE A CA  1 
ATOM   403 C C   . ILE A 1 57  ? 0.172   -9.154  -7.533  1.00 30.22  ? 54  ILE A C   1 
ATOM   404 O O   . ILE A 1 57  ? 1.048   -8.574  -6.931  1.00 31.70  ? 54  ILE A O   1 
ATOM   405 C CB  . ILE A 1 57  ? -0.355  -8.549  -9.929  1.00 45.19  ? 54  ILE A CB  1 
ATOM   406 C CG1 . ILE A 1 57  ? 0.108   -8.716  -11.370 1.00 48.28  ? 54  ILE A CG1 1 
ATOM   407 C CG2 . ILE A 1 57  ? -0.226  -7.116  -9.463  1.00 37.73  ? 54  ILE A CG2 1 
ATOM   408 C CD1 . ILE A 1 57  ? -0.691  -7.920  -12.353 1.00 47.69  ? 54  ILE A CD1 1 
ATOM   409 N N   . LEU A 1 58  ? -0.957  -9.546  -6.966  1.00 31.21  ? 55  LEU A N   1 
ATOM   410 C CA  . LEU A 1 58  ? -1.198  -9.211  -5.545  1.00 27.90  ? 55  LEU A CA  1 
ATOM   411 C C   . LEU A 1 58  ? -0.152  -9.917  -4.672  1.00 33.13  ? 55  LEU A C   1 
ATOM   412 O O   . LEU A 1 58  ? 0.333   -9.310  -3.746  1.00 30.22  ? 55  LEU A O   1 
ATOM   413 C CB  . LEU A 1 58  ? -2.630  -9.584  -5.159  1.00 26.90  ? 55  LEU A CB  1 
ATOM   414 C CG  . LEU A 1 58  ? -3.011  -9.278  -3.718  1.00 31.81  ? 55  LEU A CG  1 
ATOM   415 C CD1 . LEU A 1 58  ? -2.806  -7.818  -3.381  1.00 32.32  ? 55  LEU A CD1 1 
ATOM   416 C CD2 . LEU A 1 58  ? -4.431  -9.686  -3.421  1.00 34.21  ? 55  LEU A CD2 1 
ATOM   417 N N   . VAL A 1 59  ? 0.182   -11.162 -4.995  1.00 30.08  ? 56  VAL A N   1 
ATOM   418 C CA  . VAL A 1 59  ? 1.216   -11.882 -4.212  1.00 29.89  ? 56  VAL A CA  1 
ATOM   419 C C   . VAL A 1 59  ? 2.559   -11.155 -4.329  1.00 34.70  ? 56  VAL A C   1 
ATOM   420 O O   . VAL A 1 59  ? 3.147   -10.875 -3.316  1.00 32.88  ? 56  VAL A O   1 
ATOM   421 C CB  . VAL A 1 59  ? 1.360   -13.336 -4.680  1.00 29.03  ? 56  VAL A CB  1 
ATOM   422 C CG1 . VAL A 1 59  ? 2.670   -13.921 -4.192  1.00 32.18  ? 56  VAL A CG1 1 
ATOM   423 C CG2 . VAL A 1 59  ? 0.194   -14.172 -4.198  1.00 29.07  ? 56  VAL A CG2 1 
ATOM   424 N N   A ASN A 1 60  ? 2.898   -10.688 -5.531  0.49 31.23  ? 57  ASN A N   1 
ATOM   425 N N   B ASN A 1 60  ? 2.901   -10.706 -5.532  0.51 31.10  ? 57  ASN A N   1 
ATOM   426 C CA  A ASN A 1 60  ? 4.186   -9.978  -5.770  0.49 33.36  ? 57  ASN A CA  1 
ATOM   427 C CA  B ASN A 1 60  ? 4.196   -10.002 -5.727  0.51 33.37  ? 57  ASN A CA  1 
ATOM   428 C C   A ASN A 1 60  ? 4.244   -8.643  -5.023  0.49 35.98  ? 57  ASN A C   1 
ATOM   429 C C   B ASN A 1 60  ? 4.234   -8.660  -4.986  0.51 35.94  ? 57  ASN A C   1 
ATOM   430 O O   A ASN A 1 60  ? 5.205   -8.429  -4.289  0.49 33.85  ? 57  ASN A O   1 
ATOM   431 O O   B ASN A 1 60  ? 5.204   -8.418  -4.277  0.51 33.82  ? 57  ASN A O   1 
ATOM   432 C CB  A ASN A 1 60  ? 4.392   -9.672  -7.255  0.49 31.90  ? 57  ASN A CB  1 
ATOM   433 C CB  B ASN A 1 60  ? 4.500   -9.751  -7.199  0.51 32.31  ? 57  ASN A CB  1 
ATOM   434 C CG  A ASN A 1 60  ? 4.669   -10.907 -8.081  0.49 42.55  ? 57  ASN A CG  1 
ATOM   435 C CG  B ASN A 1 60  ? 5.808   -9.009  -7.333  0.51 38.16  ? 57  ASN A CG  1 
ATOM   436 O OD1 A ASN A 1 60  ? 4.904   -11.985 -7.547  0.49 48.86  ? 57  ASN A OD1 1 
ATOM   437 O OD1 B ASN A 1 60  ? 6.869   -9.607  -7.216  0.51 49.19  ? 57  ASN A OD1 1 
ATOM   438 N ND2 A ASN A 1 60  ? 4.647   -10.754 -9.390  0.49 45.88  ? 57  ASN A ND2 1 
ATOM   439 N ND2 B ASN A 1 60  ? 5.738   -7.702  -7.501  0.51 39.00  ? 57  ASN A ND2 1 
ATOM   440 N N   . GLN A 1 61  ? 3.144   -7.898  -5.023  1.00 30.69  ? 58  GLN A N   1 
ATOM   441 C CA  . GLN A 1 61  ? 3.079   -6.572  -4.371  1.00 29.41  ? 58  GLN A CA  1 
ATOM   442 C C   . GLN A 1 61  ? 3.121   -6.742  -2.850  1.00 29.70  ? 58  GLN A C   1 
ATOM   443 O O   . GLN A 1 61  ? 3.816   -5.987  -2.230  1.00 28.81  ? 58  GLN A O   1 
ATOM   444 C CB  . GLN A 1 61  ? 1.862   -5.789  -4.839  1.00 29.07  ? 58  GLN A CB  1 
ATOM   445 C CG  . GLN A 1 61  ? 1.792   -5.615  -6.339  1.00 32.40  ? 58  GLN A CG  1 
ATOM   446 C CD  . GLN A 1 61  ? 2.939   -4.802  -6.869  1.00 46.72  ? 58  GLN A CD  1 
ATOM   447 O OE1 . GLN A 1 61  ? 3.915   -5.331  -7.362  1.00 54.09  ? 58  GLN A OE1 1 
ATOM   448 N NE2 . GLN A 1 61  ? 2.827   -3.500  -6.770  1.00 36.84  ? 58  GLN A NE2 1 
ATOM   449 N N   . LEU A 1 62  ? 2.386   -7.706  -2.296  1.00 26.05  ? 59  LEU A N   1 
ATOM   450 C CA  . LEU A 1 62  ? 2.411   -7.925  -0.865  1.00 24.31  ? 59  LEU A CA  1 
ATOM   451 C C   . LEU A 1 62  ? 3.781   -8.421  -0.425  1.00 31.12  ? 59  LEU A C   1 
ATOM   452 O O   . LEU A 1 62  ? 4.257   -8.079  0.673   1.00 30.30  ? 59  LEU A O   1 
ATOM   453 C CB  . LEU A 1 62  ? 1.338   -8.943  -0.465  1.00 25.87  ? 59  LEU A CB  1 
ATOM   454 C CG  . LEU A 1 62  ? -0.094  -8.397  -0.380  1.00 24.28  ? 59  LEU A CG  1 
ATOM   455 C CD1 . LEU A 1 62  ? -1.066  -9.538  -0.256  1.00 26.68  ? 59  LEU A CD1 1 
ATOM   456 C CD2 . LEU A 1 62  ? -0.230  -7.399  0.789   1.00 28.85  ? 59  LEU A CD2 1 
ATOM   457 N N   . ARG A 1 63  ? 4.416   -9.255  -1.262  1.00 29.93  ? 60  ARG A N   1 
ATOM   458 C CA  . ARG A 1 63  ? 5.734   -9.766  -0.899  1.00 29.32  ? 60  ARG A CA  1 
ATOM   459 C C   . ARG A 1 63  ? 6.733   -8.632  -0.846  1.00 30.52  ? 60  ARG A C   1 
ATOM   460 O O   . ARG A 1 63  ? 7.580   -8.579  0.055   1.00 30.22  ? 60  ARG A O   1 
ATOM   461 C CB  . ARG A 1 63  ? 6.216   -10.786 -1.904  1.00 33.92  ? 60  ARG A CB  1 
ATOM   462 C CG  . ARG A 1 63  ? 7.458   -11.541 -1.415  1.00 50.83  ? 60  ARG A CG  1 
ATOM   463 C CD  . ARG A 1 63  ? 8.439   -11.803 -2.544  1.00 69.92  ? 60  ARG A CD  1 
ATOM   464 N NE  . ARG A 1 63  ? 7.825   -12.534 -3.654  1.00 92.41  ? 60  ARG A NE  1 
ATOM   465 C CZ  . ARG A 1 63  ? 7.454   -11.985 -4.811  1.00 72.70  ? 60  ARG A CZ  1 
ATOM   466 N NH1 . ARG A 1 63  ? 7.625   -10.679 -5.026  1.00 57.19  ? 60  ARG A NH1 1 
ATOM   467 N NH2 . ARG A 1 63  ? 6.900   -12.745 -5.756  1.00 66.26  ? 60  ARG A NH2 1 
ATOM   468 N N   . GLU A 1 64  ? 6.660   -7.723  -1.821  1.00 27.51  ? 61  GLU A N   1 
ATOM   469 C CA  . GLU A 1 64  ? 7.582   -6.572  -1.840  1.00 29.23  ? 61  GLU A CA  1 
ATOM   470 C C   . GLU A 1 64  ? 7.321   -5.638  -0.661  1.00 33.45  ? 61  GLU A C   1 
ATOM   471 O O   . GLU A 1 64  ? 8.251   -5.204  0.026   1.00 28.43  ? 61  GLU A O   1 
ATOM   472 C CB  . GLU A 1 64  ? 7.475   -5.786  -3.149  1.00 30.81  ? 61  GLU A CB  1 
ATOM   473 C CG  . GLU A 1 64  ? 8.000   -6.544  -4.342  1.00 32.25  ? 61  GLU A CG  1 
ATOM   474 C CD  . GLU A 1 64  ? 8.109   -5.720  -5.576  1.00 42.95  ? 61  GLU A CD  1 
ATOM   475 O OE1 . GLU A 1 64  ? 7.760   -4.507  -5.575  1.00 42.40  ? 61  GLU A OE1 1 
ATOM   476 O OE2 . GLU A 1 64  ? 8.570   -6.299  -6.576  1.00 45.93  ? 61  GLU A OE2 1 
ATOM   477 N N   . LEU A 1 65  ? 6.051   -5.367  -0.371  1.00 24.33  ? 62  LEU A N   1 
ATOM   478 C CA  . LEU A 1 65  ? 5.697   -4.561  0.785   1.00 27.22  ? 62  LEU A CA  1 
ATOM   479 C C   . LEU A 1 65  ? 6.163   -5.190  2.085   1.00 30.29  ? 62  LEU A C   1 
ATOM   480 O O   . LEU A 1 65  ? 6.605   -4.478  2.995   1.00 31.09  ? 62  LEU A O   1 
ATOM   481 C CB  . LEU A 1 65  ? 4.190   -4.324  0.769   1.00 29.03  ? 62  LEU A CB  1 
ATOM   482 C CG  . LEU A 1 65  ? 3.785   -3.309  -0.290  1.00 24.60  ? 62  LEU A CG  1 
ATOM   483 C CD1 . LEU A 1 65  ? 2.302   -3.338  -0.409  1.00 27.05  ? 62  LEU A CD1 1 
ATOM   484 C CD2 . LEU A 1 65  ? 4.246   -1.920  0.002   1.00 26.68  ? 62  LEU A CD2 1 
ATOM   485 N N   . GLU A 1 66  ? 6.068   -6.515  2.201   1.00 27.54  ? 63  GLU A N   1 
ATOM   486 C CA  . GLU A 1 66  ? 6.572   -7.193  3.384   1.00 26.83  ? 63  GLU A CA  1 
ATOM   487 C C   . GLU A 1 66  ? 8.092   -7.094  3.466   1.00 31.46  ? 63  GLU A C   1 
ATOM   488 O O   . GLU A 1 66  ? 8.638   -6.798  4.526   1.00 31.65  ? 63  GLU A O   1 
ATOM   489 C CB  . GLU A 1 66  ? 6.104   -8.658  3.389   1.00 26.97  ? 63  GLU A CB  1 
ATOM   490 C CG  . GLU A 1 66  ? 6.559   -9.401  4.636   1.00 28.38  ? 63  GLU A CG  1 
ATOM   491 C CD  . GLU A 1 66  ? 6.219   -10.889 4.640   1.00 41.19  ? 63  GLU A CD  1 
ATOM   492 O OE1 . GLU A 1 66  ? 5.691   -11.417 3.622   1.00 44.85  ? 63  GLU A OE1 1 
ATOM   493 O OE2 . GLU A 1 66  ? 6.498   -11.536 5.681   1.00 43.25  ? 63  GLU A OE2 1 
ATOM   494 N N   . GLN A 1 67  ? 8.794   -7.340  2.366   1.00 28.37  ? 64  GLN A N   1 
ATOM   495 C CA  . GLN A 1 67  ? 10.257  -7.313  2.399   1.00 28.43  ? 64  GLN A CA  1 
ATOM   496 C C   . GLN A 1 67  ? 10.765  -5.911  2.694   1.00 34.71  ? 64  GLN A C   1 
ATOM   497 O O   . GLN A 1 67  ? 11.827  -5.713  3.316   1.00 33.39  ? 64  GLN A O   1 
ATOM   498 C CB  . GLN A 1 67  ? 10.821  -7.792  1.068   1.00 34.40  ? 64  GLN A CB  1 
ATOM   499 C CG  . GLN A 1 67  ? 10.770  -9.328  0.890   1.00 42.60  ? 64  GLN A CG  1 
ATOM   500 C CD  . GLN A 1 67  ? 11.206  -9.792  -0.488  1.00 55.88  ? 64  GLN A CD  1 
ATOM   501 O OE1 . GLN A 1 67  ? 10.701  -10.784 -1.013  1.00 72.14  ? 64  GLN A OE1 1 
ATOM   502 N NE2 . GLN A 1 67  ? 12.154  -9.086  -1.075  1.00 58.19  ? 64  GLN A NE2 1 
ATOM   503 N N   . ASP A 1 68  ? 9.975   -4.933  2.306   1.00 29.63  ? 65  ASP A N   1 
ATOM   504 C CA  . ASP A 1 68  ? 10.284  -3.540  2.578   1.00 30.51  ? 65  ASP A CA  1 
ATOM   505 C C   . ASP A 1 68  ? 9.870   -3.065  3.968   1.00 31.28  ? 65  ASP A C   1 
ATOM   506 O O   . ASP A 1 68  ? 10.063  -1.886  4.291   1.00 33.17  ? 65  ASP A O   1 
ATOM   507 C CB  . ASP A 1 68  ? 9.626   -2.645  1.544   1.00 29.17  ? 65  ASP A CB  1 
ATOM   508 C CG  . ASP A 1 68  ? 10.316  -2.680  0.190   1.00 35.57  ? 65  ASP A CG  1 
ATOM   509 O OD1 . ASP A 1 68  ? 11.244  -3.483  -0.004  1.00 34.79  ? 65  ASP A OD1 1 
ATOM   510 O OD2 . ASP A 1 68  ? 9.900   -1.928  -0.712  1.00 36.18  ? 65  ASP A OD2 1 
ATOM   511 N N   . MET A 1 69  ? 9.312   -3.936  4.784   1.00 29.84  ? 66  MET A N   1 
ATOM   512 C CA  . MET A 1 69  ? 8.932   -3.664  6.168   1.00 30.25  ? 66  MET A CA  1 
ATOM   513 C C   . MET A 1 69  ? 7.811   -2.652  6.276   1.00 31.43  ? 66  MET A C   1 
ATOM   514 O O   . MET A 1 69  ? 7.671   -2.009  7.318   1.00 30.34  ? 66  MET A O   1 
ATOM   515 C CB  . MET A 1 69  ? 10.158  -3.232  6.999   1.00 33.76  ? 66  MET A CB  1 
ATOM   516 C CG  . MET A 1 69  ? 11.161  -4.373  7.045   1.00 40.72  ? 66  MET A CG  1 
ATOM   517 S SD  . MET A 1 69  ? 12.732  -3.892  7.749   1.00 48.36  ? 66  MET A SD  1 
ATOM   518 C CE  . MET A 1 69  ? 13.342  -2.725  6.552   1.00 45.17  ? 66  MET A CE  1 
ATOM   519 N N   . ILE A 1 70  ? 6.958   -2.610  5.250   1.00 28.49  ? 67  ILE A N   1 
ATOM   520 C CA  . ILE A 1 70  ? 5.748   -1.786  5.231   1.00 30.01  ? 67  ILE A CA  1 
ATOM   521 C C   . ILE A 1 70  ? 4.496   -2.565  5.648   1.00 28.41  ? 67  ILE A C   1 
ATOM   522 O O   . ILE A 1 70  ? 3.600   -2.015  6.293   1.00 26.90  ? 67  ILE A O   1 
ATOM   523 C CB  . ILE A 1 70  ? 5.554   -1.157  3.829   1.00 30.15  ? 67  ILE A CB  1 
ATOM   524 C CG1 . ILE A 1 70  ? 6.841   -0.526  3.347   1.00 36.81  ? 67  ILE A CG1 1 
ATOM   525 C CG2 . ILE A 1 70  ? 4.419   -0.144  3.882   1.00 38.56  ? 67  ILE A CG2 1 
ATOM   526 C CD1 . ILE A 1 70  ? 7.435   0.325   4.339   1.00 30.76  ? 67  ILE A CD1 1 
ATOM   527 N N   . VAL A 1 71  ? 4.424   -3.842  5.282   1.00 26.53  ? 68  VAL A N   1 
ATOM   528 C CA  . VAL A 1 71  ? 3.313   -4.748  5.572   1.00 26.01  ? 68  VAL A CA  1 
ATOM   529 C C   . VAL A 1 71  ? 3.879   -5.876  6.417   1.00 28.03  ? 68  VAL A C   1 
ATOM   530 O O   . VAL A 1 71  ? 4.997   -6.367  6.179   1.00 29.81  ? 68  VAL A O   1 
ATOM   531 C CB  . VAL A 1 71  ? 2.647   -5.290  4.288   1.00 29.03  ? 68  VAL A CB  1 
ATOM   532 C CG1 . VAL A 1 71  ? 1.701   -6.507  4.574   1.00 26.00  ? 68  VAL A CG1 1 
ATOM   533 C CG2 . VAL A 1 71  ? 1.883   -4.171  3.598   1.00 30.94  ? 68  VAL A CG2 1 
ATOM   534 N N   . HIS A 1 72  ? 3.115   -6.213  7.440   1.00 26.75  ? 69  HIS A N   1 
ATOM   535 C CA  . HIS A 1 72  ? 3.324   -7.379  8.283   1.00 28.35  ? 69  HIS A CA  1 
ATOM   536 C C   . HIS A 1 72  ? 2.433   -8.497  7.776   1.00 28.36  ? 69  HIS A C   1 
ATOM   537 O O   . HIS A 1 72  ? 1.227   -8.297  7.631   1.00 29.32  ? 69  HIS A O   1 
ATOM   538 C CB  . HIS A 1 72  ? 2.992   -7.002  9.727   1.00 34.91  ? 69  HIS A CB  1 
ATOM   539 C CG  . HIS A 1 72  ? 3.299   -8.066  10.715  1.00 39.22  ? 69  HIS A CG  1 
ATOM   540 N ND1 . HIS A 1 72  ? 4.588   -8.375  11.097  1.00 45.98  ? 69  HIS A ND1 1 
ATOM   541 C CD2 . HIS A 1 72  ? 2.487   -8.915  11.384  1.00 43.95  ? 69  HIS A CD2 1 
ATOM   542 C CE1 . HIS A 1 72  ? 4.552   -9.371  11.968  1.00 49.30  ? 69  HIS A CE1 1 
ATOM   543 N NE2 . HIS A 1 72  ? 3.290   -9.712  12.158  1.00 42.96  ? 69  HIS A NE2 1 
ATOM   544 N N   . ARG A 1 73  ? 3.014   -9.688  7.584   1.00 29.56  ? 70  ARG A N   1 
ATOM   545 C CA  . ARG A 1 73  ? 2.274   -10.912 7.287   1.00 26.47  ? 70  ARG A CA  1 
ATOM   546 C C   . ARG A 1 73  ? 2.444   -11.870 8.460   1.00 31.10  ? 70  ARG A C   1 
ATOM   547 O O   . ARG A 1 73  ? 3.578   -12.200 8.817   1.00 33.42  ? 70  ARG A O   1 
ATOM   548 C CB  . ARG A 1 73  ? 2.819   -11.488 5.985   1.00 32.82  ? 70  ARG A CB  1 
ATOM   549 C CG  . ARG A 1 73  ? 2.247   -12.789 5.551   1.00 31.61  ? 70  ARG A CG  1 
ATOM   550 C CD  . ARG A 1 73  ? 2.900   -13.323 4.310   1.00 31.46  ? 70  ARG A CD  1 
ATOM   551 N NE  . ARG A 1 73  ? 2.320   -14.595 3.846   1.00 36.92  ? 70  ARG A NE  1 
ATOM   552 C CZ  . ARG A 1 73  ? 2.695   -15.777 4.297   1.00 42.79  ? 70  ARG A CZ  1 
ATOM   553 N NH1 . ARG A 1 73  ? 3.621   -15.841 5.226   1.00 40.70  ? 70  ARG A NH1 1 
ATOM   554 N NH2 . ARG A 1 73  ? 2.129   -16.877 3.825   1.00 48.64  ? 70  ARG A NH2 1 
ATOM   555 N N   . GLU A 1 74  ? 1.330   -12.212 9.111   1.00 30.57  ? 71  GLU A N   1 
ATOM   556 C CA  . GLU A 1 74  ? 1.348   -13.119 10.253  1.00 33.47  ? 71  GLU A CA  1 
ATOM   557 C C   . GLU A 1 74  ? 0.488   -14.344 9.985   1.00 34.57  ? 71  GLU A C   1 
ATOM   558 O O   . GLU A 1 74  ? -0.677  -14.225 9.579   1.00 31.14  ? 71  GLU A O   1 
ATOM   559 C CB  . GLU A 1 74  ? 0.872   -12.416 11.513  1.00 35.75  ? 71  GLU A CB  1 
ATOM   560 C CG  . GLU A 1 74  ? 0.913   -13.266 12.772  1.00 52.13  ? 71  GLU A CG  1 
ATOM   561 C CD  . GLU A 1 74  ? 1.994   -12.878 13.758  1.00 65.43  ? 71  GLU A CD  1 
ATOM   562 O OE1 . GLU A 1 74  ? 2.863   -12.034 13.416  1.00 63.24  ? 71  GLU A OE1 1 
ATOM   563 O OE2 . GLU A 1 74  ? 1.969   -13.427 14.889  1.00 68.20  ? 71  GLU A OE2 1 
ATOM   564 N N   . VAL A 1 75  ? 1.071   -15.526 10.259  1.00 35.72  ? 72  VAL A N   1 
ATOM   565 C CA  . VAL A 1 75  ? 0.359   -16.795 10.179  1.00 32.73  ? 72  VAL A CA  1 
ATOM   566 C C   . VAL A 1 75  ? -0.143  -17.116 11.574  1.00 32.09  ? 72  VAL A C   1 
ATOM   567 O O   . VAL A 1 75  ? 0.619   -17.027 12.537  1.00 38.68  ? 72  VAL A O   1 
ATOM   568 C CB  . VAL A 1 75  ? 1.277   -17.919 9.668   1.00 38.72  ? 72  VAL A CB  1 
ATOM   569 C CG1 . VAL A 1 75  ? 0.482   -19.160 9.399   1.00 40.03  ? 72  VAL A CG1 1 
ATOM   570 C CG2 . VAL A 1 75  ? 2.048   -17.494 8.446   1.00 37.16  ? 72  VAL A CG2 1 
ATOM   571 N N   . TYR A 1 76  ? -1.421  -17.435 11.686  1.00 33.13  ? 73  TYR A N   1 
ATOM   572 C CA  . TYR A 1 76  ? -2.038  -17.761 12.965  1.00 35.00  ? 73  TYR A CA  1 
ATOM   573 C C   . TYR A 1 76  ? -2.473  -19.218 12.917  1.00 32.40  ? 73  TYR A C   1 
ATOM   574 O O   . TYR A 1 76  ? -3.435  -19.547 12.206  1.00 37.77  ? 73  TYR A O   1 
ATOM   575 C CB  . TYR A 1 76  ? -3.232  -16.853 13.251  1.00 37.60  ? 73  TYR A CB  1 
ATOM   576 C CG  . TYR A 1 76  ? -2.859  -15.408 13.517  1.00 43.95  ? 73  TYR A CG  1 
ATOM   577 C CD1 . TYR A 1 76  ? -2.791  -14.500 12.489  1.00 41.85  ? 73  TYR A CD1 1 
ATOM   578 C CD2 . TYR A 1 76  ? -2.540  -14.976 14.795  1.00 54.97  ? 73  TYR A CD2 1 
ATOM   579 C CE1 . TYR A 1 76  ? -2.460  -13.195 12.725  1.00 40.74  ? 73  TYR A CE1 1 
ATOM   580 C CE2 . TYR A 1 76  ? -2.182  -13.661 15.045  1.00 51.03  ? 73  TYR A CE2 1 
ATOM   581 C CZ  . TYR A 1 76  ? -2.158  -12.773 14.000  1.00 52.08  ? 73  TYR A CZ  1 
ATOM   582 O OH  . TYR A 1 76  ? -1.780  -11.453 14.227  1.00 54.98  ? 73  TYR A OH  1 
ATOM   583 N N   . PRO A 1 77  ? -1.834  -20.111 13.681  1.00 39.72  ? 74  PRO A N   1 
ATOM   584 C CA  . PRO A 1 77  ? -2.220  -21.537 13.629  1.00 47.63  ? 74  PRO A CA  1 
ATOM   585 C C   . PRO A 1 77  ? -3.443  -21.856 14.487  1.00 42.96  ? 74  PRO A C   1 
ATOM   586 O O   . PRO A 1 77  ? -3.401  -22.659 15.443  1.00 59.06  ? 74  PRO A O   1 
ATOM   587 C CB  . PRO A 1 77  ? -0.956  -22.233 14.141  1.00 44.02  ? 74  PRO A CB  1 
ATOM   588 C CG  . PRO A 1 77  ? -0.346  -21.247 15.116  1.00 49.08  ? 74  PRO A CG  1 
ATOM   589 C CD  . PRO A 1 77  ? -0.649  -19.880 14.547  1.00 45.34  ? 74  PRO A CD  1 
ATOM   590 N N   . VAL A 1 78  ? -4.541  -21.176 14.195  1.00 46.56  ? 75  VAL A N   1 
ATOM   591 C CA  . VAL A 1 78  ? -5.812  -21.417 14.876  1.00 48.89  ? 75  VAL A CA  1 
ATOM   592 C C   . VAL A 1 78  ? -6.656  -22.368 14.022  1.00 44.02  ? 75  VAL A C   1 
ATOM   593 O O   . VAL A 1 78  ? -6.133  -23.007 13.099  1.00 39.79  ? 75  VAL A O   1 
ATOM   594 C CB  . VAL A 1 78  ? -6.519  -20.077 15.160  1.00 51.73  ? 75  VAL A CB  1 
ATOM   595 C CG1 . VAL A 1 78  ? -5.622  -19.227 16.024  1.00 47.53  ? 75  VAL A CG1 1 
ATOM   596 C CG2 . VAL A 1 78  ? -6.863  -19.351 13.848  1.00 45.03  ? 75  VAL A CG2 1 
ATOM   597 N N   . VAL A 1 79  ? -7.953  -22.463 14.298  1.00 42.56  ? 76  VAL A N   1 
ATOM   598 C CA  . VAL A 1 79  ? -8.819  -23.374 13.558  1.00 42.71  ? 76  VAL A CA  1 
ATOM   599 C C   . VAL A 1 79  ? -9.846  -22.530 12.778  1.00 42.47  ? 76  VAL A C   1 
ATOM   600 O O   . VAL A 1 79  ? -10.687 -21.861 13.399  1.00 57.54  ? 76  VAL A O   1 
ATOM   601 C CB  . VAL A 1 79  ? -9.515  -24.370 14.500  1.00 40.55  ? 76  VAL A CB  1 
ATOM   602 C CG1 . VAL A 1 79  ? -10.312 -25.352 13.745  1.00 41.57  ? 76  VAL A CG1 1 
ATOM   603 C CG2 . VAL A 1 79  ? -8.510  -24.990 15.405  1.00 40.63  ? 76  VAL A CG2 1 
ATOM   604 N N   . PRO A 1 80  ? -9.819  -22.570 11.427  1.00 40.05  ? 77  PRO A N   1 
ATOM   605 C CA  . PRO A 1 80  ? -8.764  -22.989 10.488  1.00 38.38  ? 77  PRO A CA  1 
ATOM   606 C C   . PRO A 1 80  ? -7.636  -21.977 10.559  1.00 40.32  ? 77  PRO A C   1 
ATOM   607 O O   . PRO A 1 80  ? -7.876  -20.890 11.064  1.00 39.69  ? 77  PRO A O   1 
ATOM   608 C CB  . PRO A 1 80  ? -9.444  -22.950 9.149   1.00 41.43  ? 77  PRO A CB  1 
ATOM   609 C CG  . PRO A 1 80  ? -10.567 -22.012 9.320   1.00 49.81  ? 77  PRO A CG  1 
ATOM   610 C CD  . PRO A 1 80  ? -11.030 -22.161 10.709  1.00 49.73  ? 77  PRO A CD  1 
ATOM   611 N N   . PRO A 1 81  ? -6.438  -22.338 10.137  1.00 36.77  ? 78  PRO A N   1 
ATOM   612 C CA  . PRO A 1 81  ? -5.349  -21.349 10.130  1.00 34.79  ? 78  PRO A CA  1 
ATOM   613 C C   . PRO A 1 81  ? -5.681  -20.192 9.201   1.00 31.50  ? 78  PRO A C   1 
ATOM   614 O O   . PRO A 1 81  ? -6.528  -20.266 8.316   1.00 32.54  ? 78  PRO A O   1 
ATOM   615 C CB  . PRO A 1 81  ? -4.143  -22.155 9.656   1.00 31.88  ? 78  PRO A CB  1 
ATOM   616 C CG  . PRO A 1 81  ? -4.548  -23.648 9.933   1.00 43.72  ? 78  PRO A CG  1 
ATOM   617 C CD  . PRO A 1 81  ? -6.014  -23.669 9.668   1.00 37.75  ? 78  PRO A CD  1 
ATOM   618 N N   . LYS A 1 82  ? -5.021  -19.077 9.447   1.00 35.05  ? 79  LYS A N   1 
ATOM   619 C CA  . LYS A 1 82  ? -5.283  -17.904 8.639   1.00 33.03  ? 79  LYS A CA  1 
ATOM   620 C C   . LYS A 1 82  ? -3.976  -17.136 8.538   1.00 28.45  ? 79  LYS A C   1 
ATOM   621 O O   . LYS A 1 82  ? -3.084  -17.289 9.367   1.00 30.42  ? 79  LYS A O   1 
ATOM   622 C CB  . LYS A 1 82  ? -6.403  -17.067 9.260   1.00 30.47  ? 79  LYS A CB  1 
ATOM   623 C CG  . LYS A 1 82  ? -6.021  -16.415 10.570  1.00 34.37  ? 79  LYS A CG  1 
ATOM   624 C CD  . LYS A 1 82  ? -7.188  -15.568 11.107  1.00 37.78  ? 79  LYS A CD  1 
ATOM   625 C CE  . LYS A 1 82  ? -6.916  -15.089 12.543  1.00 46.63  ? 79  LYS A CE  1 
ATOM   626 N NZ  . LYS A 1 82  ? -7.968  -14.124 13.015  1.00 56.43  ? 79  LYS A NZ  1 
ATOM   627 N N   . VAL A 1 83  ? -3.862  -16.329 7.476   1.00 30.69  ? 80  VAL A N   1 
ATOM   628 C CA  . VAL A 1 83  ? -2.717  -15.461 7.243   1.00 32.39  ? 80  VAL A CA  1 
ATOM   629 C C   . VAL A 1 83  ? -3.281  -14.055 7.091   1.00 23.07  ? 80  VAL A C   1 
ATOM   630 O O   . VAL A 1 83  ? -4.160  -13.824 6.248   1.00 28.97  ? 80  VAL A O   1 
ATOM   631 C CB  . VAL A 1 83  ? -1.919  -15.862 5.996   1.00 33.10  ? 80  VAL A CB  1 
ATOM   632 C CG1 . VAL A 1 83  ? -0.854  -14.851 5.719   1.00 29.64  ? 80  VAL A CG1 1 
ATOM   633 C CG2 . VAL A 1 83  ? -1.299  -17.233 6.178   1.00 36.02  ? 80  VAL A CG2 1 
ATOM   634 N N   . GLU A 1 84  ? -2.836  -13.158 7.957   1.00 31.84  ? 81  GLU A N   1 
ATOM   635 C CA  . GLU A 1 84  ? -3.350  -11.805 8.011   1.00 27.79  ? 81  GLU A CA  1 
ATOM   636 C C   . GLU A 1 84  ? -2.259  -10.827 7.603   1.00 25.54  ? 81  GLU A C   1 
ATOM   637 O O   . GLU A 1 84  ? -1.083  -10.995 7.936   1.00 27.73  ? 81  GLU A O   1 
ATOM   638 C CB  . GLU A 1 84  ? -3.852  -11.453 9.404   1.00 32.24  ? 81  GLU A CB  1 
ATOM   639 C CG  . GLU A 1 84  ? -5.106  -12.221 9.828   1.00 35.76  ? 81  GLU A CG  1 
ATOM   640 C CD  . GLU A 1 84  ? -5.638  -11.775 11.146  1.00 45.94  ? 81  GLU A CD  1 
ATOM   641 O OE1 . GLU A 1 84  ? -4.863  -11.235 11.945  1.00 44.86  ? 81  GLU A OE1 1 
ATOM   642 O OE2 . GLU A 1 84  ? -6.855  -11.986 11.386  1.00 50.20  ? 81  GLU A OE2 1 
ATOM   643 N N   . TYR A 1 85  ? -2.669  -9.803  6.866   1.00 29.52  ? 82  TYR A N   1 
ATOM   644 C CA  . TYR A 1 85  ? -1.781  -8.735  6.426   1.00 26.70  ? 82  TYR A CA  1 
ATOM   645 C C   . TYR A 1 85  ? -2.203  -7.440  7.097   1.00 28.53  ? 82  TYR A C   1 
ATOM   646 O O   . TYR A 1 85  ? -3.401  -7.164  7.204   1.00 28.57  ? 82  TYR A O   1 
ATOM   647 C CB  . TYR A 1 85  ? -1.852  -8.586  4.938   1.00 26.68  ? 82  TYR A CB  1 
ATOM   648 C CG  . TYR A 1 85  ? -1.397  -9.801  4.206   1.00 31.81  ? 82  TYR A CG  1 
ATOM   649 C CD1 . TYR A 1 85  ? -2.259  -10.866 4.004   1.00 30.47  ? 82  TYR A CD1 1 
ATOM   650 C CD2 . TYR A 1 85  ? -0.095  -9.954  3.789   1.00 29.27  ? 82  TYR A CD2 1 
ATOM   651 C CE1 . TYR A 1 85  ? -1.866  -11.987 3.333   1.00 29.72  ? 82  TYR A CE1 1 
ATOM   652 C CE2 . TYR A 1 85  ? 0.314   -11.099 3.098   1.00 28.38  ? 82  TYR A CE2 1 
ATOM   653 C CZ  . TYR A 1 85  ? -0.584  -12.142 2.881   1.00 28.14  ? 82  TYR A CZ  1 
ATOM   654 O OH  . TYR A 1 85  ? -0.206  -13.333 2.228   1.00 33.67  ? 82  TYR A OH  1 
ATOM   655 N N   . SER A 1 86  ? -1.219  -6.646  7.527   1.00 29.93  ? 83  SER A N   1 
ATOM   656 C CA  . SER A 1 86  ? -1.493  -5.389  8.211   1.00 29.20  ? 83  SER A CA  1 
ATOM   657 C C   . SER A 1 86  ? -0.343  -4.431  7.950   1.00 28.23  ? 83  SER A C   1 
ATOM   658 O O   . SER A 1 86  ? 0.724   -4.824  7.488   1.00 30.13  ? 83  SER A O   1 
ATOM   659 C CB  . SER A 1 86  ? -1.733  -5.640  9.701   1.00 33.20  ? 83  SER A CB  1 
ATOM   660 O OG  . SER A 1 86  ? -0.616  -6.263  10.284  1.00 34.77  ? 83  SER A OG  1 
ATOM   661 N N   . LEU A 1 87  ? -0.524  -3.185  8.340   1.00 30.28  ? 84  LEU A N   1 
ATOM   662 C CA  . LEU A 1 87  ? 0.589   -2.265  8.245   1.00 27.21  ? 84  LEU A CA  1 
ATOM   663 C C   . LEU A 1 87  ? 1.510   -2.387  9.447   1.00 27.40  ? 84  LEU A C   1 
ATOM   664 O O   . LEU A 1 87  ? 1.055   -2.520  10.586  1.00 36.38  ? 84  LEU A O   1 
ATOM   665 C CB  . LEU A 1 87  ? 0.087   -0.825  8.147   1.00 30.75  ? 84  LEU A CB  1 
ATOM   666 C CG  . LEU A 1 87  ? -0.765  -0.434  6.939   1.00 27.12  ? 84  LEU A CG  1 
ATOM   667 C CD1 . LEU A 1 87  ? -1.031  1.081   6.979   1.00 32.22  ? 84  LEU A CD1 1 
ATOM   668 C CD2 . LEU A 1 87  ? -0.146  -0.731  5.613   1.00 30.28  ? 84  LEU A CD2 1 
ATOM   669 N N   . THR A 1 88  ? 2.815   -2.273  9.184   1.00 28.13  ? 85  THR A N   1 
ATOM   670 C CA  . THR A 1 88  ? 3.829   -2.014  10.207  1.00 28.93  ? 85  THR A CA  1 
ATOM   671 C C   . THR A 1 88  ? 3.751   -0.559  10.659  1.00 30.63  ? 85  THR A C   1 
ATOM   672 O O   . THR A 1 88  ? 3.091   0.254   10.033  1.00 30.70  ? 85  THR A O   1 
ATOM   673 C CB  . THR A 1 88  ? 5.221   -2.302  9.663   1.00 32.84  ? 85  THR A CB  1 
ATOM   674 O OG1 . THR A 1 88  ? 5.542   -1.318  8.697   1.00 31.62  ? 85  THR A OG1 1 
ATOM   675 C CG2 . THR A 1 88  ? 5.324   -3.658  8.997   1.00 30.08  ? 85  THR A CG2 1 
ATOM   676 N N   . PRO A 1 89  ? 4.439   -0.186  11.724  1.00 34.80  ? 86  PRO A N   1 
ATOM   677 C CA  . PRO A 1 89  ? 4.498   1.251   12.062  1.00 32.09  ? 86  PRO A CA  1 
ATOM   678 C C   . PRO A 1 89  ? 4.999   2.126   10.907  1.00 38.21  ? 86  PRO A C   1 
ATOM   679 O O   . PRO A 1 89  ? 4.574   3.284   10.762  1.00 34.80  ? 86  PRO A O   1 
ATOM   680 C CB  . PRO A 1 89  ? 5.466   1.281   13.256  1.00 36.53  ? 86  PRO A CB  1 
ATOM   681 C CG  . PRO A 1 89  ? 5.285   -0.028  13.918  1.00 36.38  ? 86  PRO A CG  1 
ATOM   682 C CD  . PRO A 1 89  ? 4.951   -1.044  12.801  1.00 33.84  ? 86  PRO A CD  1 
ATOM   683 N N   . HIS A 1 90  ? 5.947   1.621   10.121  1.00 32.65  ? 87  HIS A N   1 
ATOM   684 C CA  . HIS A 1 90  ? 6.459   2.377   8.947   1.00 30.48  ? 87  HIS A CA  1 
ATOM   685 C C   . HIS A 1 90  ? 5.362   2.533   7.897   1.00 33.61  ? 87  HIS A C   1 
ATOM   686 O O   . HIS A 1 90  ? 5.335   3.542   7.233   1.00 29.74  ? 87  HIS A O   1 
ATOM   687 C CB  . HIS A 1 90  ? 7.702   1.723   8.371   1.00 35.13  ? 87  HIS A CB  1 
ATOM   688 C CG  . HIS A 1 90  ? 8.657   1.350   9.435   1.00 45.44  ? 87  HIS A CG  1 
ATOM   689 N ND1 . HIS A 1 90  ? 9.455   2.278   10.021  1.00 43.79  ? 87  HIS A ND1 1 
ATOM   690 C CD2 . HIS A 1 90  ? 8.913   0.169   10.027  1.00 52.99  ? 87  HIS A CD2 1 
ATOM   691 C CE1 . HIS A 1 90  ? 10.180  1.697   10.935  1.00 48.55  ? 87  HIS A CE1 1 
ATOM   692 N NE2 . HIS A 1 90  ? 9.874   0.401   10.955  1.00 54.11  ? 87  HIS A NE2 1 
ATOM   693 N N   . GLY A 1 91  ? 4.581   1.484   7.691   1.00 26.41  ? 88  GLY A N   1 
ATOM   694 C CA  . GLY A 1 91  ? 3.429   1.627   6.837   1.00 29.61  ? 88  GLY A CA  1 
ATOM   695 C C   . GLY A 1 91  ? 2.427   2.631   7.373   1.00 31.83  ? 88  GLY A C   1 
ATOM   696 O O   . GLY A 1 91  ? 1.830   3.383   6.607   1.00 28.82  ? 88  GLY A O   1 
ATOM   697 N N   . GLU A 1 92  ? 2.158   2.605   8.680   1.00 28.01  ? 89  GLU A N   1 
ATOM   698 C CA  . GLU A 1 92  ? 1.146   3.519   9.205   1.00 27.27  ? 89  GLU A CA  1 
ATOM   699 C C   . GLU A 1 92  ? 1.568   4.969   8.957   1.00 26.33  ? 89  GLU A C   1 
ATOM   700 O O   . GLU A 1 92  ? 0.734   5.827   8.644   1.00 30.78  ? 89  GLU A O   1 
ATOM   701 C CB  . GLU A 1 92  ? 0.913   3.245   10.695  1.00 34.59  ? 89  GLU A CB  1 
ATOM   702 C CG  . GLU A 1 92  ? 0.160   1.935   10.970  1.00 35.92  ? 89  GLU A CG  1 
ATOM   703 C CD  . GLU A 1 92  ? -1.340  1.967   10.633  1.00 50.14  ? 89  GLU A CD  1 
ATOM   704 O OE1 . GLU A 1 92  ? -1.891  3.057   10.317  1.00 48.64  ? 89  GLU A OE1 1 
ATOM   705 O OE2 . GLU A 1 92  ? -1.996  0.883   10.684  1.00 47.69  ? 89  GLU A OE2 1 
ATOM   706 N N   . SER A 1 93  ? 2.861   5.254   9.064   1.00 28.96  ? 90  SER A N   1 
ATOM   707 C CA  . SER A 1 93  ? 3.271   6.651   8.863   1.00 31.82  ? 90  SER A CA  1 
ATOM   708 C C   . SER A 1 93  ? 3.274   7.057   7.384   1.00 31.11  ? 90  SER A C   1 
ATOM   709 O O   . SER A 1 93  ? 3.393   8.252   7.066   1.00 33.90  ? 90  SER A O   1 
ATOM   710 C CB  . SER A 1 93  ? 4.642   6.876   9.502   1.00 36.78  ? 90  SER A CB  1 
ATOM   711 O OG  . SER A 1 93  ? 5.633   6.075   8.910   1.00 37.24  ? 90  SER A OG  1 
ATOM   712 N N   . LEU A 1 94  ? 3.104   6.105   6.457   1.00 29.64  ? 91  LEU A N   1 
ATOM   713 C CA  . LEU A 1 94  ? 2.819   6.500   5.080   1.00 29.47  ? 91  LEU A CA  1 
ATOM   714 C C   . LEU A 1 94  ? 1.387   6.987   4.891   1.00 33.47  ? 91  LEU A C   1 
ATOM   715 O O   . LEU A 1 94  ? 1.089   7.655   3.883   1.00 31.30  ? 91  LEU A O   1 
ATOM   716 C CB  . LEU A 1 94  ? 3.059   5.357   4.118   1.00 27.39  ? 91  LEU A CB  1 
ATOM   717 C CG  . LEU A 1 94  ? 4.488   4.910   3.865   1.00 27.17  ? 91  LEU A CG  1 
ATOM   718 C CD1 . LEU A 1 94  ? 4.523   3.599   3.042   1.00 30.78  ? 91  LEU A CD1 1 
ATOM   719 C CD2 . LEU A 1 94  ? 5.221   5.987   3.146   1.00 27.75  ? 91  LEU A CD2 1 
ATOM   720 N N   . MET A 1 95  ? 0.472   6.650   5.803   1.00 29.35  ? 92  MET A N   1 
ATOM   721 C CA  . MET A 1 95  ? -0.923  6.931   5.505   1.00 27.50  ? 92  MET A CA  1 
ATOM   722 C C   . MET A 1 95  ? -1.206  8.410   5.318   1.00 31.17  ? 92  MET A C   1 
ATOM   723 O O   . MET A 1 95  ? -1.989  8.721   4.402   1.00 29.94  ? 92  MET A O   1 
ATOM   724 C CB  . MET A 1 95  ? -1.844  6.341   6.574   1.00 28.51  ? 92  MET A CB  1 
ATOM   725 C CG  . MET A 1 95  ? -1.932  4.826   6.555   1.00 34.48  ? 92  MET A CG  1 
ATOM   726 S SD  . MET A 1 95  ? -2.660  4.243   5.087   1.00 35.27  ? 92  MET A SD  1 
ATOM   727 C CE  . MET A 1 95  ? -4.284  4.935   5.256   1.00 37.05  ? 92  MET A CE  1 
ATOM   728 N N   . PRO A 1 96  ? -0.696  9.330   6.154   1.00 31.31  ? 93  PRO A N   1 
ATOM   729 C CA  . PRO A 1 96  ? -0.922  10.779  5.905   1.00 32.54  ? 93  PRO A CA  1 
ATOM   730 C C   . PRO A 1 96  ? -0.413  11.227  4.568   1.00 30.41  ? 93  PRO A C   1 
ATOM   731 O O   . PRO A 1 96  ? -0.929  12.200  4.011   1.00 33.19  ? 93  PRO A O   1 
ATOM   732 C CB  . PRO A 1 96  ? -0.163  11.471  7.044   1.00 37.61  ? 93  PRO A CB  1 
ATOM   733 C CG  . PRO A 1 96  ? 0.114   10.364  8.081   1.00 38.16  ? 93  PRO A CG  1 
ATOM   734 C CD  . PRO A 1 96  ? 0.184   9.097   7.318   1.00 32.84  ? 93  PRO A CD  1 
ATOM   735 N N   . ILE A 1 97  ? 0.650   10.606  4.085   1.00 30.80  ? 94  ILE A N   1 
ATOM   736 C CA  . ILE A 1 97  ? 1.187   10.943  2.777   1.00 28.72  ? 94  ILE A CA  1 
ATOM   737 C C   . ILE A 1 97  ? 0.228   10.491  1.687   1.00 27.08  ? 94  ILE A C   1 
ATOM   738 O O   . ILE A 1 97  ? -0.103  11.255  0.782   1.00 27.51  ? 94  ILE A O   1 
ATOM   739 C CB  . ILE A 1 97  ? 2.568   10.297  2.595   1.00 28.74  ? 94  ILE A CB  1 
ATOM   740 C CG1 . ILE A 1 97  ? 3.576   10.829  3.629   1.00 31.32  ? 94  ILE A CG1 1 
ATOM   741 C CG2 . ILE A 1 97  ? 3.069   10.539  1.159   1.00 33.94  ? 94  ILE A CG2 1 
ATOM   742 C CD1 . ILE A 1 97  ? 4.911   10.214  3.543   1.00 27.74  ? 94  ILE A CD1 1 
ATOM   743 N N   . LEU A 1 98  ? -0.260  9.243   1.771   1.00 25.59  ? 95  LEU A N   1 
ATOM   744 C CA  . LEU A 1 98  ? -1.241  8.775   0.798   1.00 23.89  ? 95  LEU A CA  1 
ATOM   745 C C   . LEU A 1 98  ? -2.505  9.618   0.837   1.00 26.31  ? 95  LEU A C   1 
ATOM   746 O O   . LEU A 1 98  ? -3.079  9.921   -0.206  1.00 27.53  ? 95  LEU A O   1 
ATOM   747 C CB  . LEU A 1 98  ? -1.561  7.300   1.027   1.00 26.84  ? 95  LEU A CB  1 
ATOM   748 C CG  . LEU A 1 98  ? -0.414  6.339   0.852   1.00 32.81  ? 95  LEU A CG  1 
ATOM   749 C CD1 . LEU A 1 98  ? -0.941  4.912   1.017   1.00 28.83  ? 95  LEU A CD1 1 
ATOM   750 C CD2 . LEU A 1 98  ? 0.224   6.520   -0.492  1.00 34.84  ? 95  LEU A CD2 1 
ATOM   751 N N   . GLU A 1 99  ? -2.964  9.997   2.033   1.00 28.79  ? 96  GLU A N   1 
ATOM   752 C CA  . GLU A 1 99  ? -4.173  10.810  2.143   1.00 28.57  ? 96  GLU A CA  1 
ATOM   753 C C   . GLU A 1 99  ? -3.998  12.115  1.395   1.00 30.36  ? 96  GLU A C   1 
ATOM   754 O O   . GLU A 1 99  ? -4.884  12.536  0.647   1.00 32.82  ? 96  GLU A O   1 
ATOM   755 C CB  . GLU A 1 99  ? -4.469  11.139  3.601   1.00 34.79  ? 96  GLU A CB  1 
ATOM   756 C CG  . GLU A 1 99  ? -5.820  11.788  3.836   1.00 58.79  ? 96  GLU A CG  1 
ATOM   757 C CD  . GLU A 1 99  ? -6.937  10.797  4.142   1.00 90.91  ? 96  GLU A CD  1 
ATOM   758 O OE1 . GLU A 1 99  ? -8.021  10.912  3.508   1.00 90.30  ? 96  GLU A OE1 1 
ATOM   759 O OE2 . GLU A 1 99  ? -6.727  9.923   5.019   1.00 81.69  ? 96  GLU A OE2 1 
ATOM   760 N N   . ALA A 1 100 ? -2.847  12.757  1.596   1.00 30.73  ? 97  ALA A N   1 
ATOM   761 C CA  . ALA A 1 100 ? -2.554  14.046  0.961   1.00 27.84  ? 97  ALA A CA  1 
ATOM   762 C C   . ALA A 1 100 ? -2.373  13.911  -0.540  1.00 29.29  ? 97  ALA A C   1 
ATOM   763 O O   . ALA A 1 100 ? -2.821  14.780  -1.296  1.00 28.04  ? 97  ALA A O   1 
ATOM   764 C CB  . ALA A 1 100 ? -1.316  14.692  1.552   1.00 27.72  ? 97  ALA A CB  1 
ATOM   765 N N   . MET A 1 101 ? -1.786  12.807  -0.988  1.00 24.84  ? 98  MET A N   1 
ATOM   766 C CA  . MET A 1 101 ? -1.691  12.548  -2.413  1.00 26.30  ? 98  MET A CA  1 
ATOM   767 C C   . MET A 1 101 ? -3.060  12.380  -3.035  1.00 27.17  ? 98  MET A C   1 
ATOM   768 O O   . MET A 1 101 ? -3.296  12.858  -4.145  1.00 28.69  ? 98  MET A O   1 
ATOM   769 C CB  . MET A 1 101 ? -0.812  11.329  -2.678  1.00 25.07  ? 98  MET A CB  1 
ATOM   770 C CG  . MET A 1 101 ? 0.663   11.521  -2.331  1.00 27.16  ? 98  MET A CG  1 
ATOM   771 S SD  . MET A 1 101 ? 1.608   10.002  -2.551  1.00 29.85  ? 98  MET A SD  1 
ATOM   772 C CE  . MET A 1 101 ? 1.638   9.972   -4.320  1.00 32.23  ? 98  MET A CE  1 
ATOM   773 N N   . TYR A 1 102 ? -3.968  11.641  -2.371  1.00 30.88  ? 99  TYR A N   1 
ATOM   774 C CA  . TYR A 1 102 ? -5.313  11.510  -2.907  1.00 28.32  ? 99  TYR A CA  1 
ATOM   775 C C   . TYR A 1 102 ? -6.022  12.855  -2.973  1.00 31.40  ? 99  TYR A C   1 
ATOM   776 O O   . TYR A 1 102 ? -6.647  13.193  -3.991  1.00 31.40  ? 99  TYR A O   1 
ATOM   777 C CB  . TYR A 1 102 ? -6.096  10.509  -2.064  1.00 29.01  ? 99  TYR A CB  1 
ATOM   778 C CG  . TYR A 1 102 ? -7.594  10.634  -2.286  1.00 38.92  ? 99  TYR A CG  1 
ATOM   779 C CD1 . TYR A 1 102 ? -8.385  11.459  -1.456  1.00 47.13  ? 99  TYR A CD1 1 
ATOM   780 C CD2 . TYR A 1 102 ? -8.197  10.028  -3.355  1.00 53.52  ? 99  TYR A CD2 1 
ATOM   781 C CE1 . TYR A 1 102 ? -9.722  11.608  -1.661  1.00 47.93  ? 99  TYR A CE1 1 
ATOM   782 C CE2 . TYR A 1 102 ? -9.571  10.162  -3.556  1.00 49.09  ? 99  TYR A CE2 1 
ATOM   783 C CZ  . TYR A 1 102 ? -10.312 10.954  -2.712  1.00 59.19  ? 99  TYR A CZ  1 
ATOM   784 O OH  . TYR A 1 102 ? -11.668 11.076  -2.917  1.00 73.32  ? 99  TYR A OH  1 
ATOM   785 N N   . GLU A 1 103 ? -5.934  13.645  -1.905  1.00 28.87  ? 100 GLU A N   1 
ATOM   786 C CA  . GLU A 1 103 ? -6.613  14.930  -1.912  1.00 30.15  ? 100 GLU A CA  1 
ATOM   787 C C   . GLU A 1 103 ? -6.047  15.814  -3.017  1.00 30.96  ? 100 GLU A C   1 
ATOM   788 O O   . GLU A 1 103 ? -6.793  16.515  -3.716  1.00 29.90  ? 100 GLU A O   1 
ATOM   789 C CB  . GLU A 1 103 ? -6.484  15.615  -0.551  1.00 37.34  ? 100 GLU A CB  1 
ATOM   790 C CG  . GLU A 1 103 ? -7.154  14.859  0.609   1.00 49.62  ? 100 GLU A CG  1 
ATOM   791 C CD  . GLU A 1 103 ? -8.675  14.918  0.597   1.00 76.98  ? 100 GLU A CD  1 
ATOM   792 O OE1 . GLU A 1 103 ? -9.252  15.861  0.010   1.00 73.13  ? 100 GLU A OE1 1 
ATOM   793 O OE2 . GLU A 1 103 ? -9.300  14.006  1.173   1.00 77.43  ? 100 GLU A OE2 1 
ATOM   794 N N   . TRP A 1 104 ? -4.717  15.837  -3.159  1.00 27.77  ? 101 TRP A N   1 
ATOM   795 C CA  . TRP A 1 104 ? -4.118  16.654  -4.209  1.00 28.11  ? 101 TRP A CA  1 
ATOM   796 C C   . TRP A 1 104 ? -4.582  16.194  -5.585  1.00 27.39  ? 101 TRP A C   1 
ATOM   797 O O   . TRP A 1 104 ? -4.946  17.020  -6.441  1.00 27.45  ? 101 TRP A O   1 
ATOM   798 C CB  . TRP A 1 104 ? -2.560  16.653  -4.110  1.00 24.43  ? 101 TRP A CB  1 
ATOM   799 C CG  . TRP A 1 104 ? -1.925  17.677  -4.982  1.00 26.15  ? 101 TRP A CG  1 
ATOM   800 C CD1 . TRP A 1 104 ? -1.653  18.971  -4.650  1.00 27.87  ? 101 TRP A CD1 1 
ATOM   801 C CD2 . TRP A 1 104 ? -1.561  17.528  -6.362  1.00 25.82  ? 101 TRP A CD2 1 
ATOM   802 N NE1 . TRP A 1 104 ? -1.152  19.628  -5.729  1.00 28.91  ? 101 TRP A NE1 1 
ATOM   803 C CE2 . TRP A 1 104 ? -1.027  18.759  -6.777  1.00 27.78  ? 101 TRP A CE2 1 
ATOM   804 C CE3 . TRP A 1 104 ? -1.549  16.461  -7.252  1.00 28.09  ? 101 TRP A CE3 1 
ATOM   805 C CZ2 . TRP A 1 104 ? -0.588  18.970  -8.072  1.00 29.08  ? 101 TRP A CZ2 1 
ATOM   806 C CZ3 . TRP A 1 104 ? -1.128  16.676  -8.551  1.00 25.98  ? 101 TRP A CZ3 1 
ATOM   807 C CH2 . TRP A 1 104 ? -0.607  17.884  -8.929  1.00 25.45  ? 101 TRP A CH2 1 
ATOM   808 N N   . GLY A 1 105 ? -4.528  14.888  -5.833  1.00 29.62  ? 102 GLY A N   1 
ATOM   809 C CA  . GLY A 1 105 ? -4.826  14.366  -7.147  1.00 30.37  ? 102 GLY A CA  1 
ATOM   810 C C   . GLY A 1 105 ? -6.300  14.485  -7.498  1.00 26.48  ? 102 GLY A C   1 
ATOM   811 O O   . GLY A 1 105 ? -6.654  14.612  -8.674  1.00 28.52  ? 102 GLY A O   1 
ATOM   812 N N   . LYS A 1 106 ? -7.172  14.472  -6.483  1.00 31.39  ? 103 LYS A N   1 
ATOM   813 C CA  . LYS A 1 106 ? -8.595  14.723  -6.711  1.00 31.19  ? 103 LYS A CA  1 
ATOM   814 C C   . LYS A 1 106 ? -8.809  16.109  -7.310  1.00 36.65  ? 103 LYS A C   1 
ATOM   815 O O   . LYS A 1 106 ? -9.519  16.262  -8.320  1.00 34.30  ? 103 LYS A O   1 
ATOM   816 C CB  . LYS A 1 106 ? -9.372  14.559  -5.395  1.00 34.64  ? 103 LYS A CB  1 
ATOM   817 C CG  . LYS A 1 106 ? -10.884 14.765  -5.501  1.00 43.25  ? 103 LYS A CG  1 
ATOM   818 C CD  . LYS A 1 106 ? -11.520 14.519  -4.124  1.00 57.05  ? 103 LYS A CD  1 
ATOM   819 C CE  . LYS A 1 106 ? -13.016 14.831  -4.099  1.00 74.63  ? 103 LYS A CE  1 
ATOM   820 N NZ  . LYS A 1 106 ? -13.624 14.521  -2.761  1.00 79.65  ? 103 LYS A NZ  1 
ATOM   821 N N   . GLY A 1 107 ? -8.158  17.122  -6.718  1.00 33.39  ? 104 GLY A N   1 
ATOM   822 C CA  . GLY A 1 107 ? -8.265  18.474  -7.218  1.00 32.10  ? 104 GLY A CA  1 
ATOM   823 C C   . GLY A 1 107 ? -7.587  18.644  -8.557  1.00 29.93  ? 104 GLY A C   1 
ATOM   824 O O   . GLY A 1 107 ? -8.117  19.314  -9.451  1.00 33.29  ? 104 GLY A O   1 
ATOM   825 N N   . TYR A 1 108 ? -6.429  18.001  -8.728  1.00 27.50  ? 105 TYR A N   1 
ATOM   826 C CA  . TYR A 1 108 ? -5.695  18.099  -9.986  1.00 31.00  ? 105 TYR A CA  1 
ATOM   827 C C   . TYR A 1 108 ? -6.476  17.443  -11.121 1.00 31.13  ? 105 TYR A C   1 
ATOM   828 O O   . TYR A 1 108 ? -6.528  17.980  -12.230 1.00 27.17  ? 105 TYR A O   1 
ATOM   829 C CB  . TYR A 1 108 ? -4.301  17.483  -9.825  1.00 28.70  ? 105 TYR A CB  1 
ATOM   830 C CG  . TYR A 1 108 ? -3.407  17.703  -10.992 1.00 27.53  ? 105 TYR A CG  1 
ATOM   831 C CD1 . TYR A 1 108 ? -2.925  18.976  -11.270 1.00 31.81  ? 105 TYR A CD1 1 
ATOM   832 C CD2 . TYR A 1 108 ? -3.020  16.664  -11.800 1.00 33.56  ? 105 TYR A CD2 1 
ATOM   833 C CE1 . TYR A 1 108 ? -2.149  19.215  -12.354 1.00 27.14  ? 105 TYR A CE1 1 
ATOM   834 C CE2 . TYR A 1 108 ? -2.202  16.902  -12.911 1.00 38.40  ? 105 TYR A CE2 1 
ATOM   835 C CZ  . TYR A 1 108 ? -1.749  18.171  -13.141 1.00 32.23  ? 105 TYR A CZ  1 
ATOM   836 O OH  . TYR A 1 108 ? -0.929  18.457  -14.223 1.00 33.82  ? 105 TYR A OH  1 
ATOM   837 N N   . MET A 1 109 ? -7.082  16.304  -10.838 1.00 30.78  ? 106 MET A N   1 
ATOM   838 C CA  . MET A 1 109 ? -7.819  15.607  -11.922 1.00 32.90  ? 106 MET A CA  1 
ATOM   839 C C   . MET A 1 109 ? -8.953  16.505  -12.403 1.00 28.61  ? 106 MET A C   1 
ATOM   840 O O   . MET A 1 109 ? -9.160  16.595  -13.581 1.00 31.44  ? 106 MET A O   1 
ATOM   841 C CB  . MET A 1 109 ? -8.382  14.262  -11.473 1.00 35.46  ? 106 MET A CB  1 
ATOM   842 C CG  . MET A 1 109 ? -8.822  13.403  -12.625 1.00 26.56  ? 106 MET A CG  1 
ATOM   843 S SD  . MET A 1 109 ? -9.514  11.936  -11.912 1.00 53.50  ? 106 MET A SD  1 
ATOM   844 C CE  . MET A 1 109 ? -8.006  10.997  -11.730 1.00 54.93  ? 106 MET A CE  1 
ATOM   845 N N   . GLU A 1 110 ? -9.628  17.173  -11.487 1.00 33.26  ? 107 GLU A N   1 
ATOM   846 C CA  . GLU A 1 110 ? -10.706 18.061  -11.918 1.00 37.85  ? 107 GLU A CA  1 
ATOM   847 C C   . GLU A 1 110 ? -10.163 19.166  -12.811 1.00 34.07  ? 107 GLU A C   1 
ATOM   848 O O   . GLU A 1 110 ? -10.761 19.516  -13.837 1.00 35.67  ? 107 GLU A O   1 
ATOM   849 C CB  . GLU A 1 110 ? -11.417 18.661  -10.710 1.00 37.37  ? 107 GLU A CB  1 
ATOM   850 C CG  . GLU A 1 110 ? -12.404 19.744  -11.082 1.00 55.40  ? 107 GLU A CG  1 
ATOM   851 C CD  . GLU A 1 110 ? -13.496 19.965  -10.053 1.00 78.57  ? 107 GLU A CD  1 
ATOM   852 O OE1 . GLU A 1 110 ? -14.278 20.933  -10.234 1.00 89.79  ? 107 GLU A OE1 1 
ATOM   853 O OE2 . GLU A 1 110 ? -13.575 19.177  -9.080  1.00 85.46  ? 107 GLU A OE2 1 
ATOM   854 N N   . LEU A 1 111 ? -8.979  19.680  -12.464 1.00 33.43  ? 108 LEU A N   1 
ATOM   855 C CA  . LEU A 1 111 ? -8.341  20.723  -13.258 1.00 29.64  ? 108 LEU A CA  1 
ATOM   856 C C   . LEU A 1 111 ? -8.084  20.257  -14.672 1.00 32.15  ? 108 LEU A C   1 
ATOM   857 O O   . LEU A 1 111 ? -8.388  20.971  -15.640 1.00 40.36  ? 108 LEU A O   1 
ATOM   858 C CB  . LEU A 1 111 ? -7.023  21.140  -12.628 1.00 30.82  ? 108 LEU A CB  1 
ATOM   859 C CG  . LEU A 1 111 ? -6.217  22.228  -13.320 1.00 30.12  ? 108 LEU A CG  1 
ATOM   860 C CD1 . LEU A 1 111 ? -6.890  23.570  -13.305 1.00 45.42  ? 108 LEU A CD1 1 
ATOM   861 C CD2 . LEU A 1 111 ? -4.793  22.332  -12.708 1.00 31.75  ? 108 LEU A CD2 1 
ATOM   862 N N   . ILE A 1 112 ? -7.545  19.051  -14.817 1.00 27.04  ? 109 ILE A N   1 
ATOM   863 C CA  . ILE A 1 112 ? -7.146  18.593  -16.133 1.00 33.59  ? 109 ILE A CA  1 
ATOM   864 C C   . ILE A 1 112 ? -8.310  18.045  -16.923 1.00 31.66  ? 109 ILE A C   1 
ATOM   865 O O   . ILE A 1 112 ? -8.275  18.078  -18.156 1.00 38.99  ? 109 ILE A O   1 
ATOM   866 C CB  . ILE A 1 112 ? -6.042  17.539  -16.060 1.00 39.26  ? 109 ILE A CB  1 
ATOM   867 C CG1 . ILE A 1 112 ? -6.501  16.332  -15.259 1.00 42.87  ? 109 ILE A CG1 1 
ATOM   868 C CG2 . ILE A 1 112 ? -4.780  18.167  -15.403 1.00 37.05  ? 109 ILE A CG2 1 
ATOM   869 C CD1 . ILE A 1 112 ? -5.902  15.068  -15.669 1.00 43.76  ? 109 ILE A CD1 1 
ATOM   870 N N   . ASP A 1 113 ? -9.340  17.553  -16.232 1.00 32.09  ? 110 ASP A N   1 
ATOM   871 C CA  . ASP A 1 113 ? -10.514 16.975  -16.887 1.00 33.97  ? 110 ASP A CA  1 
ATOM   872 C C   . ASP A 1 113 ? -11.375 18.081  -17.466 1.00 33.48  ? 110 ASP A C   1 
ATOM   873 O O   . ASP A 1 113 ? -11.605 18.140  -18.675 1.00 38.26  ? 110 ASP A O   1 
ATOM   874 C CB  . ASP A 1 113 ? -11.271 16.136  -15.844 1.00 30.59  ? 110 ASP A CB  1 
ATOM   875 C CG  . ASP A 1 113 ? -12.457 15.321  -16.422 1.00 40.68  ? 110 ASP A CG  1 
ATOM   876 O OD1 . ASP A 1 113 ? -12.643 15.260  -17.639 1.00 32.80  ? 110 ASP A OD1 1 
ATOM   877 O OD2 . ASP A 1 113 ? -13.177 14.735  -15.609 1.00 45.38  ? 110 ASP A OD2 1 
ATOM   878 N N   . ILE A 1 114 ? -11.835 18.989  -16.614 1.00 36.47  ? 111 ILE A N   1 
ATOM   879 C CA  . ILE A 1 114 ? -12.703 20.077  -17.045 1.00 41.67  ? 111 ILE A CA  1 
ATOM   880 C C   . ILE A 1 114 ? -11.958 21.039  -17.955 1.00 55.86  ? 111 ILE A C   1 
ATOM   881 O O   . ILE A 1 114 ? -12.502 21.473  -18.982 1.00 46.60  ? 111 ILE A O   1 
ATOM   882 C CB  . ILE A 1 114 ? -13.278 20.802  -15.822 1.00 43.29  ? 111 ILE A CB  1 
ATOM   883 C CG1 . ILE A 1 114 ? -14.043 19.816  -14.943 1.00 41.99  ? 111 ILE A CG1 1 
ATOM   884 C CG2 . ILE A 1 114 ? -14.157 21.928  -16.267 1.00 37.70  ? 111 ILE A CG2 1 
ATOM   885 C CD1 . ILE A 1 114 ? -15.087 18.983  -15.634 1.00 42.07  ? 111 ILE A CD1 1 
ATOM   886 N N   . ASP A 1 115 ? -10.702 21.312  -17.616 1.00 45.49  ? 112 ASP A N   1 
ATOM   887 C CA  . ASP A 1 115 ? -9.856  22.220  -18.429 1.00 60.33  ? 112 ASP A CA  1 
ATOM   888 C C   . ASP A 1 115 ? -10.570 23.568  -18.528 1.00 50.50  ? 112 ASP A C   1 
ATOM   889 O O   . ASP A 1 115 ? -10.808 23.990  -19.651 1.00 59.54  ? 112 ASP A O   1 
ATOM   890 C CB  . ASP A 1 115 ? -9.550  21.591  -19.789 1.00 61.78  ? 112 ASP A CB  1 
ATOM   891 C CG  . ASP A 1 115 ? -8.404  22.235  -20.542 1.00 80.58  ? 112 ASP A CG  1 
ATOM   892 O OD1 . ASP A 1 115 ? -7.778  23.150  -19.975 1.00 98.82  ? 112 ASP A OD1 1 
ATOM   893 O OD2 . ASP A 1 115 ? -8.140  21.811  -21.688 1.00 80.35  ? 112 ASP A OD2 1 
HETATM 894 C C1  . PEG B 2 .   ? 8.041   5.403   10.903  1.00 61.77  ? 201 PEG A C1  1 
HETATM 895 O O1  . PEG B 2 .   ? 8.115   5.067   12.255  1.00 72.17  ? 201 PEG A O1  1 
HETATM 896 C C2  . PEG B 2 .   ? 8.070   6.910   10.779  1.00 63.74  ? 201 PEG A C2  1 
HETATM 897 O O2  . PEG B 2 .   ? 8.328   7.287   9.474   1.00 64.01  ? 201 PEG A O2  1 
HETATM 898 C C3  . PEG B 2 .   ? 9.682   7.412   9.155   1.00 50.37  ? 201 PEG A C3  1 
HETATM 899 C C4  . PEG B 2 .   ? 10.148  6.173   8.456   1.00 43.01  ? 201 PEG A C4  1 
HETATM 900 O O4  . PEG B 2 .   ? 10.304  5.176   9.419   1.00 69.37  ? 201 PEG A O4  1 
HETATM 901 C C1  . PEG C 2 .   ? -0.299  17.085  4.006   0.50 51.95  ? 202 PEG A C1  1 
HETATM 902 O O1  . PEG C 2 .   ? -0.456  17.887  2.875   0.50 49.27  ? 202 PEG A O1  1 
HETATM 903 C C2  . PEG C 2 .   ? 0.994   16.276  3.935   0.50 53.19  ? 202 PEG A C2  1 
HETATM 904 O O2  . PEG C 2 .   ? 0.742   15.055  4.561   0.50 52.59  ? 202 PEG A O2  1 
HETATM 905 C C3  . PEG C 2 .   ? 1.840   14.371  5.071   0.50 52.56  ? 202 PEG A C3  1 
HETATM 906 C C4  . PEG C 2 .   ? 1.974   14.629  6.564   0.50 51.99  ? 202 PEG A C4  1 
HETATM 907 O O4  . PEG C 2 .   ? 2.606   13.540  7.170   0.50 50.17  ? 202 PEG A O4  1 
HETATM 908 O O   . HOH D 3 .   ? 13.878  12.311  -8.124  1.00 71.56  ? 301 HOH A O   1 
HETATM 909 O O   . HOH D 3 .   ? 1.288   -15.563 15.167  1.00 49.93  ? 302 HOH A O   1 
HETATM 910 O O   . HOH D 3 .   ? -7.890  -15.560 -3.140  1.00 50.39  ? 303 HOH A O   1 
HETATM 911 O O   . HOH D 3 .   ? -10.590 3.913   9.030   1.00 69.79  ? 304 HOH A O   1 
HETATM 912 O O   . HOH D 3 .   ? -3.710  4.449   9.705   1.00 62.15  ? 305 HOH A O   1 
HETATM 913 O O   . HOH D 3 .   ? -7.582  4.245   9.249   1.00 51.09  ? 306 HOH A O   1 
HETATM 914 O O   . HOH D 3 .   ? -6.479  -15.872 -5.930  1.00 41.88  ? 307 HOH A O   1 
HETATM 915 O O   . HOH D 3 .   ? -0.966  -1.074  11.797  1.00 48.79  ? 308 HOH A O   1 
HETATM 916 O O   . HOH D 3 .   ? 7.058   -0.229  -5.791  1.00 52.49  ? 309 HOH A O   1 
HETATM 917 O O   . HOH D 3 .   ? 7.291   -6.739  7.252   1.00 44.20  ? 310 HOH A O   1 
HETATM 918 O O   . HOH D 3 .   ? 3.186   -9.421  -11.069 1.00 55.30  ? 311 HOH A O   1 
HETATM 919 O O   . HOH D 3 .   ? -9.403  21.593  -9.250  1.00 54.48  ? 312 HOH A O   1 
HETATM 920 O O   . HOH D 3 .   ? 3.788   -10.673 1.952   1.00 35.08  ? 313 HOH A O   1 
HETATM 921 O O   . HOH D 3 .   ? -4.498  -14.643 3.762   1.00 29.71  ? 314 HOH A O   1 
HETATM 922 O O   . HOH D 3 .   ? 11.553  -1.230  -2.652  1.00 53.08  ? 315 HOH A O   1 
HETATM 923 O O   . HOH D 3 .   ? 7.436   -1.509  -1.635  1.00 35.77  ? 316 HOH A O   1 
HETATM 924 O O   . HOH D 3 .   ? -8.002  -19.708 6.161   1.00 56.97  ? 317 HOH A O   1 
HETATM 925 O O   . HOH D 3 .   ? 3.647   4.694   12.869  1.00 47.41  ? 318 HOH A O   1 
HETATM 926 O O   . HOH D 3 .   ? -0.935  -8.949  10.125  1.00 35.29  ? 319 HOH A O   1 
HETATM 927 O O   . HOH D 3 .   ? -2.344  -9.749  12.193  1.00 43.16  ? 320 HOH A O   1 
HETATM 928 O O   . HOH D 3 .   ? -10.167 -5.383  9.129   1.00 54.28  ? 321 HOH A O   1 
HETATM 929 O O   . HOH D 3 .   ? 4.158   10.814  7.621   1.00 50.09  ? 322 HOH A O   1 
HETATM 930 O O   . HOH D 3 .   ? 1.218   2.377   -6.117  1.00 31.46  ? 323 HOH A O   1 
HETATM 931 O O   . HOH D 3 .   ? -11.759 14.899  -9.125  1.00 38.39  ? 324 HOH A O   1 
HETATM 932 O O   . HOH D 3 .   ? 12.433  6.597   -6.730  1.00 47.08  ? 325 HOH A O   1 
HETATM 933 O O   . HOH D 3 .   ? -12.432 25.705  -18.154 1.00 60.76  ? 326 HOH A O   1 
HETATM 934 O O   . HOH D 3 .   ? -1.966  1.754   -6.356  1.00 36.97  ? 327 HOH A O   1 
HETATM 935 O O   . HOH D 3 .   ? -8.593  16.408  -20.400 1.00 35.19  ? 328 HOH A O   1 
HETATM 936 O O   . HOH D 3 .   ? -2.526  14.093  5.364   1.00 48.69  ? 329 HOH A O   1 
HETATM 937 O O   . HOH D 3 .   ? -3.280  -2.480  9.015   1.00 35.97  ? 330 HOH A O   1 
HETATM 938 O O   . HOH D 3 .   ? 2.457   -0.466  -7.253  1.00 47.43  ? 331 HOH A O   1 
HETATM 939 O O   . HOH D 3 .   ? -10.332 26.553  -18.500 1.00 54.39  ? 332 HOH A O   1 
HETATM 940 O O   . HOH D 3 .   ? -9.099  -11.896 9.631   1.00 53.05  ? 333 HOH A O   1 
HETATM 941 O O   . HOH D 3 .   ? -3.047  17.468  -0.298  1.00 34.93  ? 334 HOH A O   1 
HETATM 942 O O   . HOH D 3 .   ? -7.432  -15.384 2.037   1.00 34.77  ? 335 HOH A O   1 
HETATM 943 O O   . HOH D 3 .   ? -10.260 23.349  -15.556 1.00 51.95  ? 336 HOH A O   1 
HETATM 944 O O   . HOH D 3 .   ? -5.768  -14.326 -10.754 1.00 43.49  ? 337 HOH A O   1 
HETATM 945 O O   . HOH D 3 .   ? 5.423   -14.084 6.733   1.00 52.01  ? 338 HOH A O   1 
HETATM 946 O O   . HOH D 3 .   ? 10.508  -9.979  -3.842  1.00 68.09  ? 339 HOH A O   1 
HETATM 947 O O   . HOH D 3 .   ? 10.524  -8.469  -6.143  1.00 57.13  ? 340 HOH A O   1 
HETATM 948 O O   . HOH D 3 .   ? -8.762  -4.705  -15.360 1.00 72.65  ? 341 HOH A O   1 
HETATM 949 O O   . HOH D 3 .   ? 4.965   4.412   -10.400 1.00 61.67  ? 342 HOH A O   1 
HETATM 950 O O   . HOH D 3 .   ? 5.982   -9.896  8.136   1.00 36.28  ? 343 HOH A O   1 
HETATM 951 O O   . HOH D 3 .   ? 1.052   -13.921 -0.461  1.00 50.06  ? 344 HOH A O   1 
HETATM 952 O O   . HOH D 3 .   ? -4.456  -3.509  11.424  1.00 47.31  ? 345 HOH A O   1 
HETATM 953 O O   . HOH D 3 .   ? -2.263  -15.216 -11.327 1.00 45.76  ? 346 HOH A O   1 
HETATM 954 O O   . HOH D 3 .   ? -13.590 16.124  -12.849 1.00 53.65  ? 347 HOH A O   1 
HETATM 955 O O   . HOH D 3 .   ? -9.798  -9.844  8.773   1.00 60.11  ? 348 HOH A O   1 
HETATM 956 O O   . HOH D 3 .   ? 7.335   10.252  9.049   1.00 55.96  ? 349 HOH A O   1 
HETATM 957 O O   . HOH D 3 .   ? 3.764   -1.058  -11.119 1.00 68.86  ? 350 HOH A O   1 
HETATM 958 O O   . HOH D 3 .   ? -7.400  -4.310  12.409  1.00 59.38  ? 351 HOH A O   1 
HETATM 959 O O   . HOH D 3 .   ? 6.391   -3.123  -8.185  1.00 55.44  ? 352 HOH A O   1 
HETATM 960 O O   . HOH D 3 .   ? 2.702   -19.090 1.496   1.00 55.79  ? 353 HOH A O   1 
HETATM 961 O O   . HOH D 3 .   ? 5.666   14.485  8.214   1.00 49.35  ? 354 HOH A O   1 
HETATM 962 O O   . HOH D 3 .   ? -15.882 14.208  -13.548 1.00 62.26  ? 355 HOH A O   1 
HETATM 963 O O   . HOH D 3 .   ? -4.823  15.089  3.732   1.00 53.99  ? 356 HOH A O   1 
HETATM 964 O O   . HOH D 3 .   ? 2.914   -12.622 0.127   1.00 53.27  ? 357 HOH A O   1 
HETATM 965 O O   . HOH D 3 .   ? 1.165   -16.922 -7.187  1.00 58.73  ? 358 HOH A O   1 
HETATM 966 O O   . HOH D 3 .   ? 10.423  5.174   -8.227  1.00 56.90  ? 359 HOH A O   1 
HETATM 967 O O   . HOH D 3 .   ? -9.961  23.180  -10.901 1.00 58.56  ? 360 HOH A O   1 
HETATM 968 O O   . HOH D 3 .   ? -4.507  21.120  -18.944 1.00 66.96  ? 361 HOH A O   1 
HETATM 969 O O   . HOH D 3 .   ? -17.707 22.814  -9.152  1.00 68.14  ? 362 HOH A O   1 
HETATM 970 O O   . HOH D 3 .   ? -14.230 1.729   5.608   1.00 63.15  ? 363 HOH A O   1 
HETATM 971 O O   . HOH D 3 .   ? -6.785  9.407   10.093  1.00 63.05  ? 364 HOH A O   1 
# 
loop_
_pdbx_poly_seq_scheme.asym_id 
_pdbx_poly_seq_scheme.entity_id 
_pdbx_poly_seq_scheme.seq_id 
_pdbx_poly_seq_scheme.mon_id 
_pdbx_poly_seq_scheme.ndb_seq_num 
_pdbx_poly_seq_scheme.pdb_seq_num 
_pdbx_poly_seq_scheme.auth_seq_num 
_pdbx_poly_seq_scheme.pdb_mon_id 
_pdbx_poly_seq_scheme.auth_mon_id 
_pdbx_poly_seq_scheme.pdb_strand_id 
_pdbx_poly_seq_scheme.pdb_ins_code 
_pdbx_poly_seq_scheme.hetero 
A 1 1   GLY 1   -2  ?   ?   ?   A . n 
A 1 2   SER 2   -1  ?   ?   ?   A . n 
A 1 3   HIS 3   0   ?   ?   ?   A . n 
A 1 4   MET 4   1   ?   ?   ?   A . n 
A 1 5   SER 5   2   ?   ?   ?   A . n 
A 1 6   ARG 6   3   ?   ?   ?   A . n 
A 1 7   MET 7   4   ?   ?   ?   A . n 
A 1 8   ASP 8   5   5   ASP ASP A . n 
A 1 9   ASP 9   6   6   ASP ASP A . n 
A 1 10  LYS 10  7   7   LYS LYS A . n 
A 1 11  ARG 11  8   8   ARG ARG A . n 
A 1 12  PHE 12  9   9   PHE PHE A . n 
A 1 13  ASN 13  10  10  ASN ASN A . n 
A 1 14  CYS 14  11  11  CYS CYS A . n 
A 1 15  GLU 15  12  12  GLU GLU A . n 
A 1 16  ALA 16  13  13  ALA ALA A . n 
A 1 17  GLU 17  14  14  GLU GLU A . n 
A 1 18  LEU 18  15  15  LEU LEU A . n 
A 1 19  THR 19  16  16  THR THR A . n 
A 1 20  LEU 20  17  17  LEU LEU A . n 
A 1 21  ALA 21  18  18  ALA ALA A . n 
A 1 22  VAL 22  19  19  VAL VAL A . n 
A 1 23  ILE 23  20  20  ILE ILE A . n 
A 1 24  GLY 24  21  21  GLY GLY A . n 
A 1 25  GLY 25  22  22  GLY GLY A . n 
A 1 26  LYS 26  23  23  LYS LYS A . n 
A 1 27  TRP 27  24  24  TRP TRP A . n 
A 1 28  LYS 28  25  25  LYS LYS A . n 
A 1 29  MET 29  26  26  MET MET A . n 
A 1 30  LEU 30  27  27  LEU LEU A . n 
A 1 31  ILE 31  28  28  ILE ILE A . n 
A 1 32  LEU 32  29  29  LEU LEU A . n 
A 1 33  TRP 33  30  30  TRP TRP A . n 
A 1 34  HIS 34  31  31  HIS HIS A . n 
A 1 35  LEU 35  32  32  LEU LEU A . n 
A 1 36  GLY 36  33  33  GLY GLY A . n 
A 1 37  LYS 37  34  34  LYS LYS A . n 
A 1 38  GLU 38  35  35  GLU GLU A . n 
A 1 39  GLY 39  36  36  GLY GLY A . n 
A 1 40  THR 40  37  37  THR THR A . n 
A 1 41  LYS 41  38  38  LYS LYS A . n 
A 1 42  ARG 42  39  39  ARG ARG A . n 
A 1 43  PHE 43  40  40  PHE PHE A . n 
A 1 44  ASN 44  41  41  ASN ASN A . n 
A 1 45  GLU 45  42  42  GLU GLU A . n 
A 1 46  LEU 46  43  43  LEU LEU A . n 
A 1 47  LYS 47  44  44  LYS LYS A . n 
A 1 48  THR 48  45  45  THR THR A . n 
A 1 49  LEU 49  46  46  LEU LEU A . n 
A 1 50  ILE 50  47  47  ILE ILE A . n 
A 1 51  PRO 51  48  48  PRO PRO A . n 
A 1 52  ASP 52  49  49  ASP ASP A . n 
A 1 53  ILE 53  50  50  ILE ILE A . n 
A 1 54  THR 54  51  51  THR THR A . n 
A 1 55  GLN 55  52  52  GLN GLN A . n 
A 1 56  LYS 56  53  53  LYS LYS A . n 
A 1 57  ILE 57  54  54  ILE ILE A . n 
A 1 58  LEU 58  55  55  LEU LEU A . n 
A 1 59  VAL 59  56  56  VAL VAL A . n 
A 1 60  ASN 60  57  57  ASN ASN A . n 
A 1 61  GLN 61  58  58  GLN GLN A . n 
A 1 62  LEU 62  59  59  LEU LEU A . n 
A 1 63  ARG 63  60  60  ARG ARG A . n 
A 1 64  GLU 64  61  61  GLU GLU A . n 
A 1 65  LEU 65  62  62  LEU LEU A . n 
A 1 66  GLU 66  63  63  GLU GLU A . n 
A 1 67  GLN 67  64  64  GLN GLN A . n 
A 1 68  ASP 68  65  65  ASP ASP A . n 
A 1 69  MET 69  66  66  MET MET A . n 
A 1 70  ILE 70  67  67  ILE ILE A . n 
A 1 71  VAL 71  68  68  VAL VAL A . n 
A 1 72  HIS 72  69  69  HIS HIS A . n 
A 1 73  ARG 73  70  70  ARG ARG A . n 
A 1 74  GLU 74  71  71  GLU GLU A . n 
A 1 75  VAL 75  72  72  VAL VAL A . n 
A 1 76  TYR 76  73  73  TYR TYR A . n 
A 1 77  PRO 77  74  74  PRO PRO A . n 
A 1 78  VAL 78  75  75  VAL VAL A . n 
A 1 79  VAL 79  76  76  VAL VAL A . n 
A 1 80  PRO 80  77  77  PRO PRO A . n 
A 1 81  PRO 81  78  78  PRO PRO A . n 
A 1 82  LYS 82  79  79  LYS LYS A . n 
A 1 83  VAL 83  80  80  VAL VAL A . n 
A 1 84  GLU 84  81  81  GLU GLU A . n 
A 1 85  TYR 85  82  82  TYR TYR A . n 
A 1 86  SER 86  83  83  SER SER A . n 
A 1 87  LEU 87  84  84  LEU LEU A . n 
A 1 88  THR 88  85  85  THR THR A . n 
A 1 89  PRO 89  86  86  PRO PRO A . n 
A 1 90  HIS 90  87  87  HIS HIS A . n 
A 1 91  GLY 91  88  88  GLY GLY A . n 
A 1 92  GLU 92  89  89  GLU GLU A . n 
A 1 93  SER 93  90  90  SER SER A . n 
A 1 94  LEU 94  91  91  LEU LEU A . n 
A 1 95  MET 95  92  92  MET MET A . n 
A 1 96  PRO 96  93  93  PRO PRO A . n 
A 1 97  ILE 97  94  94  ILE ILE A . n 
A 1 98  LEU 98  95  95  LEU LEU A . n 
A 1 99  GLU 99  96  96  GLU GLU A . n 
A 1 100 ALA 100 97  97  ALA ALA A . n 
A 1 101 MET 101 98  98  MET MET A . n 
A 1 102 TYR 102 99  99  TYR TYR A . n 
A 1 103 GLU 103 100 100 GLU GLU A . n 
A 1 104 TRP 104 101 101 TRP TRP A . n 
A 1 105 GLY 105 102 102 GLY GLY A . n 
A 1 106 LYS 106 103 103 LYS LYS A . n 
A 1 107 GLY 107 104 104 GLY GLY A . n 
A 1 108 TYR 108 105 105 TYR TYR A . n 
A 1 109 MET 109 106 106 MET MET A . n 
A 1 110 GLU 110 107 107 GLU GLU A . n 
A 1 111 LEU 111 108 108 LEU LEU A . n 
A 1 112 ILE 112 109 109 ILE ILE A . n 
A 1 113 ASP 113 110 110 ASP ASP A . n 
A 1 114 ILE 114 111 111 ILE ILE A . n 
A 1 115 ASP 115 112 112 ASP ASP A . n 
A 1 116 LYS 116 113 ?   ?   ?   A . n 
A 1 117 ASN 117 114 ?   ?   ?   A . n 
A 1 118 VAL 118 115 ?   ?   ?   A . n 
A 1 119 MET 119 116 ?   ?   ?   A . n 
A 1 120 LYS 120 117 ?   ?   ?   A . n 
A 1 121 GLU 121 118 ?   ?   ?   A . n 
A 1 122 SER 122 119 ?   ?   ?   A . n 
A 1 123 LEU 123 120 ?   ?   ?   A . n 
# 
loop_
_pdbx_nonpoly_scheme.asym_id 
_pdbx_nonpoly_scheme.entity_id 
_pdbx_nonpoly_scheme.mon_id 
_pdbx_nonpoly_scheme.ndb_seq_num 
_pdbx_nonpoly_scheme.pdb_seq_num 
_pdbx_nonpoly_scheme.auth_seq_num 
_pdbx_nonpoly_scheme.pdb_mon_id 
_pdbx_nonpoly_scheme.auth_mon_id 
_pdbx_nonpoly_scheme.pdb_strand_id 
_pdbx_nonpoly_scheme.pdb_ins_code 
B 2 PEG 1  201 201 PEG PEG A . 
C 2 PEG 1  202 202 PEG PEG A . 
D 3 HOH 1  301 301 HOH HOH A . 
D 3 HOH 2  302 302 HOH HOH A . 
D 3 HOH 3  303 303 HOH HOH A . 
D 3 HOH 4  304 304 HOH HOH A . 
D 3 HOH 5  305 305 HOH HOH A . 
D 3 HOH 6  306 306 HOH HOH A . 
D 3 HOH 7  307 307 HOH HOH A . 
D 3 HOH 8  308 308 HOH HOH A . 
D 3 HOH 9  309 309 HOH HOH A . 
D 3 HOH 10 310 310 HOH HOH A . 
D 3 HOH 11 311 311 HOH HOH A . 
D 3 HOH 12 312 312 HOH HOH A . 
D 3 HOH 13 313 313 HOH HOH A . 
D 3 HOH 14 314 314 HOH HOH A . 
D 3 HOH 15 315 315 HOH HOH A . 
D 3 HOH 16 316 316 HOH HOH A . 
D 3 HOH 17 317 317 HOH HOH A . 
D 3 HOH 18 318 318 HOH HOH A . 
D 3 HOH 19 319 319 HOH HOH A . 
D 3 HOH 20 320 320 HOH HOH A . 
D 3 HOH 21 321 321 HOH HOH A . 
D 3 HOH 22 322 322 HOH HOH A . 
D 3 HOH 23 323 323 HOH HOH A . 
D 3 HOH 24 324 324 HOH HOH A . 
D 3 HOH 25 325 325 HOH HOH A . 
D 3 HOH 26 326 326 HOH HOH A . 
D 3 HOH 27 327 327 HOH HOH A . 
D 3 HOH 28 328 328 HOH HOH A . 
D 3 HOH 29 329 329 HOH HOH A . 
D 3 HOH 30 330 330 HOH HOH A . 
D 3 HOH 31 331 331 HOH HOH A . 
D 3 HOH 32 332 332 HOH HOH A . 
D 3 HOH 33 333 333 HOH HOH A . 
D 3 HOH 34 334 334 HOH HOH A . 
D 3 HOH 35 335 335 HOH HOH A . 
D 3 HOH 36 336 336 HOH HOH A . 
D 3 HOH 37 337 337 HOH HOH A . 
D 3 HOH 38 338 338 HOH HOH A . 
D 3 HOH 39 339 339 HOH HOH A . 
D 3 HOH 40 340 340 HOH HOH A . 
D 3 HOH 41 341 341 HOH HOH A . 
D 3 HOH 42 342 342 HOH HOH A . 
D 3 HOH 43 343 343 HOH HOH A . 
D 3 HOH 44 344 344 HOH HOH A . 
D 3 HOH 45 345 345 HOH HOH A . 
D 3 HOH 46 346 346 HOH HOH A . 
D 3 HOH 47 347 347 HOH HOH A . 
D 3 HOH 48 348 348 HOH HOH A . 
D 3 HOH 49 349 349 HOH HOH A . 
D 3 HOH 50 350 350 HOH HOH A . 
D 3 HOH 51 351 351 HOH HOH A . 
D 3 HOH 52 352 352 HOH HOH A . 
D 3 HOH 53 353 353 HOH HOH A . 
D 3 HOH 54 354 354 HOH HOH A . 
D 3 HOH 55 355 355 HOH HOH A . 
D 3 HOH 56 356 356 HOH HOH A . 
D 3 HOH 57 357 357 HOH HOH A . 
D 3 HOH 58 358 358 HOH HOH A . 
D 3 HOH 59 359 359 HOH HOH A . 
D 3 HOH 60 360 360 HOH HOH A . 
D 3 HOH 61 361 361 HOH HOH A . 
D 3 HOH 62 362 362 HOH HOH A . 
D 3 HOH 63 363 363 HOH HOH A . 
D 3 HOH 64 364 364 HOH HOH A . 
# 
_pdbx_struct_assembly.id                   1 
_pdbx_struct_assembly.details              author_and_software_defined_assembly 
_pdbx_struct_assembly.method_details       PISA 
_pdbx_struct_assembly.oligomeric_details   dimeric 
_pdbx_struct_assembly.oligomeric_count     2 
# 
_pdbx_struct_assembly_gen.assembly_id       1 
_pdbx_struct_assembly_gen.oper_expression   1,2 
_pdbx_struct_assembly_gen.asym_id_list      A,B,C,D 
# 
loop_
_pdbx_struct_assembly_prop.biol_id 
_pdbx_struct_assembly_prop.type 
_pdbx_struct_assembly_prop.value 
_pdbx_struct_assembly_prop.details 
1 'ABSA (A^2)' 5030  ? 
1 MORE         -25   ? 
1 'SSA (A^2)'  11530 ? 
# 
loop_
_pdbx_struct_oper_list.id 
_pdbx_struct_oper_list.type 
_pdbx_struct_oper_list.name 
_pdbx_struct_oper_list.symmetry_operation 
_pdbx_struct_oper_list.matrix[1][1] 
_pdbx_struct_oper_list.matrix[1][2] 
_pdbx_struct_oper_list.matrix[1][3] 
_pdbx_struct_oper_list.vector[1] 
_pdbx_struct_oper_list.matrix[2][1] 
_pdbx_struct_oper_list.matrix[2][2] 
_pdbx_struct_oper_list.matrix[2][3] 
_pdbx_struct_oper_list.vector[2] 
_pdbx_struct_oper_list.matrix[3][1] 
_pdbx_struct_oper_list.matrix[3][2] 
_pdbx_struct_oper_list.matrix[3][3] 
_pdbx_struct_oper_list.vector[3] 
1 'identity operation'         1_555 x,y,z   1.0000000000  0.0000000000  0.0000000000  0.0000000000 0.0000000000  1.0000000000  0.0000000000 0.0000000000  0.0000000000  0.0000000000 1.0000000000 0.0000000000  
2 'crystal symmetry operation' 2_555 -x,-y,z -0.7735305207 -0.3396214531 -0.5350773797 9.6870301872 -0.3396214531 -0.4906919391 0.8024205191 19.7982368644 -0.5350773797 0.8024205191 0.2642224597 -8.4662321025 
# 
loop_
_pdbx_audit_revision_history.ordinal 
_pdbx_audit_revision_history.data_content_type 
_pdbx_audit_revision_history.major_revision 
_pdbx_audit_revision_history.minor_revision 
_pdbx_audit_revision_history.revision_date 
1 'Structure model' 1 0 2021-02-03 
2 'Structure model' 1 1 2023-11-29 
# 
_pdbx_audit_revision_details.ordinal             1 
_pdbx_audit_revision_details.revision_ordinal    1 
_pdbx_audit_revision_details.data_content_type   'Structure model' 
_pdbx_audit_revision_details.provider            repository 
_pdbx_audit_revision_details.type                'Initial release' 
_pdbx_audit_revision_details.description         ? 
_pdbx_audit_revision_details.details             ? 
# 
loop_
_pdbx_audit_revision_group.ordinal 
_pdbx_audit_revision_group.revision_ordinal 
_pdbx_audit_revision_group.data_content_type 
_pdbx_audit_revision_group.group 
1 2 'Structure model' 'Data collection'        
2 2 'Structure model' 'Database references'    
3 2 'Structure model' 'Refinement description' 
# 
loop_
_pdbx_audit_revision_category.ordinal 
_pdbx_audit_revision_category.revision_ordinal 
_pdbx_audit_revision_category.data_content_type 
_pdbx_audit_revision_category.category 
1 2 'Structure model' chem_comp_atom                
2 2 'Structure model' chem_comp_bond                
3 2 'Structure model' database_2                    
4 2 'Structure model' pdbx_initial_refinement_model 
# 
loop_
_pdbx_audit_revision_item.ordinal 
_pdbx_audit_revision_item.revision_ordinal 
_pdbx_audit_revision_item.data_content_type 
_pdbx_audit_revision_item.item 
1 2 'Structure model' '_database_2.pdbx_DOI'                
2 2 'Structure model' '_database_2.pdbx_database_accession' 
# 
loop_
_software.citation_id 
_software.classification 
_software.compiler_name 
_software.compiler_version 
_software.contact_author 
_software.contact_author_email 
_software.date 
_software.description 
_software.dependencies 
_software.hardware 
_software.language 
_software.location 
_software.mods 
_software.name 
_software.os 
_software.os_version 
_software.type 
_software.version 
_software.pdbx_ordinal 
? refinement       ? ? ? ? ? ? ? ? ? ? ? PHENIX   ? ? ? '(1.14_3260: ???)' 1 
? 'data reduction' ? ? ? ? ? ? ? ? ? ? ? HKL-2000 ? ? ? .                  2 
? 'data scaling'   ? ? ? ? ? ? ? ? ? ? ? HKL-2000 ? ? ? .                  3 
? phasing          ? ? ? ? ? ? ? ? ? ? ? PHASER   ? ? ? .                  4 
# 
_pdbx_entry_details.entry_id                 7BZE 
_pdbx_entry_details.has_ligand_of_interest   N 
_pdbx_entry_details.compound_details         ? 
_pdbx_entry_details.source_details           ? 
_pdbx_entry_details.nonpolymer_details       ? 
_pdbx_entry_details.sequence_details         ? 
# 
loop_
_pdbx_unobs_or_zero_occ_residues.id 
_pdbx_unobs_or_zero_occ_residues.PDB_model_num 
_pdbx_unobs_or_zero_occ_residues.polymer_flag 
_pdbx_unobs_or_zero_occ_residues.occupancy_flag 
_pdbx_unobs_or_zero_occ_residues.auth_asym_id 
_pdbx_unobs_or_zero_occ_residues.auth_comp_id 
_pdbx_unobs_or_zero_occ_residues.auth_seq_id 
_pdbx_unobs_or_zero_occ_residues.PDB_ins_code 
_pdbx_unobs_or_zero_occ_residues.label_asym_id 
_pdbx_unobs_or_zero_occ_residues.label_comp_id 
_pdbx_unobs_or_zero_occ_residues.label_seq_id 
1  1 Y 1 A GLY -2  ? A GLY 1   
2  1 Y 1 A SER -1  ? A SER 2   
3  1 Y 1 A HIS 0   ? A HIS 3   
4  1 Y 1 A MET 1   ? A MET 4   
5  1 Y 1 A SER 2   ? A SER 5   
6  1 Y 1 A ARG 3   ? A ARG 6   
7  1 Y 1 A MET 4   ? A MET 7   
8  1 Y 1 A LYS 113 ? A LYS 116 
9  1 Y 1 A ASN 114 ? A ASN 117 
10 1 Y 1 A VAL 115 ? A VAL 118 
11 1 Y 1 A MET 116 ? A MET 119 
12 1 Y 1 A LYS 117 ? A LYS 120 
13 1 Y 1 A GLU 118 ? A GLU 121 
14 1 Y 1 A SER 119 ? A SER 122 
15 1 Y 1 A LEU 120 ? A LEU 123 
# 
loop_
_chem_comp_atom.comp_id 
_chem_comp_atom.atom_id 
_chem_comp_atom.type_symbol 
_chem_comp_atom.pdbx_aromatic_flag 
_chem_comp_atom.pdbx_stereo_config 
_chem_comp_atom.pdbx_ordinal 
ALA N    N N N 1   
ALA CA   C N S 2   
ALA C    C N N 3   
ALA O    O N N 4   
ALA CB   C N N 5   
ALA OXT  O N N 6   
ALA H    H N N 7   
ALA H2   H N N 8   
ALA HA   H N N 9   
ALA HB1  H N N 10  
ALA HB2  H N N 11  
ALA HB3  H N N 12  
ALA HXT  H N N 13  
ARG N    N N N 14  
ARG CA   C N S 15  
ARG C    C N N 16  
ARG O    O N N 17  
ARG CB   C N N 18  
ARG CG   C N N 19  
ARG CD   C N N 20  
ARG NE   N N N 21  
ARG CZ   C N N 22  
ARG NH1  N N N 23  
ARG NH2  N N N 24  
ARG OXT  O N N 25  
ARG H    H N N 26  
ARG H2   H N N 27  
ARG HA   H N N 28  
ARG HB2  H N N 29  
ARG HB3  H N N 30  
ARG HG2  H N N 31  
ARG HG3  H N N 32  
ARG HD2  H N N 33  
ARG HD3  H N N 34  
ARG HE   H N N 35  
ARG HH11 H N N 36  
ARG HH12 H N N 37  
ARG HH21 H N N 38  
ARG HH22 H N N 39  
ARG HXT  H N N 40  
ASN N    N N N 41  
ASN CA   C N S 42  
ASN C    C N N 43  
ASN O    O N N 44  
ASN CB   C N N 45  
ASN CG   C N N 46  
ASN OD1  O N N 47  
ASN ND2  N N N 48  
ASN OXT  O N N 49  
ASN H    H N N 50  
ASN H2   H N N 51  
ASN HA   H N N 52  
ASN HB2  H N N 53  
ASN HB3  H N N 54  
ASN HD21 H N N 55  
ASN HD22 H N N 56  
ASN HXT  H N N 57  
ASP N    N N N 58  
ASP CA   C N S 59  
ASP C    C N N 60  
ASP O    O N N 61  
ASP CB   C N N 62  
ASP CG   C N N 63  
ASP OD1  O N N 64  
ASP OD2  O N N 65  
ASP OXT  O N N 66  
ASP H    H N N 67  
ASP H2   H N N 68  
ASP HA   H N N 69  
ASP HB2  H N N 70  
ASP HB3  H N N 71  
ASP HD2  H N N 72  
ASP HXT  H N N 73  
CYS N    N N N 74  
CYS CA   C N R 75  
CYS C    C N N 76  
CYS O    O N N 77  
CYS CB   C N N 78  
CYS SG   S N N 79  
CYS OXT  O N N 80  
CYS H    H N N 81  
CYS H2   H N N 82  
CYS HA   H N N 83  
CYS HB2  H N N 84  
CYS HB3  H N N 85  
CYS HG   H N N 86  
CYS HXT  H N N 87  
GLN N    N N N 88  
GLN CA   C N S 89  
GLN C    C N N 90  
GLN O    O N N 91  
GLN CB   C N N 92  
GLN CG   C N N 93  
GLN CD   C N N 94  
GLN OE1  O N N 95  
GLN NE2  N N N 96  
GLN OXT  O N N 97  
GLN H    H N N 98  
GLN H2   H N N 99  
GLN HA   H N N 100 
GLN HB2  H N N 101 
GLN HB3  H N N 102 
GLN HG2  H N N 103 
GLN HG3  H N N 104 
GLN HE21 H N N 105 
GLN HE22 H N N 106 
GLN HXT  H N N 107 
GLU N    N N N 108 
GLU CA   C N S 109 
GLU C    C N N 110 
GLU O    O N N 111 
GLU CB   C N N 112 
GLU CG   C N N 113 
GLU CD   C N N 114 
GLU OE1  O N N 115 
GLU OE2  O N N 116 
GLU OXT  O N N 117 
GLU H    H N N 118 
GLU H2   H N N 119 
GLU HA   H N N 120 
GLU HB2  H N N 121 
GLU HB3  H N N 122 
GLU HG2  H N N 123 
GLU HG3  H N N 124 
GLU HE2  H N N 125 
GLU HXT  H N N 126 
GLY N    N N N 127 
GLY CA   C N N 128 
GLY C    C N N 129 
GLY O    O N N 130 
GLY OXT  O N N 131 
GLY H    H N N 132 
GLY H2   H N N 133 
GLY HA2  H N N 134 
GLY HA3  H N N 135 
GLY HXT  H N N 136 
HIS N    N N N 137 
HIS CA   C N S 138 
HIS C    C N N 139 
HIS O    O N N 140 
HIS CB   C N N 141 
HIS CG   C Y N 142 
HIS ND1  N Y N 143 
HIS CD2  C Y N 144 
HIS CE1  C Y N 145 
HIS NE2  N Y N 146 
HIS OXT  O N N 147 
HIS H    H N N 148 
HIS H2   H N N 149 
HIS HA   H N N 150 
HIS HB2  H N N 151 
HIS HB3  H N N 152 
HIS HD1  H N N 153 
HIS HD2  H N N 154 
HIS HE1  H N N 155 
HIS HE2  H N N 156 
HIS HXT  H N N 157 
HOH O    O N N 158 
HOH H1   H N N 159 
HOH H2   H N N 160 
ILE N    N N N 161 
ILE CA   C N S 162 
ILE C    C N N 163 
ILE O    O N N 164 
ILE CB   C N S 165 
ILE CG1  C N N 166 
ILE CG2  C N N 167 
ILE CD1  C N N 168 
ILE OXT  O N N 169 
ILE H    H N N 170 
ILE H2   H N N 171 
ILE HA   H N N 172 
ILE HB   H N N 173 
ILE HG12 H N N 174 
ILE HG13 H N N 175 
ILE HG21 H N N 176 
ILE HG22 H N N 177 
ILE HG23 H N N 178 
ILE HD11 H N N 179 
ILE HD12 H N N 180 
ILE HD13 H N N 181 
ILE HXT  H N N 182 
LEU N    N N N 183 
LEU CA   C N S 184 
LEU C    C N N 185 
LEU O    O N N 186 
LEU CB   C N N 187 
LEU CG   C N N 188 
LEU CD1  C N N 189 
LEU CD2  C N N 190 
LEU OXT  O N N 191 
LEU H    H N N 192 
LEU H2   H N N 193 
LEU HA   H N N 194 
LEU HB2  H N N 195 
LEU HB3  H N N 196 
LEU HG   H N N 197 
LEU HD11 H N N 198 
LEU HD12 H N N 199 
LEU HD13 H N N 200 
LEU HD21 H N N 201 
LEU HD22 H N N 202 
LEU HD23 H N N 203 
LEU HXT  H N N 204 
LYS N    N N N 205 
LYS CA   C N S 206 
LYS C    C N N 207 
LYS O    O N N 208 
LYS CB   C N N 209 
LYS CG   C N N 210 
LYS CD   C N N 211 
LYS CE   C N N 212 
LYS NZ   N N N 213 
LYS OXT  O N N 214 
LYS H    H N N 215 
LYS H2   H N N 216 
LYS HA   H N N 217 
LYS HB2  H N N 218 
LYS HB3  H N N 219 
LYS HG2  H N N 220 
LYS HG3  H N N 221 
LYS HD2  H N N 222 
LYS HD3  H N N 223 
LYS HE2  H N N 224 
LYS HE3  H N N 225 
LYS HZ1  H N N 226 
LYS HZ2  H N N 227 
LYS HZ3  H N N 228 
LYS HXT  H N N 229 
MET N    N N N 230 
MET CA   C N S 231 
MET C    C N N 232 
MET O    O N N 233 
MET CB   C N N 234 
MET CG   C N N 235 
MET SD   S N N 236 
MET CE   C N N 237 
MET OXT  O N N 238 
MET H    H N N 239 
MET H2   H N N 240 
MET HA   H N N 241 
MET HB2  H N N 242 
MET HB3  H N N 243 
MET HG2  H N N 244 
MET HG3  H N N 245 
MET HE1  H N N 246 
MET HE2  H N N 247 
MET HE3  H N N 248 
MET HXT  H N N 249 
PEG C1   C N N 250 
PEG O1   O N N 251 
PEG C2   C N N 252 
PEG O2   O N N 253 
PEG C3   C N N 254 
PEG C4   C N N 255 
PEG O4   O N N 256 
PEG H11  H N N 257 
PEG H12  H N N 258 
PEG HO1  H N N 259 
PEG H21  H N N 260 
PEG H22  H N N 261 
PEG H31  H N N 262 
PEG H32  H N N 263 
PEG H41  H N N 264 
PEG H42  H N N 265 
PEG HO4  H N N 266 
PHE N    N N N 267 
PHE CA   C N S 268 
PHE C    C N N 269 
PHE O    O N N 270 
PHE CB   C N N 271 
PHE CG   C Y N 272 
PHE CD1  C Y N 273 
PHE CD2  C Y N 274 
PHE CE1  C Y N 275 
PHE CE2  C Y N 276 
PHE CZ   C Y N 277 
PHE OXT  O N N 278 
PHE H    H N N 279 
PHE H2   H N N 280 
PHE HA   H N N 281 
PHE HB2  H N N 282 
PHE HB3  H N N 283 
PHE HD1  H N N 284 
PHE HD2  H N N 285 
PHE HE1  H N N 286 
PHE HE2  H N N 287 
PHE HZ   H N N 288 
PHE HXT  H N N 289 
PRO N    N N N 290 
PRO CA   C N S 291 
PRO C    C N N 292 
PRO O    O N N 293 
PRO CB   C N N 294 
PRO CG   C N N 295 
PRO CD   C N N 296 
PRO OXT  O N N 297 
PRO H    H N N 298 
PRO HA   H N N 299 
PRO HB2  H N N 300 
PRO HB3  H N N 301 
PRO HG2  H N N 302 
PRO HG3  H N N 303 
PRO HD2  H N N 304 
PRO HD3  H N N 305 
PRO HXT  H N N 306 
SER N    N N N 307 
SER CA   C N S 308 
SER C    C N N 309 
SER O    O N N 310 
SER CB   C N N 311 
SER OG   O N N 312 
SER OXT  O N N 313 
SER H    H N N 314 
SER H2   H N N 315 
SER HA   H N N 316 
SER HB2  H N N 317 
SER HB3  H N N 318 
SER HG   H N N 319 
SER HXT  H N N 320 
THR N    N N N 321 
THR CA   C N S 322 
THR C    C N N 323 
THR O    O N N 324 
THR CB   C N R 325 
THR OG1  O N N 326 
THR CG2  C N N 327 
THR OXT  O N N 328 
THR H    H N N 329 
THR H2   H N N 330 
THR HA   H N N 331 
THR HB   H N N 332 
THR HG1  H N N 333 
THR HG21 H N N 334 
THR HG22 H N N 335 
THR HG23 H N N 336 
THR HXT  H N N 337 
TRP N    N N N 338 
TRP CA   C N S 339 
TRP C    C N N 340 
TRP O    O N N 341 
TRP CB   C N N 342 
TRP CG   C Y N 343 
TRP CD1  C Y N 344 
TRP CD2  C Y N 345 
TRP NE1  N Y N 346 
TRP CE2  C Y N 347 
TRP CE3  C Y N 348 
TRP CZ2  C Y N 349 
TRP CZ3  C Y N 350 
TRP CH2  C Y N 351 
TRP OXT  O N N 352 
TRP H    H N N 353 
TRP H2   H N N 354 
TRP HA   H N N 355 
TRP HB2  H N N 356 
TRP HB3  H N N 357 
TRP HD1  H N N 358 
TRP HE1  H N N 359 
TRP HE3  H N N 360 
TRP HZ2  H N N 361 
TRP HZ3  H N N 362 
TRP HH2  H N N 363 
TRP HXT  H N N 364 
TYR N    N N N 365 
TYR CA   C N S 366 
TYR C    C N N 367 
TYR O    O N N 368 
TYR CB   C N N 369 
TYR CG   C Y N 370 
TYR CD1  C Y N 371 
TYR CD2  C Y N 372 
TYR CE1  C Y N 373 
TYR CE2  C Y N 374 
TYR CZ   C Y N 375 
TYR OH   O N N 376 
TYR OXT  O N N 377 
TYR H    H N N 378 
TYR H2   H N N 379 
TYR HA   H N N 380 
TYR HB2  H N N 381 
TYR HB3  H N N 382 
TYR HD1  H N N 383 
TYR HD2  H N N 384 
TYR HE1  H N N 385 
TYR HE2  H N N 386 
TYR HH   H N N 387 
TYR HXT  H N N 388 
VAL N    N N N 389 
VAL CA   C N S 390 
VAL C    C N N 391 
VAL O    O N N 392 
VAL CB   C N N 393 
VAL CG1  C N N 394 
VAL CG2  C N N 395 
VAL OXT  O N N 396 
VAL H    H N N 397 
VAL H2   H N N 398 
VAL HA   H N N 399 
VAL HB   H N N 400 
VAL HG11 H N N 401 
VAL HG12 H N N 402 
VAL HG13 H N N 403 
VAL HG21 H N N 404 
VAL HG22 H N N 405 
VAL HG23 H N N 406 
VAL HXT  H N N 407 
# 
loop_
_chem_comp_bond.comp_id 
_chem_comp_bond.atom_id_1 
_chem_comp_bond.atom_id_2 
_chem_comp_bond.value_order 
_chem_comp_bond.pdbx_aromatic_flag 
_chem_comp_bond.pdbx_stereo_config 
_chem_comp_bond.pdbx_ordinal 
ALA N   CA   sing N N 1   
ALA N   H    sing N N 2   
ALA N   H2   sing N N 3   
ALA CA  C    sing N N 4   
ALA CA  CB   sing N N 5   
ALA CA  HA   sing N N 6   
ALA C   O    doub N N 7   
ALA C   OXT  sing N N 8   
ALA CB  HB1  sing N N 9   
ALA CB  HB2  sing N N 10  
ALA CB  HB3  sing N N 11  
ALA OXT HXT  sing N N 12  
ARG N   CA   sing N N 13  
ARG N   H    sing N N 14  
ARG N   H2   sing N N 15  
ARG CA  C    sing N N 16  
ARG CA  CB   sing N N 17  
ARG CA  HA   sing N N 18  
ARG C   O    doub N N 19  
ARG C   OXT  sing N N 20  
ARG CB  CG   sing N N 21  
ARG CB  HB2  sing N N 22  
ARG CB  HB3  sing N N 23  
ARG CG  CD   sing N N 24  
ARG CG  HG2  sing N N 25  
ARG CG  HG3  sing N N 26  
ARG CD  NE   sing N N 27  
ARG CD  HD2  sing N N 28  
ARG CD  HD3  sing N N 29  
ARG NE  CZ   sing N N 30  
ARG NE  HE   sing N N 31  
ARG CZ  NH1  sing N N 32  
ARG CZ  NH2  doub N N 33  
ARG NH1 HH11 sing N N 34  
ARG NH1 HH12 sing N N 35  
ARG NH2 HH21 sing N N 36  
ARG NH2 HH22 sing N N 37  
ARG OXT HXT  sing N N 38  
ASN N   CA   sing N N 39  
ASN N   H    sing N N 40  
ASN N   H2   sing N N 41  
ASN CA  C    sing N N 42  
ASN CA  CB   sing N N 43  
ASN CA  HA   sing N N 44  
ASN C   O    doub N N 45  
ASN C   OXT  sing N N 46  
ASN CB  CG   sing N N 47  
ASN CB  HB2  sing N N 48  
ASN CB  HB3  sing N N 49  
ASN CG  OD1  doub N N 50  
ASN CG  ND2  sing N N 51  
ASN ND2 HD21 sing N N 52  
ASN ND2 HD22 sing N N 53  
ASN OXT HXT  sing N N 54  
ASP N   CA   sing N N 55  
ASP N   H    sing N N 56  
ASP N   H2   sing N N 57  
ASP CA  C    sing N N 58  
ASP CA  CB   sing N N 59  
ASP CA  HA   sing N N 60  
ASP C   O    doub N N 61  
ASP C   OXT  sing N N 62  
ASP CB  CG   sing N N 63  
ASP CB  HB2  sing N N 64  
ASP CB  HB3  sing N N 65  
ASP CG  OD1  doub N N 66  
ASP CG  OD2  sing N N 67  
ASP OD2 HD2  sing N N 68  
ASP OXT HXT  sing N N 69  
CYS N   CA   sing N N 70  
CYS N   H    sing N N 71  
CYS N   H2   sing N N 72  
CYS CA  C    sing N N 73  
CYS CA  CB   sing N N 74  
CYS CA  HA   sing N N 75  
CYS C   O    doub N N 76  
CYS C   OXT  sing N N 77  
CYS CB  SG   sing N N 78  
CYS CB  HB2  sing N N 79  
CYS CB  HB3  sing N N 80  
CYS SG  HG   sing N N 81  
CYS OXT HXT  sing N N 82  
GLN N   CA   sing N N 83  
GLN N   H    sing N N 84  
GLN N   H2   sing N N 85  
GLN CA  C    sing N N 86  
GLN CA  CB   sing N N 87  
GLN CA  HA   sing N N 88  
GLN C   O    doub N N 89  
GLN C   OXT  sing N N 90  
GLN CB  CG   sing N N 91  
GLN CB  HB2  sing N N 92  
GLN CB  HB3  sing N N 93  
GLN CG  CD   sing N N 94  
GLN CG  HG2  sing N N 95  
GLN CG  HG3  sing N N 96  
GLN CD  OE1  doub N N 97  
GLN CD  NE2  sing N N 98  
GLN NE2 HE21 sing N N 99  
GLN NE2 HE22 sing N N 100 
GLN OXT HXT  sing N N 101 
GLU N   CA   sing N N 102 
GLU N   H    sing N N 103 
GLU N   H2   sing N N 104 
GLU CA  C    sing N N 105 
GLU CA  CB   sing N N 106 
GLU CA  HA   sing N N 107 
GLU C   O    doub N N 108 
GLU C   OXT  sing N N 109 
GLU CB  CG   sing N N 110 
GLU CB  HB2  sing N N 111 
GLU CB  HB3  sing N N 112 
GLU CG  CD   sing N N 113 
GLU CG  HG2  sing N N 114 
GLU CG  HG3  sing N N 115 
GLU CD  OE1  doub N N 116 
GLU CD  OE2  sing N N 117 
GLU OE2 HE2  sing N N 118 
GLU OXT HXT  sing N N 119 
GLY N   CA   sing N N 120 
GLY N   H    sing N N 121 
GLY N   H2   sing N N 122 
GLY CA  C    sing N N 123 
GLY CA  HA2  sing N N 124 
GLY CA  HA3  sing N N 125 
GLY C   O    doub N N 126 
GLY C   OXT  sing N N 127 
GLY OXT HXT  sing N N 128 
HIS N   CA   sing N N 129 
HIS N   H    sing N N 130 
HIS N   H2   sing N N 131 
HIS CA  C    sing N N 132 
HIS CA  CB   sing N N 133 
HIS CA  HA   sing N N 134 
HIS C   O    doub N N 135 
HIS C   OXT  sing N N 136 
HIS CB  CG   sing N N 137 
HIS CB  HB2  sing N N 138 
HIS CB  HB3  sing N N 139 
HIS CG  ND1  sing Y N 140 
HIS CG  CD2  doub Y N 141 
HIS ND1 CE1  doub Y N 142 
HIS ND1 HD1  sing N N 143 
HIS CD2 NE2  sing Y N 144 
HIS CD2 HD2  sing N N 145 
HIS CE1 NE2  sing Y N 146 
HIS CE1 HE1  sing N N 147 
HIS NE2 HE2  sing N N 148 
HIS OXT HXT  sing N N 149 
HOH O   H1   sing N N 150 
HOH O   H2   sing N N 151 
ILE N   CA   sing N N 152 
ILE N   H    sing N N 153 
ILE N   H2   sing N N 154 
ILE CA  C    sing N N 155 
ILE CA  CB   sing N N 156 
ILE CA  HA   sing N N 157 
ILE C   O    doub N N 158 
ILE C   OXT  sing N N 159 
ILE CB  CG1  sing N N 160 
ILE CB  CG2  sing N N 161 
ILE CB  HB   sing N N 162 
ILE CG1 CD1  sing N N 163 
ILE CG1 HG12 sing N N 164 
ILE CG1 HG13 sing N N 165 
ILE CG2 HG21 sing N N 166 
ILE CG2 HG22 sing N N 167 
ILE CG2 HG23 sing N N 168 
ILE CD1 HD11 sing N N 169 
ILE CD1 HD12 sing N N 170 
ILE CD1 HD13 sing N N 171 
ILE OXT HXT  sing N N 172 
LEU N   CA   sing N N 173 
LEU N   H    sing N N 174 
LEU N   H2   sing N N 175 
LEU CA  C    sing N N 176 
LEU CA  CB   sing N N 177 
LEU CA  HA   sing N N 178 
LEU C   O    doub N N 179 
LEU C   OXT  sing N N 180 
LEU CB  CG   sing N N 181 
LEU CB  HB2  sing N N 182 
LEU CB  HB3  sing N N 183 
LEU CG  CD1  sing N N 184 
LEU CG  CD2  sing N N 185 
LEU CG  HG   sing N N 186 
LEU CD1 HD11 sing N N 187 
LEU CD1 HD12 sing N N 188 
LEU CD1 HD13 sing N N 189 
LEU CD2 HD21 sing N N 190 
LEU CD2 HD22 sing N N 191 
LEU CD2 HD23 sing N N 192 
LEU OXT HXT  sing N N 193 
LYS N   CA   sing N N 194 
LYS N   H    sing N N 195 
LYS N   H2   sing N N 196 
LYS CA  C    sing N N 197 
LYS CA  CB   sing N N 198 
LYS CA  HA   sing N N 199 
LYS C   O    doub N N 200 
LYS C   OXT  sing N N 201 
LYS CB  CG   sing N N 202 
LYS CB  HB2  sing N N 203 
LYS CB  HB3  sing N N 204 
LYS CG  CD   sing N N 205 
LYS CG  HG2  sing N N 206 
LYS CG  HG3  sing N N 207 
LYS CD  CE   sing N N 208 
LYS CD  HD2  sing N N 209 
LYS CD  HD3  sing N N 210 
LYS CE  NZ   sing N N 211 
LYS CE  HE2  sing N N 212 
LYS CE  HE3  sing N N 213 
LYS NZ  HZ1  sing N N 214 
LYS NZ  HZ2  sing N N 215 
LYS NZ  HZ3  sing N N 216 
LYS OXT HXT  sing N N 217 
MET N   CA   sing N N 218 
MET N   H    sing N N 219 
MET N   H2   sing N N 220 
MET CA  C    sing N N 221 
MET CA  CB   sing N N 222 
MET CA  HA   sing N N 223 
MET C   O    doub N N 224 
MET C   OXT  sing N N 225 
MET CB  CG   sing N N 226 
MET CB  HB2  sing N N 227 
MET CB  HB3  sing N N 228 
MET CG  SD   sing N N 229 
MET CG  HG2  sing N N 230 
MET CG  HG3  sing N N 231 
MET SD  CE   sing N N 232 
MET CE  HE1  sing N N 233 
MET CE  HE2  sing N N 234 
MET CE  HE3  sing N N 235 
MET OXT HXT  sing N N 236 
PEG C1  O1   sing N N 237 
PEG C1  C2   sing N N 238 
PEG C1  H11  sing N N 239 
PEG C1  H12  sing N N 240 
PEG O1  HO1  sing N N 241 
PEG C2  O2   sing N N 242 
PEG C2  H21  sing N N 243 
PEG C2  H22  sing N N 244 
PEG O2  C3   sing N N 245 
PEG C3  C4   sing N N 246 
PEG C3  H31  sing N N 247 
PEG C3  H32  sing N N 248 
PEG C4  O4   sing N N 249 
PEG C4  H41  sing N N 250 
PEG C4  H42  sing N N 251 
PEG O4  HO4  sing N N 252 
PHE N   CA   sing N N 253 
PHE N   H    sing N N 254 
PHE N   H2   sing N N 255 
PHE CA  C    sing N N 256 
PHE CA  CB   sing N N 257 
PHE CA  HA   sing N N 258 
PHE C   O    doub N N 259 
PHE C   OXT  sing N N 260 
PHE CB  CG   sing N N 261 
PHE CB  HB2  sing N N 262 
PHE CB  HB3  sing N N 263 
PHE CG  CD1  doub Y N 264 
PHE CG  CD2  sing Y N 265 
PHE CD1 CE1  sing Y N 266 
PHE CD1 HD1  sing N N 267 
PHE CD2 CE2  doub Y N 268 
PHE CD2 HD2  sing N N 269 
PHE CE1 CZ   doub Y N 270 
PHE CE1 HE1  sing N N 271 
PHE CE2 CZ   sing Y N 272 
PHE CE2 HE2  sing N N 273 
PHE CZ  HZ   sing N N 274 
PHE OXT HXT  sing N N 275 
PRO N   CA   sing N N 276 
PRO N   CD   sing N N 277 
PRO N   H    sing N N 278 
PRO CA  C    sing N N 279 
PRO CA  CB   sing N N 280 
PRO CA  HA   sing N N 281 
PRO C   O    doub N N 282 
PRO C   OXT  sing N N 283 
PRO CB  CG   sing N N 284 
PRO CB  HB2  sing N N 285 
PRO CB  HB3  sing N N 286 
PRO CG  CD   sing N N 287 
PRO CG  HG2  sing N N 288 
PRO CG  HG3  sing N N 289 
PRO CD  HD2  sing N N 290 
PRO CD  HD3  sing N N 291 
PRO OXT HXT  sing N N 292 
SER N   CA   sing N N 293 
SER N   H    sing N N 294 
SER N   H2   sing N N 295 
SER CA  C    sing N N 296 
SER CA  CB   sing N N 297 
SER CA  HA   sing N N 298 
SER C   O    doub N N 299 
SER C   OXT  sing N N 300 
SER CB  OG   sing N N 301 
SER CB  HB2  sing N N 302 
SER CB  HB3  sing N N 303 
SER OG  HG   sing N N 304 
SER OXT HXT  sing N N 305 
THR N   CA   sing N N 306 
THR N   H    sing N N 307 
THR N   H2   sing N N 308 
THR CA  C    sing N N 309 
THR CA  CB   sing N N 310 
THR CA  HA   sing N N 311 
THR C   O    doub N N 312 
THR C   OXT  sing N N 313 
THR CB  OG1  sing N N 314 
THR CB  CG2  sing N N 315 
THR CB  HB   sing N N 316 
THR OG1 HG1  sing N N 317 
THR CG2 HG21 sing N N 318 
THR CG2 HG22 sing N N 319 
THR CG2 HG23 sing N N 320 
THR OXT HXT  sing N N 321 
TRP N   CA   sing N N 322 
TRP N   H    sing N N 323 
TRP N   H2   sing N N 324 
TRP CA  C    sing N N 325 
TRP CA  CB   sing N N 326 
TRP CA  HA   sing N N 327 
TRP C   O    doub N N 328 
TRP C   OXT  sing N N 329 
TRP CB  CG   sing N N 330 
TRP CB  HB2  sing N N 331 
TRP CB  HB3  sing N N 332 
TRP CG  CD1  doub Y N 333 
TRP CG  CD2  sing Y N 334 
TRP CD1 NE1  sing Y N 335 
TRP CD1 HD1  sing N N 336 
TRP CD2 CE2  doub Y N 337 
TRP CD2 CE3  sing Y N 338 
TRP NE1 CE2  sing Y N 339 
TRP NE1 HE1  sing N N 340 
TRP CE2 CZ2  sing Y N 341 
TRP CE3 CZ3  doub Y N 342 
TRP CE3 HE3  sing N N 343 
TRP CZ2 CH2  doub Y N 344 
TRP CZ2 HZ2  sing N N 345 
TRP CZ3 CH2  sing Y N 346 
TRP CZ3 HZ3  sing N N 347 
TRP CH2 HH2  sing N N 348 
TRP OXT HXT  sing N N 349 
TYR N   CA   sing N N 350 
TYR N   H    sing N N 351 
TYR N   H2   sing N N 352 
TYR CA  C    sing N N 353 
TYR CA  CB   sing N N 354 
TYR CA  HA   sing N N 355 
TYR C   O    doub N N 356 
TYR C   OXT  sing N N 357 
TYR CB  CG   sing N N 358 
TYR CB  HB2  sing N N 359 
TYR CB  HB3  sing N N 360 
TYR CG  CD1  doub Y N 361 
TYR CG  CD2  sing Y N 362 
TYR CD1 CE1  sing Y N 363 
TYR CD1 HD1  sing N N 364 
TYR CD2 CE2  doub Y N 365 
TYR CD2 HD2  sing N N 366 
TYR CE1 CZ   doub Y N 367 
TYR CE1 HE1  sing N N 368 
TYR CE2 CZ   sing Y N 369 
TYR CE2 HE2  sing N N 370 
TYR CZ  OH   sing N N 371 
TYR OH  HH   sing N N 372 
TYR OXT HXT  sing N N 373 
VAL N   CA   sing N N 374 
VAL N   H    sing N N 375 
VAL N   H2   sing N N 376 
VAL CA  C    sing N N 377 
VAL CA  CB   sing N N 378 
VAL CA  HA   sing N N 379 
VAL C   O    doub N N 380 
VAL C   OXT  sing N N 381 
VAL CB  CG1  sing N N 382 
VAL CB  CG2  sing N N 383 
VAL CB  HB   sing N N 384 
VAL CG1 HG11 sing N N 385 
VAL CG1 HG12 sing N N 386 
VAL CG1 HG13 sing N N 387 
VAL CG2 HG21 sing N N 388 
VAL CG2 HG22 sing N N 389 
VAL CG2 HG23 sing N N 390 
VAL OXT HXT  sing N N 391 
# 
loop_
_pdbx_audit_support.funding_organization 
_pdbx_audit_support.country 
_pdbx_audit_support.grant_number 
_pdbx_audit_support.ordinal 
'National Natural Science Foundation of China (NSFC)' China 21521003       1 
'National Natural Science Foundation of China (NSFC)' China 21740001       2 
'National Natural Science Foundation of China (NSFC)' China 91753000       3 
'Ministry of Science and Technology (MoST, China)'    China 2016YFA0501500 4 
# 
loop_
_pdbx_entity_nonpoly.entity_id 
_pdbx_entity_nonpoly.name 
_pdbx_entity_nonpoly.comp_id 
2 'DI(HYDROXYETHYL)ETHER' PEG 
3 water                   HOH 
# 
_pdbx_initial_refinement_model.id               1 
_pdbx_initial_refinement_model.entity_id_list   ? 
_pdbx_initial_refinement_model.type             'experimental model' 
_pdbx_initial_refinement_model.source_name      PDB 
_pdbx_initial_refinement_model.accession_code   4A5N 
_pdbx_initial_refinement_model.details          ? 
# 
_pdbx_struct_assembly_auth_evidence.id                     1 
_pdbx_struct_assembly_auth_evidence.assembly_id            1 
_pdbx_struct_assembly_auth_evidence.experimental_support   'gel filtration' 
_pdbx_struct_assembly_auth_evidence.details                'HxlR protein forms dimer in solution' 
# 
